data_2EAN
#
_entry.id   2EAN
#
_cell.length_a   1.000
_cell.length_b   1.000
_cell.length_c   1.000
_cell.angle_alpha   90.00
_cell.angle_beta   90.00
_cell.angle_gamma   90.00
#
_symmetry.space_group_name_H-M   'P 1'
#
_entity_poly.entity_id   1
_entity_poly.type   'polypeptide(L)'
_entity_poly.pdbx_seq_one_letter_code
;GSSGSSGVSKWSPSQVVDWMKGLDDCLQQYIKNFEREKISGDQLLRITHQELEDLGVSRIGHQELILEAVDLLCALNSGP
SSG
;
_entity_poly.pdbx_strand_id   A
#
# COMPACT_ATOMS: atom_id res chain seq x y z
N GLY A 1 18.38 -17.45 4.31
CA GLY A 1 17.16 -18.11 3.86
C GLY A 1 17.10 -18.25 2.35
N SER A 2 16.31 -17.39 1.72
CA SER A 2 16.15 -17.41 0.27
C SER A 2 16.72 -16.14 -0.36
N SER A 3 16.51 -15.00 0.31
CA SER A 3 17.01 -13.73 -0.17
C SER A 3 17.38 -12.80 0.98
N GLY A 4 16.40 -12.50 1.83
CA GLY A 4 16.65 -11.63 2.96
C GLY A 4 15.41 -11.43 3.82
N SER A 5 14.91 -10.20 3.85
CA SER A 5 13.74 -9.88 4.64
C SER A 5 12.66 -9.24 3.77
N SER A 6 11.60 -10.00 3.49
CA SER A 6 10.50 -9.50 2.66
C SER A 6 9.16 -9.98 3.21
N GLY A 7 8.24 -9.04 3.42
CA GLY A 7 6.93 -9.38 3.93
C GLY A 7 5.81 -8.62 3.24
N VAL A 8 5.97 -7.31 3.15
CA VAL A 8 4.97 -6.47 2.50
C VAL A 8 4.82 -6.83 1.03
N SER A 9 5.87 -7.40 0.45
CA SER A 9 5.85 -7.78 -0.95
C SER A 9 4.97 -9.01 -1.17
N LYS A 10 4.83 -9.82 -0.12
CA LYS A 10 4.01 -11.02 -0.20
C LYS A 10 2.70 -10.84 0.56
N TRP A 11 2.28 -9.58 0.71
CA TRP A 11 1.04 -9.26 1.41
C TRP A 11 -0.17 -9.64 0.57
N SER A 12 -1.07 -10.43 1.15
CA SER A 12 -2.27 -10.87 0.46
C SER A 12 -3.09 -9.68 -0.02
N PRO A 13 -3.98 -9.92 -1.00
CA PRO A 13 -4.84 -8.88 -1.56
C PRO A 13 -5.90 -8.40 -0.58
N SER A 14 -6.19 -9.24 0.42
CA SER A 14 -7.18 -8.91 1.43
C SER A 14 -6.54 -8.26 2.65
N GLN A 15 -5.27 -8.57 2.86
CA GLN A 15 -4.53 -8.02 4.00
C GLN A 15 -4.35 -6.51 3.85
N VAL A 16 -3.94 -6.09 2.65
CA VAL A 16 -3.73 -4.67 2.38
C VAL A 16 -4.94 -3.84 2.77
N VAL A 17 -6.13 -4.44 2.65
CA VAL A 17 -7.37 -3.76 3.00
C VAL A 17 -7.39 -3.39 4.48
N ASP A 18 -6.89 -4.28 5.32
CA ASP A 18 -6.84 -4.04 6.76
C ASP A 18 -5.90 -2.89 7.09
N TRP A 19 -4.88 -2.69 6.26
CA TRP A 19 -3.91 -1.62 6.47
C TRP A 19 -4.56 -0.26 6.26
N MET A 20 -5.36 -0.14 5.21
CA MET A 20 -6.04 1.12 4.90
C MET A 20 -7.00 1.50 6.01
N LYS A 21 -7.44 0.51 6.78
CA LYS A 21 -8.36 0.74 7.88
C LYS A 21 -7.68 1.53 9.00
N GLY A 22 -6.36 1.65 8.93
CA GLY A 22 -5.62 2.39 9.93
C GLY A 22 -4.93 3.61 9.36
N LEU A 23 -5.41 4.09 8.22
CA LEU A 23 -4.83 5.26 7.57
C LEU A 23 -5.79 6.44 7.61
N ASP A 24 -5.46 7.49 6.87
CA ASP A 24 -6.30 8.68 6.83
C ASP A 24 -7.74 8.32 6.49
N ASP A 25 -8.68 9.12 6.99
CA ASP A 25 -10.10 8.88 6.74
C ASP A 25 -10.44 9.08 5.27
N CYS A 26 -9.64 9.92 4.60
CA CYS A 26 -9.87 10.20 3.18
C CYS A 26 -9.53 8.99 2.32
N LEU A 27 -8.69 8.10 2.86
CA LEU A 27 -8.28 6.91 2.14
C LEU A 27 -9.16 5.72 2.53
N GLN A 28 -10.36 6.01 3.03
CA GLN A 28 -11.29 4.97 3.45
C GLN A 28 -12.22 4.60 2.31
N GLN A 29 -12.80 5.61 1.66
CA GLN A 29 -13.72 5.39 0.55
C GLN A 29 -13.05 4.55 -0.55
N TYR A 30 -11.72 4.61 -0.61
CA TYR A 30 -10.96 3.87 -1.61
C TYR A 30 -10.87 2.39 -1.23
N ILE A 31 -10.97 2.12 0.06
CA ILE A 31 -10.90 0.74 0.56
C ILE A 31 -11.88 -0.16 -0.18
N LYS A 32 -13.11 0.32 -0.33
CA LYS A 32 -14.15 -0.45 -1.04
C LYS A 32 -13.68 -0.85 -2.43
N ASN A 33 -12.78 -0.05 -3.00
CA ASN A 33 -12.25 -0.32 -4.33
C ASN A 33 -11.08 -1.29 -4.26
N PHE A 34 -10.35 -1.26 -3.15
CA PHE A 34 -9.21 -2.14 -2.96
C PHE A 34 -9.66 -3.56 -2.67
N GLU A 35 -10.85 -3.70 -2.12
CA GLU A 35 -11.39 -5.02 -1.79
C GLU A 35 -11.78 -5.77 -3.05
N ARG A 36 -12.39 -5.06 -4.00
CA ARG A 36 -12.81 -5.67 -5.25
C ARG A 36 -11.64 -5.81 -6.21
N GLU A 37 -10.69 -4.87 -6.13
CA GLU A 37 -9.52 -4.89 -6.99
C GLU A 37 -8.52 -5.94 -6.53
N LYS A 38 -8.62 -6.33 -5.26
CA LYS A 38 -7.72 -7.32 -4.68
C LYS A 38 -6.27 -6.87 -4.79
N ILE A 39 -6.03 -5.61 -4.49
CA ILE A 39 -4.68 -5.05 -4.54
C ILE A 39 -3.73 -5.82 -3.62
N SER A 40 -2.80 -6.55 -4.23
CA SER A 40 -1.83 -7.34 -3.48
C SER A 40 -0.64 -6.49 -3.08
N GLY A 41 0.10 -6.94 -2.07
CA GLY A 41 1.27 -6.20 -1.61
C GLY A 41 2.27 -5.97 -2.73
N ASP A 42 2.51 -7.00 -3.54
CA ASP A 42 3.46 -6.91 -4.64
C ASP A 42 3.14 -5.69 -5.52
N GLN A 43 1.87 -5.33 -5.58
CA GLN A 43 1.43 -4.19 -6.39
C GLN A 43 1.52 -2.90 -5.58
N LEU A 44 1.13 -2.97 -4.31
CA LEU A 44 1.17 -1.81 -3.43
C LEU A 44 2.57 -1.21 -3.36
N LEU A 45 3.55 -2.06 -3.07
CA LEU A 45 4.93 -1.63 -2.97
C LEU A 45 5.36 -0.89 -4.24
N ARG A 46 4.74 -1.24 -5.35
CA ARG A 46 5.06 -0.62 -6.63
C ARG A 46 3.87 0.18 -7.16
N ILE A 47 3.06 0.70 -6.25
CA ILE A 47 1.88 1.47 -6.63
C ILE A 47 2.29 2.84 -7.16
N THR A 48 1.66 3.24 -8.27
CA THR A 48 1.95 4.52 -8.88
C THR A 48 0.68 5.35 -9.08
N HIS A 49 0.85 6.62 -9.43
CA HIS A 49 -0.29 7.51 -9.64
C HIS A 49 -1.28 6.89 -10.62
N GLN A 50 -0.76 6.22 -11.65
CA GLN A 50 -1.60 5.58 -12.65
C GLN A 50 -2.49 4.52 -12.03
N GLU A 51 -1.91 3.71 -11.14
CA GLU A 51 -2.66 2.64 -10.48
C GLU A 51 -3.75 3.24 -9.59
N LEU A 52 -3.36 4.20 -8.75
CA LEU A 52 -4.30 4.84 -7.84
C LEU A 52 -5.50 5.41 -8.60
N GLU A 53 -5.22 6.00 -9.75
CA GLU A 53 -6.27 6.59 -10.57
C GLU A 53 -7.27 5.53 -11.02
N ASP A 54 -6.76 4.34 -11.31
CA ASP A 54 -7.60 3.22 -11.75
C ASP A 54 -8.60 2.84 -10.66
N LEU A 55 -8.12 2.72 -9.44
CA LEU A 55 -8.97 2.34 -8.30
C LEU A 55 -10.07 3.37 -8.10
N GLY A 56 -9.80 4.62 -8.49
CA GLY A 56 -10.77 5.68 -8.35
C GLY A 56 -10.19 6.94 -7.76
N VAL A 57 -9.03 6.81 -7.11
CA VAL A 57 -8.36 7.94 -6.49
C VAL A 57 -7.94 8.96 -7.55
N SER A 58 -8.80 9.95 -7.79
CA SER A 58 -8.52 10.99 -8.77
C SER A 58 -7.82 12.18 -8.12
N ARG A 59 -8.12 12.41 -6.85
CA ARG A 59 -7.52 13.52 -6.11
C ARG A 59 -6.01 13.37 -6.05
N ILE A 60 -5.33 14.46 -5.68
CA ILE A 60 -3.88 14.46 -5.59
C ILE A 60 -3.43 14.34 -4.14
N GLY A 61 -3.95 15.21 -3.28
CA GLY A 61 -3.60 15.17 -1.87
C GLY A 61 -3.85 13.82 -1.24
N HIS A 62 -4.76 13.05 -1.84
CA HIS A 62 -5.10 11.72 -1.32
C HIS A 62 -4.16 10.67 -1.91
N GLN A 63 -3.86 10.80 -3.20
CA GLN A 63 -2.98 9.85 -3.88
C GLN A 63 -1.62 9.77 -3.18
N GLU A 64 -1.15 10.90 -2.68
CA GLU A 64 0.13 10.96 -1.99
C GLU A 64 -0.02 10.53 -0.53
N LEU A 65 -1.19 10.78 0.04
CA LEU A 65 -1.46 10.42 1.43
C LEU A 65 -1.15 8.94 1.68
N ILE A 66 -1.57 8.09 0.74
CA ILE A 66 -1.34 6.66 0.86
C ILE A 66 0.12 6.32 0.64
N LEU A 67 0.72 6.93 -0.38
CA LEU A 67 2.13 6.69 -0.70
C LEU A 67 3.02 7.03 0.49
N GLU A 68 2.82 8.21 1.06
CA GLU A 68 3.60 8.65 2.21
C GLU A 68 3.59 7.60 3.31
N ALA A 69 2.50 6.84 3.38
CA ALA A 69 2.36 5.79 4.40
C ALA A 69 3.09 4.52 3.97
N VAL A 70 3.13 4.28 2.67
CA VAL A 70 3.80 3.10 2.13
C VAL A 70 5.31 3.17 2.36
N ASP A 71 5.86 4.37 2.27
CA ASP A 71 7.29 4.57 2.47
C ASP A 71 7.74 4.00 3.81
N LEU A 72 6.82 3.98 4.77
CA LEU A 72 7.11 3.46 6.10
C LEU A 72 7.08 1.94 6.11
N LEU A 73 6.25 1.37 5.25
CA LEU A 73 6.12 -0.09 5.16
C LEU A 73 7.40 -0.71 4.62
N CYS A 74 8.08 0.01 3.75
CA CYS A 74 9.32 -0.48 3.15
C CYS A 74 10.51 -0.14 4.05
N ALA A 75 10.47 1.03 4.66
CA ALA A 75 11.55 1.48 5.54
C ALA A 75 11.62 0.61 6.80
N LEU A 76 10.48 0.03 7.17
CA LEU A 76 10.42 -0.82 8.36
C LEU A 76 10.89 -2.24 8.04
N ASN A 77 10.72 -2.64 6.79
CA ASN A 77 11.14 -3.98 6.35
C ASN A 77 12.66 -4.06 6.24
N SER A 78 13.24 -3.14 5.49
CA SER A 78 14.69 -3.11 5.31
C SER A 78 15.41 -3.13 6.64
N GLY A 79 14.85 -2.44 7.63
CA GLY A 79 15.46 -2.39 8.95
C GLY A 79 15.55 -3.76 9.59
N PRO A 80 15.94 -3.79 10.87
CA PRO A 80 16.08 -5.03 11.63
C PRO A 80 14.73 -5.68 11.92
N SER A 81 14.57 -6.94 11.51
CA SER A 81 13.33 -7.67 11.72
C SER A 81 13.53 -8.79 12.73
N SER A 82 12.49 -9.08 13.51
CA SER A 82 12.54 -10.13 14.51
C SER A 82 13.58 -9.80 15.58
N GLY A 83 13.81 -10.74 16.49
CA GLY A 83 14.79 -10.53 17.55
C GLY A 83 16.09 -11.23 17.28
N GLY A 1 15.04 -9.80 -8.11
CA GLY A 1 16.34 -9.66 -7.49
C GLY A 1 16.49 -10.51 -6.24
N SER A 2 15.60 -10.32 -5.29
CA SER A 2 15.64 -11.07 -4.04
C SER A 2 14.45 -12.02 -3.94
N SER A 3 14.63 -13.11 -3.22
CA SER A 3 13.58 -14.11 -3.05
C SER A 3 13.23 -14.29 -1.57
N GLY A 4 12.08 -13.77 -1.16
CA GLY A 4 11.66 -13.89 0.22
C GLY A 4 12.47 -13.01 1.16
N SER A 5 12.44 -11.70 0.91
CA SER A 5 13.19 -10.75 1.73
C SER A 5 12.25 -9.75 2.39
N SER A 6 11.24 -9.31 1.65
CA SER A 6 10.28 -8.35 2.16
C SER A 6 8.89 -8.99 2.31
N GLY A 7 8.25 -8.73 3.44
CA GLY A 7 6.93 -9.29 3.69
C GLY A 7 5.84 -8.52 2.98
N VAL A 8 5.96 -7.20 2.97
CA VAL A 8 4.96 -6.34 2.32
C VAL A 8 4.83 -6.68 0.84
N SER A 9 5.89 -7.25 0.27
CA SER A 9 5.89 -7.62 -1.14
C SER A 9 5.01 -8.85 -1.37
N LYS A 10 4.90 -9.69 -0.36
CA LYS A 10 4.09 -10.91 -0.46
C LYS A 10 2.78 -10.74 0.30
N TRP A 11 2.36 -9.50 0.48
CA TRP A 11 1.12 -9.21 1.20
C TRP A 11 -0.09 -9.59 0.35
N SER A 12 -1.01 -10.35 0.94
CA SER A 12 -2.21 -10.78 0.24
C SER A 12 -3.04 -9.57 -0.22
N PRO A 13 -3.93 -9.81 -1.20
CA PRO A 13 -4.79 -8.75 -1.74
C PRO A 13 -5.86 -8.31 -0.74
N SER A 14 -6.13 -9.16 0.25
CA SER A 14 -7.13 -8.85 1.27
C SER A 14 -6.48 -8.21 2.49
N GLN A 15 -5.20 -8.51 2.69
CA GLN A 15 -4.46 -7.96 3.83
C GLN A 15 -4.29 -6.45 3.69
N VAL A 16 -3.90 -6.00 2.50
CA VAL A 16 -3.70 -4.58 2.24
C VAL A 16 -4.93 -3.78 2.65
N VAL A 17 -6.10 -4.35 2.45
CA VAL A 17 -7.36 -3.69 2.79
C VAL A 17 -7.42 -3.39 4.29
N ASP A 18 -6.87 -4.29 5.10
CA ASP A 18 -6.85 -4.11 6.54
C ASP A 18 -5.92 -2.99 6.95
N TRP A 19 -4.92 -2.72 6.13
CA TRP A 19 -3.95 -1.66 6.40
C TRP A 19 -4.60 -0.29 6.26
N MET A 20 -5.39 -0.11 5.20
CA MET A 20 -6.06 1.16 4.96
C MET A 20 -7.01 1.50 6.10
N LYS A 21 -7.45 0.47 6.82
CA LYS A 21 -8.35 0.67 7.95
C LYS A 21 -7.67 1.45 9.08
N GLY A 22 -6.35 1.56 9.00
CA GLY A 22 -5.61 2.30 10.00
C GLY A 22 -4.89 3.49 9.43
N LEU A 23 -5.43 4.06 8.36
CA LEU A 23 -4.82 5.21 7.71
C LEU A 23 -5.77 6.42 7.74
N ASP A 24 -5.42 7.46 7.00
CA ASP A 24 -6.23 8.66 6.93
C ASP A 24 -7.67 8.32 6.59
N ASP A 25 -8.62 9.09 7.14
CA ASP A 25 -10.03 8.87 6.88
C ASP A 25 -10.36 9.08 5.41
N CYS A 26 -9.56 9.89 4.74
CA CYS A 26 -9.76 10.18 3.32
C CYS A 26 -9.44 8.95 2.47
N LEU A 27 -8.62 8.06 3.01
CA LEU A 27 -8.22 6.85 2.30
C LEU A 27 -9.13 5.68 2.69
N GLN A 28 -10.32 5.99 3.19
CA GLN A 28 -11.27 4.97 3.59
C GLN A 28 -12.22 4.61 2.45
N GLN A 29 -12.77 5.64 1.82
CA GLN A 29 -13.69 5.45 0.71
C GLN A 29 -13.05 4.60 -0.39
N TYR A 30 -11.73 4.64 -0.46
CA TYR A 30 -11.00 3.88 -1.47
C TYR A 30 -10.94 2.40 -1.10
N ILE A 31 -11.04 2.11 0.19
CA ILE A 31 -11.00 0.74 0.68
C ILE A 31 -12.01 -0.13 -0.06
N LYS A 32 -13.22 0.39 -0.23
CA LYS A 32 -14.28 -0.34 -0.92
C LYS A 32 -13.84 -0.73 -2.33
N ASN A 33 -12.94 0.07 -2.91
CA ASN A 33 -12.43 -0.20 -4.25
C ASN A 33 -11.28 -1.18 -4.21
N PHE A 34 -10.46 -1.08 -3.16
CA PHE A 34 -9.31 -1.96 -3.01
C PHE A 34 -9.76 -3.40 -2.68
N GLU A 35 -10.90 -3.51 -2.03
CA GLU A 35 -11.44 -4.82 -1.65
C GLU A 35 -11.83 -5.61 -2.90
N ARG A 36 -12.40 -4.92 -3.88
CA ARG A 36 -12.83 -5.56 -5.12
C ARG A 36 -11.67 -5.67 -6.10
N GLU A 37 -10.76 -4.69 -6.04
CA GLU A 37 -9.61 -4.67 -6.93
C GLU A 37 -8.57 -5.72 -6.51
N LYS A 38 -8.64 -6.14 -5.25
CA LYS A 38 -7.72 -7.13 -4.72
C LYS A 38 -6.28 -6.67 -4.85
N ILE A 39 -6.03 -5.41 -4.49
CA ILE A 39 -4.68 -4.84 -4.56
C ILE A 39 -3.70 -5.62 -3.69
N SER A 40 -2.78 -6.33 -4.33
CA SER A 40 -1.80 -7.13 -3.62
C SER A 40 -0.62 -6.26 -3.19
N GLY A 41 0.16 -6.75 -2.23
CA GLY A 41 1.31 -6.01 -1.75
C GLY A 41 2.31 -5.71 -2.85
N ASP A 42 2.59 -6.72 -3.67
CA ASP A 42 3.54 -6.57 -4.77
C ASP A 42 3.19 -5.36 -5.62
N GLN A 43 1.90 -5.03 -5.69
CA GLN A 43 1.44 -3.90 -6.48
C GLN A 43 1.44 -2.62 -5.64
N LEU A 44 1.29 -2.78 -4.33
CA LEU A 44 1.28 -1.64 -3.41
C LEU A 44 2.67 -1.06 -3.24
N LEU A 45 3.66 -1.94 -3.10
CA LEU A 45 5.04 -1.52 -2.92
C LEU A 45 5.53 -0.73 -4.13
N ARG A 46 4.96 -1.03 -5.30
CA ARG A 46 5.33 -0.34 -6.53
C ARG A 46 4.12 0.35 -7.16
N ILE A 47 3.16 0.72 -6.32
CA ILE A 47 1.95 1.39 -6.79
C ILE A 47 2.28 2.76 -7.36
N THR A 48 1.79 3.03 -8.57
CA THR A 48 2.02 4.31 -9.22
C THR A 48 0.73 5.09 -9.39
N HIS A 49 0.85 6.39 -9.67
CA HIS A 49 -0.31 7.24 -9.85
C HIS A 49 -1.28 6.65 -10.86
N GLN A 50 -0.73 5.93 -11.84
CA GLN A 50 -1.55 5.30 -12.87
C GLN A 50 -2.44 4.21 -12.29
N GLU A 51 -1.92 3.51 -11.28
CA GLU A 51 -2.67 2.44 -10.64
C GLU A 51 -3.78 3.01 -9.76
N LEU A 52 -3.43 3.95 -8.90
CA LEU A 52 -4.41 4.58 -8.02
C LEU A 52 -5.62 5.09 -8.80
N GLU A 53 -5.34 5.78 -9.90
CA GLU A 53 -6.41 6.33 -10.74
C GLU A 53 -7.41 5.24 -11.11
N ASP A 54 -6.90 4.06 -11.47
CA ASP A 54 -7.75 2.95 -11.85
C ASP A 54 -8.75 2.63 -10.75
N LEU A 55 -8.25 2.49 -9.52
CA LEU A 55 -9.10 2.19 -8.38
C LEU A 55 -10.18 3.24 -8.20
N GLY A 56 -9.88 4.47 -8.61
CA GLY A 56 -10.83 5.55 -8.49
C GLY A 56 -10.22 6.80 -7.91
N VAL A 57 -9.08 6.65 -7.24
CA VAL A 57 -8.39 7.78 -6.63
C VAL A 57 -7.96 8.79 -7.69
N SER A 58 -8.78 9.81 -7.89
CA SER A 58 -8.49 10.84 -8.87
C SER A 58 -8.11 12.15 -8.19
N ARG A 59 -7.35 12.05 -7.10
CA ARG A 59 -6.93 13.22 -6.35
C ARG A 59 -5.41 13.28 -6.24
N ILE A 60 -4.89 14.40 -5.76
CA ILE A 60 -3.45 14.58 -5.60
C ILE A 60 -3.04 14.46 -4.13
N GLY A 61 -3.78 15.15 -3.26
CA GLY A 61 -3.47 15.11 -1.85
C GLY A 61 -3.78 13.76 -1.23
N HIS A 62 -4.64 12.99 -1.88
CA HIS A 62 -5.02 11.67 -1.39
C HIS A 62 -4.04 10.61 -1.87
N GLN A 63 -3.72 10.65 -3.17
CA GLN A 63 -2.80 9.69 -3.76
C GLN A 63 -1.46 9.71 -3.04
N GLU A 64 -1.13 10.85 -2.43
CA GLU A 64 0.13 11.00 -1.71
C GLU A 64 -0.02 10.52 -0.26
N LEU A 65 -1.23 10.62 0.27
CA LEU A 65 -1.51 10.20 1.64
C LEU A 65 -1.20 8.71 1.83
N ILE A 66 -1.59 7.91 0.85
CA ILE A 66 -1.35 6.47 0.90
C ILE A 66 0.12 6.15 0.66
N LEU A 67 0.70 6.73 -0.38
CA LEU A 67 2.09 6.50 -0.72
C LEU A 67 3.01 6.91 0.43
N GLU A 68 2.76 8.11 0.97
CA GLU A 68 3.56 8.61 2.09
C GLU A 68 3.62 7.60 3.22
N ALA A 69 2.55 6.81 3.35
CA ALA A 69 2.48 5.79 4.40
C ALA A 69 3.22 4.52 3.98
N VAL A 70 3.24 4.25 2.68
CA VAL A 70 3.91 3.06 2.16
C VAL A 70 5.42 3.16 2.36
N ASP A 71 5.96 4.35 2.18
CA ASP A 71 7.40 4.57 2.35
C ASP A 71 7.87 4.07 3.71
N LEU A 72 6.98 4.12 4.69
CA LEU A 72 7.31 3.67 6.04
C LEU A 72 7.20 2.15 6.15
N LEU A 73 6.32 1.56 5.35
CA LEU A 73 6.13 0.12 5.35
C LEU A 73 7.40 -0.60 4.89
N CYS A 74 8.11 0.01 3.95
CA CYS A 74 9.33 -0.58 3.43
C CYS A 74 10.52 -0.25 4.34
N ALA A 75 10.43 0.89 5.02
CA ALA A 75 11.50 1.32 5.92
C ALA A 75 11.52 0.48 7.20
N LEU A 76 10.33 0.15 7.70
CA LEU A 76 10.20 -0.65 8.90
C LEU A 76 10.63 -2.09 8.66
N ASN A 77 10.46 -2.55 7.43
CA ASN A 77 10.83 -3.91 7.06
C ASN A 77 12.27 -3.96 6.57
N SER A 78 13.11 -4.67 7.32
CA SER A 78 14.53 -4.80 6.97
C SER A 78 15.18 -3.43 6.84
N GLY A 79 14.74 -2.48 7.67
CA GLY A 79 15.29 -1.14 7.63
C GLY A 79 15.13 -0.49 6.28
N PRO A 80 15.54 0.78 6.18
CA PRO A 80 15.44 1.56 4.94
C PRO A 80 16.40 1.07 3.87
N SER A 81 17.51 0.48 4.31
CA SER A 81 18.52 -0.04 3.38
C SER A 81 19.10 1.09 2.53
N SER A 82 20.08 0.75 1.70
CA SER A 82 20.72 1.73 0.83
C SER A 82 19.84 2.05 -0.38
N GLY A 83 20.08 3.21 -0.99
CA GLY A 83 19.30 3.61 -2.14
C GLY A 83 19.32 2.57 -3.25
N GLY A 1 22.65 -6.28 1.40
CA GLY A 1 22.79 -7.07 2.62
C GLY A 1 21.45 -7.54 3.16
N SER A 2 20.47 -7.70 2.26
CA SER A 2 19.15 -8.14 2.66
C SER A 2 18.98 -9.64 2.42
N SER A 3 19.34 -10.45 3.42
CA SER A 3 19.22 -11.89 3.31
C SER A 3 17.77 -12.34 3.44
N GLY A 4 16.99 -11.59 4.21
CA GLY A 4 15.59 -11.92 4.40
C GLY A 4 14.83 -10.85 5.15
N SER A 5 14.32 -9.86 4.41
CA SER A 5 13.57 -8.77 5.03
C SER A 5 12.50 -8.25 4.07
N SER A 6 11.84 -9.18 3.37
CA SER A 6 10.79 -8.81 2.43
C SER A 6 9.45 -9.42 2.85
N GLY A 7 8.52 -8.56 3.23
CA GLY A 7 7.21 -9.02 3.65
C GLY A 7 6.08 -8.29 2.95
N VAL A 8 6.16 -6.97 2.92
CA VAL A 8 5.13 -6.15 2.27
C VAL A 8 4.99 -6.53 0.80
N SER A 9 6.05 -7.08 0.23
CA SER A 9 6.04 -7.47 -1.18
C SER A 9 5.19 -8.72 -1.38
N LYS A 10 5.09 -9.55 -0.35
CA LYS A 10 4.31 -10.77 -0.41
C LYS A 10 3.02 -10.63 0.38
N TRP A 11 2.57 -9.38 0.55
CA TRP A 11 1.33 -9.10 1.29
C TRP A 11 0.11 -9.52 0.47
N SER A 12 -0.78 -10.26 1.09
CA SER A 12 -2.00 -10.72 0.42
C SER A 12 -2.85 -9.54 -0.03
N PRO A 13 -3.76 -9.79 -0.99
CA PRO A 13 -4.64 -8.76 -1.52
C PRO A 13 -5.70 -8.32 -0.52
N SER A 14 -5.93 -9.15 0.50
CA SER A 14 -6.92 -8.84 1.53
C SER A 14 -6.25 -8.17 2.73
N GLN A 15 -4.96 -8.45 2.91
CA GLN A 15 -4.21 -7.87 4.02
C GLN A 15 -4.10 -6.37 3.88
N VAL A 16 -3.72 -5.92 2.68
CA VAL A 16 -3.58 -4.49 2.41
C VAL A 16 -4.82 -3.72 2.83
N VAL A 17 -5.99 -4.32 2.58
CA VAL A 17 -7.25 -3.69 2.94
C VAL A 17 -7.32 -3.37 4.42
N ASP A 18 -6.67 -4.20 5.23
CA ASP A 18 -6.65 -4.01 6.68
C ASP A 18 -5.74 -2.85 7.05
N TRP A 19 -4.75 -2.58 6.21
CA TRP A 19 -3.80 -1.51 6.45
C TRP A 19 -4.46 -0.14 6.29
N MET A 20 -5.25 -0.01 5.22
CA MET A 20 -5.95 1.25 4.95
C MET A 20 -6.90 1.60 6.10
N LYS A 21 -7.31 0.59 6.85
CA LYS A 21 -8.22 0.80 7.97
C LYS A 21 -7.55 1.62 9.07
N GLY A 22 -6.23 1.75 8.98
CA GLY A 22 -5.49 2.51 9.97
C GLY A 22 -4.79 3.72 9.37
N LEU A 23 -5.35 4.24 8.28
CA LEU A 23 -4.76 5.39 7.60
C LEU A 23 -5.73 6.57 7.61
N ASP A 24 -5.40 7.60 6.85
CA ASP A 24 -6.24 8.79 6.76
C ASP A 24 -7.68 8.42 6.43
N ASP A 25 -8.62 9.22 6.91
CA ASP A 25 -10.04 8.97 6.67
C ASP A 25 -10.38 9.12 5.19
N CYS A 26 -9.58 9.94 4.50
CA CYS A 26 -9.79 10.19 3.08
C CYS A 26 -9.44 8.95 2.26
N LEU A 27 -8.61 8.08 2.82
CA LEU A 27 -8.20 6.85 2.14
C LEU A 27 -9.07 5.68 2.56
N GLN A 28 -10.27 5.98 3.05
CA GLN A 28 -11.20 4.95 3.49
C GLN A 28 -12.15 4.56 2.35
N GLN A 29 -12.71 5.56 1.69
CA GLN A 29 -13.63 5.32 0.58
C GLN A 29 -12.98 4.44 -0.49
N TYR A 30 -11.66 4.49 -0.56
CA TYR A 30 -10.92 3.69 -1.54
C TYR A 30 -10.86 2.23 -1.12
N ILE A 31 -10.95 1.99 0.19
CA ILE A 31 -10.90 0.64 0.72
C ILE A 31 -11.90 -0.26 0.02
N LYS A 32 -13.12 0.24 -0.18
CA LYS A 32 -14.17 -0.52 -0.84
C LYS A 32 -13.76 -0.88 -2.27
N ASN A 33 -12.92 -0.05 -2.87
CA ASN A 33 -12.45 -0.27 -4.23
C ASN A 33 -11.26 -1.24 -4.23
N PHE A 34 -10.48 -1.22 -3.15
CA PHE A 34 -9.32 -2.09 -3.04
C PHE A 34 -9.74 -3.53 -2.74
N GLU A 35 -10.89 -3.68 -2.09
CA GLU A 35 -11.39 -5.00 -1.74
C GLU A 35 -11.78 -5.78 -2.99
N ARG A 36 -12.41 -5.09 -3.94
CA ARG A 36 -12.83 -5.73 -5.18
C ARG A 36 -11.67 -5.80 -6.18
N GLU A 37 -10.71 -4.87 -6.04
CA GLU A 37 -9.56 -4.82 -6.92
C GLU A 37 -8.54 -5.88 -6.52
N LYS A 38 -8.61 -6.33 -5.27
CA LYS A 38 -7.68 -7.34 -4.77
C LYS A 38 -6.24 -6.86 -4.89
N ILE A 39 -6.01 -5.59 -4.59
CA ILE A 39 -4.67 -5.01 -4.67
C ILE A 39 -3.72 -5.73 -3.74
N SER A 40 -2.77 -6.46 -4.31
CA SER A 40 -1.78 -7.20 -3.52
C SER A 40 -0.61 -6.31 -3.14
N GLY A 41 0.17 -6.75 -2.16
CA GLY A 41 1.30 -5.97 -1.71
C GLY A 41 2.27 -5.67 -2.83
N ASP A 42 2.55 -6.66 -3.67
CA ASP A 42 3.47 -6.49 -4.79
C ASP A 42 3.09 -5.28 -5.63
N GLN A 43 1.78 -4.97 -5.65
CA GLN A 43 1.29 -3.84 -6.42
C GLN A 43 1.31 -2.56 -5.57
N LEU A 44 1.19 -2.73 -4.27
CA LEU A 44 1.20 -1.59 -3.34
C LEU A 44 2.60 -1.01 -3.20
N LEU A 45 3.59 -1.89 -3.08
CA LEU A 45 4.97 -1.46 -2.94
C LEU A 45 5.44 -0.70 -4.17
N ARG A 46 4.85 -1.03 -5.32
CA ARG A 46 5.20 -0.36 -6.57
C ARG A 46 3.99 0.32 -7.19
N ILE A 47 3.08 0.79 -6.33
CA ILE A 47 1.88 1.47 -6.79
C ILE A 47 2.20 2.86 -7.32
N THR A 48 1.70 3.16 -8.51
CA THR A 48 1.93 4.47 -9.13
C THR A 48 0.62 5.24 -9.30
N HIS A 49 0.74 6.53 -9.58
CA HIS A 49 -0.43 7.38 -9.77
C HIS A 49 -1.38 6.78 -10.79
N GLN A 50 -0.83 6.06 -11.76
CA GLN A 50 -1.64 5.42 -12.79
C GLN A 50 -2.52 4.33 -12.21
N GLU A 51 -2.00 3.63 -11.20
CA GLU A 51 -2.74 2.56 -10.56
C GLU A 51 -3.86 3.11 -9.67
N LEU A 52 -3.49 4.08 -8.81
CA LEU A 52 -4.45 4.69 -7.91
C LEU A 52 -5.62 5.28 -8.69
N GLU A 53 -5.33 5.87 -9.85
CA GLU A 53 -6.36 6.48 -10.68
C GLU A 53 -7.34 5.42 -11.19
N ASP A 54 -6.87 4.18 -11.29
CA ASP A 54 -7.70 3.09 -11.76
C ASP A 54 -8.70 2.66 -10.68
N LEU A 55 -8.25 2.63 -9.43
CA LEU A 55 -9.10 2.25 -8.31
C LEU A 55 -10.19 3.29 -8.08
N GLY A 56 -9.87 4.55 -8.38
CA GLY A 56 -10.83 5.62 -8.19
C GLY A 56 -10.27 6.76 -7.37
N VAL A 57 -8.98 7.03 -7.55
CA VAL A 57 -8.32 8.11 -6.82
C VAL A 57 -7.78 9.17 -7.77
N SER A 58 -8.59 10.18 -8.05
CA SER A 58 -8.20 11.26 -8.95
C SER A 58 -7.51 12.38 -8.19
N ARG A 59 -7.92 12.58 -6.94
CA ARG A 59 -7.35 13.63 -6.10
C ARG A 59 -5.83 13.48 -6.00
N ILE A 60 -5.16 14.57 -5.67
CA ILE A 60 -3.71 14.55 -5.54
C ILE A 60 -3.29 14.44 -4.08
N GLY A 61 -3.99 15.16 -3.21
CA GLY A 61 -3.67 15.12 -1.79
C GLY A 61 -3.90 13.75 -1.19
N HIS A 62 -4.71 12.94 -1.85
CA HIS A 62 -5.02 11.59 -1.38
C HIS A 62 -4.00 10.58 -1.91
N GLN A 63 -3.68 10.70 -3.20
CA GLN A 63 -2.72 9.80 -3.82
C GLN A 63 -1.40 9.79 -3.06
N GLU A 64 -1.01 10.95 -2.54
CA GLU A 64 0.24 11.06 -1.79
C GLU A 64 0.05 10.59 -0.35
N LEU A 65 -1.16 10.73 0.15
CA LEU A 65 -1.48 10.31 1.52
C LEU A 65 -1.15 8.83 1.72
N ILE A 66 -1.53 8.01 0.75
CA ILE A 66 -1.27 6.57 0.82
C ILE A 66 0.19 6.26 0.58
N LEU A 67 0.73 6.75 -0.53
CA LEU A 67 2.12 6.52 -0.88
C LEU A 67 3.04 6.93 0.28
N GLU A 68 2.84 8.13 0.80
CA GLU A 68 3.64 8.63 1.90
C GLU A 68 3.66 7.64 3.05
N ALA A 69 2.58 6.88 3.19
CA ALA A 69 2.48 5.88 4.25
C ALA A 69 3.19 4.60 3.87
N VAL A 70 3.18 4.27 2.58
CA VAL A 70 3.83 3.07 2.09
C VAL A 70 5.33 3.13 2.30
N ASP A 71 5.90 4.33 2.19
CA ASP A 71 7.33 4.53 2.37
C ASP A 71 7.78 4.00 3.73
N LEU A 72 6.86 3.98 4.68
CA LEU A 72 7.17 3.50 6.03
C LEU A 72 7.07 1.98 6.10
N LEU A 73 6.12 1.42 5.35
CA LEU A 73 5.92 -0.02 5.33
C LEU A 73 7.23 -0.75 5.01
N CYS A 74 7.85 -0.38 3.90
CA CYS A 74 9.11 -0.99 3.48
C CYS A 74 10.22 -0.68 4.47
N ALA A 75 10.15 0.51 5.08
CA ALA A 75 11.15 0.93 6.05
C ALA A 75 11.11 0.06 7.30
N LEU A 76 9.91 -0.36 7.68
CA LEU A 76 9.73 -1.20 8.87
C LEU A 76 10.43 -2.54 8.68
N ASN A 77 10.22 -3.17 7.54
CA ASN A 77 10.83 -4.46 7.25
C ASN A 77 12.34 -4.40 7.45
N SER A 78 13.00 -3.55 6.68
CA SER A 78 14.45 -3.40 6.78
C SER A 78 14.82 -2.29 7.76
N GLY A 79 14.41 -2.45 9.00
CA GLY A 79 14.71 -1.45 10.01
C GLY A 79 16.01 -1.72 10.74
N PRO A 80 16.46 -0.76 11.56
CA PRO A 80 17.70 -0.87 12.33
C PRO A 80 17.59 -1.91 13.45
N SER A 81 16.38 -2.12 13.94
CA SER A 81 16.14 -3.07 15.01
C SER A 81 17.06 -2.80 16.20
N SER A 82 17.25 -1.53 16.51
CA SER A 82 18.11 -1.13 17.62
C SER A 82 17.49 0.02 18.41
N GLY A 83 16.53 -0.32 19.27
CA GLY A 83 15.88 0.70 20.08
C GLY A 83 14.99 0.09 21.15
N GLY A 1 13.35 -6.30 -5.30
CA GLY A 1 12.57 -6.38 -4.08
C GLY A 1 13.09 -7.44 -3.13
N SER A 2 13.81 -8.41 -3.67
CA SER A 2 14.35 -9.50 -2.86
C SER A 2 15.84 -9.28 -2.58
N SER A 3 16.15 -8.83 -1.37
CA SER A 3 17.53 -8.58 -0.98
C SER A 3 17.81 -9.12 0.41
N GLY A 4 17.10 -10.19 0.78
CA GLY A 4 17.29 -10.79 2.08
C GLY A 4 15.98 -11.13 2.76
N SER A 5 15.15 -10.12 2.98
CA SER A 5 13.86 -10.32 3.63
C SER A 5 12.83 -9.32 3.10
N SER A 6 11.57 -9.77 3.02
CA SER A 6 10.50 -8.92 2.53
C SER A 6 9.14 -9.54 2.83
N GLY A 7 8.31 -8.82 3.57
CA GLY A 7 6.99 -9.31 3.91
C GLY A 7 5.88 -8.61 3.15
N VAL A 8 5.98 -7.28 3.04
CA VAL A 8 4.99 -6.50 2.32
C VAL A 8 4.90 -6.92 0.87
N SER A 9 5.98 -7.49 0.34
CA SER A 9 6.01 -7.94 -1.04
C SER A 9 5.14 -9.18 -1.23
N LYS A 10 4.97 -9.94 -0.15
CA LYS A 10 4.16 -11.15 -0.21
C LYS A 10 2.85 -10.96 0.55
N TRP A 11 2.43 -9.71 0.68
CA TRP A 11 1.19 -9.39 1.38
C TRP A 11 -0.03 -9.77 0.54
N SER A 12 -1.00 -10.42 1.18
CA SER A 12 -2.21 -10.85 0.49
C SER A 12 -3.01 -9.65 0.00
N PRO A 13 -3.91 -9.89 -0.97
CA PRO A 13 -4.76 -8.84 -1.54
C PRO A 13 -5.80 -8.34 -0.55
N SER A 14 -6.08 -9.15 0.47
CA SER A 14 -7.07 -8.79 1.48
C SER A 14 -6.40 -8.10 2.67
N GLN A 15 -5.13 -8.41 2.89
CA GLN A 15 -4.38 -7.84 3.99
C GLN A 15 -4.24 -6.32 3.82
N VAL A 16 -3.87 -5.90 2.60
CA VAL A 16 -3.70 -4.48 2.30
C VAL A 16 -4.94 -3.69 2.69
N VAL A 17 -6.10 -4.32 2.56
CA VAL A 17 -7.36 -3.67 2.89
C VAL A 17 -7.45 -3.36 4.38
N ASP A 18 -6.85 -4.23 5.20
CA ASP A 18 -6.86 -4.04 6.63
C ASP A 18 -5.92 -2.91 7.05
N TRP A 19 -4.92 -2.65 6.22
CA TRP A 19 -3.95 -1.59 6.50
C TRP A 19 -4.60 -0.21 6.34
N MET A 20 -5.37 -0.05 5.27
CA MET A 20 -6.04 1.21 5.00
C MET A 20 -7.00 1.57 6.12
N LYS A 21 -7.45 0.56 6.86
CA LYS A 21 -8.38 0.77 7.96
C LYS A 21 -7.72 1.57 9.07
N GLY A 22 -6.40 1.68 9.02
CA GLY A 22 -5.67 2.42 10.03
C GLY A 22 -4.94 3.62 9.46
N LEU A 23 -5.47 4.15 8.36
CA LEU A 23 -4.85 5.32 7.71
C LEU A 23 -5.81 6.50 7.70
N ASP A 24 -5.45 7.54 6.96
CA ASP A 24 -6.28 8.74 6.86
C ASP A 24 -7.72 8.38 6.50
N ASP A 25 -8.66 9.17 6.98
CA ASP A 25 -10.07 8.94 6.70
C ASP A 25 -10.37 9.12 5.21
N CYS A 26 -9.56 9.93 4.55
CA CYS A 26 -9.74 10.20 3.12
C CYS A 26 -9.39 8.96 2.29
N LEU A 27 -8.58 8.08 2.86
CA LEU A 27 -8.16 6.87 2.18
C LEU A 27 -9.06 5.69 2.57
N GLN A 28 -10.26 6.00 3.05
CA GLN A 28 -11.21 4.98 3.45
C GLN A 28 -12.13 4.61 2.29
N GLN A 29 -12.66 5.62 1.62
CA GLN A 29 -13.57 5.39 0.49
C GLN A 29 -12.91 4.52 -0.57
N TYR A 30 -11.58 4.55 -0.60
CA TYR A 30 -10.83 3.76 -1.57
C TYR A 30 -10.79 2.29 -1.16
N ILE A 31 -10.92 2.04 0.14
CA ILE A 31 -10.90 0.68 0.66
C ILE A 31 -11.89 -0.21 -0.09
N LYS A 32 -13.10 0.32 -0.30
CA LYS A 32 -14.14 -0.43 -1.00
C LYS A 32 -13.69 -0.78 -2.42
N ASN A 33 -12.83 0.05 -2.98
CA ASN A 33 -12.33 -0.17 -4.33
C ASN A 33 -11.12 -1.11 -4.32
N PHE A 34 -10.37 -1.08 -3.22
CA PHE A 34 -9.20 -1.92 -3.07
C PHE A 34 -9.59 -3.38 -2.83
N GLU A 35 -10.77 -3.57 -2.26
CA GLU A 35 -11.27 -4.92 -1.97
C GLU A 35 -11.61 -5.67 -3.26
N ARG A 36 -12.40 -5.02 -4.11
CA ARG A 36 -12.80 -5.63 -5.38
C ARG A 36 -11.61 -5.73 -6.33
N GLU A 37 -10.64 -4.83 -6.16
CA GLU A 37 -9.45 -4.82 -7.00
C GLU A 37 -8.45 -5.88 -6.55
N LYS A 38 -8.57 -6.30 -5.30
CA LYS A 38 -7.68 -7.31 -4.74
C LYS A 38 -6.22 -6.86 -4.83
N ILE A 39 -5.99 -5.58 -4.58
CA ILE A 39 -4.64 -5.03 -4.62
C ILE A 39 -3.70 -5.78 -3.68
N SER A 40 -2.77 -6.53 -4.26
CA SER A 40 -1.81 -7.29 -3.46
C SER A 40 -0.62 -6.44 -3.08
N GLY A 41 0.10 -6.86 -2.04
CA GLY A 41 1.25 -6.12 -1.58
C GLY A 41 2.24 -5.85 -2.70
N ASP A 42 2.50 -6.86 -3.53
CA ASP A 42 3.42 -6.72 -4.64
C ASP A 42 3.09 -5.51 -5.49
N GLN A 43 1.80 -5.16 -5.53
CA GLN A 43 1.34 -4.02 -6.31
C GLN A 43 1.35 -2.74 -5.47
N LEU A 44 1.02 -2.89 -4.19
CA LEU A 44 0.99 -1.75 -3.28
C LEU A 44 2.37 -1.13 -3.13
N LEU A 45 3.37 -1.98 -2.89
CA LEU A 45 4.74 -1.51 -2.74
C LEU A 45 5.21 -0.74 -3.97
N ARG A 46 4.66 -1.11 -5.13
CA ARG A 46 5.02 -0.46 -6.38
C ARG A 46 3.82 0.32 -6.95
N ILE A 47 2.96 0.79 -6.06
CA ILE A 47 1.77 1.55 -6.46
C ILE A 47 2.17 2.90 -7.04
N THR A 48 1.53 3.29 -8.13
CA THR A 48 1.80 4.57 -8.78
C THR A 48 0.52 5.35 -9.02
N HIS A 49 0.66 6.63 -9.36
CA HIS A 49 -0.48 7.49 -9.63
C HIS A 49 -1.40 6.87 -10.68
N GLN A 50 -0.79 6.21 -11.67
CA GLN A 50 -1.55 5.57 -12.73
C GLN A 50 -2.43 4.46 -12.19
N GLU A 51 -1.87 3.68 -11.26
CA GLU A 51 -2.61 2.57 -10.66
C GLU A 51 -3.70 3.08 -9.74
N LEU A 52 -3.37 4.07 -8.92
CA LEU A 52 -4.32 4.65 -7.98
C LEU A 52 -5.57 5.14 -8.71
N GLU A 53 -5.36 5.80 -9.86
CA GLU A 53 -6.46 6.32 -10.65
C GLU A 53 -7.48 5.22 -10.96
N ASP A 54 -6.96 4.07 -11.41
CA ASP A 54 -7.83 2.94 -11.76
C ASP A 54 -8.76 2.60 -10.59
N LEU A 55 -8.20 2.50 -9.40
CA LEU A 55 -8.98 2.18 -8.21
C LEU A 55 -10.06 3.23 -7.96
N GLY A 56 -9.81 4.44 -8.45
CA GLY A 56 -10.77 5.52 -8.28
C GLY A 56 -10.21 6.66 -7.45
N VAL A 57 -8.91 6.90 -7.57
CA VAL A 57 -8.25 7.97 -6.83
C VAL A 57 -7.67 9.01 -7.78
N SER A 58 -8.52 9.90 -8.29
CA SER A 58 -8.09 10.94 -9.20
C SER A 58 -7.42 12.09 -8.45
N ARG A 59 -7.87 12.32 -7.22
CA ARG A 59 -7.33 13.38 -6.39
C ARG A 59 -5.81 13.26 -6.28
N ILE A 60 -5.15 14.36 -5.92
CA ILE A 60 -3.71 14.37 -5.78
C ILE A 60 -3.30 14.24 -4.32
N GLY A 61 -3.86 15.11 -3.47
CA GLY A 61 -3.54 15.08 -2.06
C GLY A 61 -3.89 13.76 -1.41
N HIS A 62 -4.77 12.99 -2.07
CA HIS A 62 -5.19 11.70 -1.54
C HIS A 62 -4.20 10.60 -1.95
N GLN A 63 -3.68 10.71 -3.17
CA GLN A 63 -2.72 9.73 -3.67
C GLN A 63 -1.43 9.76 -2.86
N GLU A 64 -0.99 10.96 -2.50
CA GLU A 64 0.24 11.12 -1.73
C GLU A 64 0.04 10.65 -0.29
N LEU A 65 -1.19 10.77 0.21
CA LEU A 65 -1.51 10.35 1.56
C LEU A 65 -1.15 8.89 1.79
N ILE A 66 -1.59 8.04 0.86
CA ILE A 66 -1.31 6.61 0.95
C ILE A 66 0.18 6.32 0.79
N LEU A 67 0.77 6.85 -0.28
CA LEU A 67 2.19 6.66 -0.55
C LEU A 67 3.02 7.04 0.67
N GLU A 68 2.75 8.20 1.22
CA GLU A 68 3.48 8.68 2.39
C GLU A 68 3.48 7.64 3.50
N ALA A 69 2.43 6.82 3.55
CA ALA A 69 2.32 5.78 4.55
C ALA A 69 3.08 4.52 4.14
N VAL A 70 3.02 4.20 2.83
CA VAL A 70 3.71 3.04 2.31
C VAL A 70 5.22 3.16 2.49
N ASP A 71 5.73 4.38 2.36
CA ASP A 71 7.16 4.63 2.51
C ASP A 71 7.67 4.10 3.84
N LEU A 72 6.78 4.04 4.83
CA LEU A 72 7.15 3.56 6.16
C LEU A 72 7.15 2.03 6.19
N LEU A 73 6.32 1.42 5.36
CA LEU A 73 6.22 -0.03 5.30
C LEU A 73 7.51 -0.64 4.75
N CYS A 74 8.00 -0.09 3.65
CA CYS A 74 9.22 -0.56 3.03
C CYS A 74 10.44 -0.24 3.90
N ALA A 75 10.42 0.94 4.52
CA ALA A 75 11.51 1.36 5.38
C ALA A 75 11.60 0.49 6.62
N LEU A 76 10.45 0.00 7.09
CA LEU A 76 10.39 -0.84 8.27
C LEU A 76 10.80 -2.27 7.95
N ASN A 77 10.34 -2.76 6.79
CA ASN A 77 10.67 -4.11 6.35
C ASN A 77 11.90 -4.12 5.45
N SER A 78 13.07 -4.23 6.07
CA SER A 78 14.32 -4.24 5.33
C SER A 78 15.44 -4.89 6.14
N GLY A 79 15.35 -6.21 6.30
CA GLY A 79 16.35 -6.93 7.07
C GLY A 79 15.74 -7.87 8.10
N PRO A 80 16.60 -8.64 8.78
CA PRO A 80 16.15 -9.59 9.81
C PRO A 80 15.64 -8.89 11.06
N SER A 81 14.60 -9.45 11.66
CA SER A 81 14.01 -8.87 12.87
C SER A 81 13.28 -9.94 13.67
N SER A 82 12.19 -10.46 13.09
CA SER A 82 11.39 -11.48 13.76
C SER A 82 11.61 -12.84 13.11
N GLY A 83 11.83 -12.84 11.80
CA GLY A 83 12.05 -14.07 11.08
C GLY A 83 12.68 -13.85 9.72
N GLY A 1 18.70 -12.73 5.35
CA GLY A 1 18.38 -13.45 6.57
C GLY A 1 17.45 -14.62 6.33
N SER A 2 16.84 -15.11 7.40
CA SER A 2 15.92 -16.25 7.31
C SER A 2 14.47 -15.77 7.33
N SER A 3 14.07 -15.19 8.45
CA SER A 3 12.70 -14.69 8.60
C SER A 3 12.70 -13.18 8.84
N GLY A 4 11.58 -12.54 8.50
CA GLY A 4 11.47 -11.11 8.69
C GLY A 4 12.10 -10.32 7.57
N SER A 5 12.15 -10.91 6.38
CA SER A 5 12.75 -10.27 5.22
C SER A 5 11.78 -10.28 4.04
N SER A 6 11.41 -9.09 3.57
CA SER A 6 10.48 -8.96 2.46
C SER A 6 9.12 -9.53 2.81
N GLY A 7 8.31 -8.73 3.50
CA GLY A 7 6.99 -9.18 3.89
C GLY A 7 5.88 -8.46 3.14
N VAL A 8 5.98 -7.14 3.07
CA VAL A 8 4.99 -6.33 2.37
C VAL A 8 4.87 -6.75 0.91
N SER A 9 5.94 -7.32 0.37
CA SER A 9 5.95 -7.76 -1.01
C SER A 9 5.08 -9.00 -1.20
N LYS A 10 4.92 -9.77 -0.14
CA LYS A 10 4.10 -10.99 -0.19
C LYS A 10 2.79 -10.78 0.56
N TRP A 11 2.36 -9.53 0.68
CA TRP A 11 1.12 -9.20 1.37
C TRP A 11 -0.09 -9.59 0.53
N SER A 12 -1.01 -10.33 1.12
CA SER A 12 -2.21 -10.78 0.42
C SER A 12 -3.05 -9.58 -0.02
N PRO A 13 -3.94 -9.81 -1.00
CA PRO A 13 -4.82 -8.77 -1.53
C PRO A 13 -5.88 -8.35 -0.52
N SER A 14 -6.13 -9.19 0.48
CA SER A 14 -7.12 -8.90 1.50
C SER A 14 -6.47 -8.23 2.71
N GLN A 15 -5.18 -8.49 2.91
CA GLN A 15 -4.45 -7.91 4.03
C GLN A 15 -4.29 -6.40 3.86
N VAL A 16 -3.90 -5.99 2.66
CA VAL A 16 -3.71 -4.58 2.37
C VAL A 16 -4.95 -3.77 2.75
N VAL A 17 -6.11 -4.35 2.53
CA VAL A 17 -7.38 -3.68 2.85
C VAL A 17 -7.45 -3.35 4.34
N ASP A 18 -6.87 -4.21 5.17
CA ASP A 18 -6.89 -4.01 6.61
C ASP A 18 -5.96 -2.85 6.99
N TRP A 19 -4.95 -2.61 6.17
CA TRP A 19 -4.00 -1.53 6.43
C TRP A 19 -4.65 -0.16 6.24
N MET A 20 -5.43 -0.02 5.17
CA MET A 20 -6.11 1.23 4.89
C MET A 20 -7.07 1.60 6.02
N LYS A 21 -7.50 0.60 6.77
CA LYS A 21 -8.41 0.82 7.89
C LYS A 21 -7.73 1.64 8.99
N GLY A 22 -6.41 1.75 8.91
CA GLY A 22 -5.68 2.51 9.90
C GLY A 22 -4.96 3.70 9.31
N LEU A 23 -5.49 4.22 8.21
CA LEU A 23 -4.89 5.37 7.54
C LEU A 23 -5.84 6.56 7.55
N ASP A 24 -5.48 7.60 6.78
CA ASP A 24 -6.32 8.80 6.69
C ASP A 24 -7.76 8.43 6.36
N ASP A 25 -8.70 9.16 6.96
CA ASP A 25 -10.11 8.92 6.72
C ASP A 25 -10.45 9.09 5.25
N CYS A 26 -9.66 9.89 4.54
CA CYS A 26 -9.88 10.14 3.13
C CYS A 26 -9.56 8.89 2.30
N LEU A 27 -8.74 8.01 2.86
CA LEU A 27 -8.35 6.79 2.18
C LEU A 27 -9.26 5.63 2.60
N GLN A 28 -10.44 5.95 3.10
CA GLN A 28 -11.39 4.94 3.52
C GLN A 28 -12.34 4.56 2.40
N GLN A 29 -12.92 5.58 1.75
CA GLN A 29 -13.84 5.35 0.65
C GLN A 29 -13.20 4.51 -0.45
N TYR A 30 -11.87 4.57 -0.52
CA TYR A 30 -11.12 3.81 -1.53
C TYR A 30 -11.03 2.34 -1.15
N ILE A 31 -11.12 2.07 0.15
CA ILE A 31 -11.05 0.69 0.65
C ILE A 31 -12.04 -0.20 -0.08
N LYS A 32 -13.21 0.34 -0.39
CA LYS A 32 -14.24 -0.43 -1.09
C LYS A 32 -13.74 -0.88 -2.46
N ASN A 33 -12.90 -0.07 -3.08
CA ASN A 33 -12.35 -0.40 -4.39
C ASN A 33 -11.20 -1.39 -4.26
N PHE A 34 -10.40 -1.24 -3.20
CA PHE A 34 -9.26 -2.12 -2.98
C PHE A 34 -9.75 -3.53 -2.58
N GLU A 35 -10.94 -3.60 -2.01
CA GLU A 35 -11.51 -4.87 -1.59
C GLU A 35 -11.96 -5.69 -2.80
N ARG A 36 -12.40 -5.01 -3.85
CA ARG A 36 -12.85 -5.66 -5.06
C ARG A 36 -11.70 -5.85 -6.05
N GLU A 37 -10.81 -4.86 -6.10
CA GLU A 37 -9.66 -4.92 -7.00
C GLU A 37 -8.66 -5.96 -6.54
N LYS A 38 -8.72 -6.31 -5.26
CA LYS A 38 -7.81 -7.30 -4.68
C LYS A 38 -6.36 -6.85 -4.82
N ILE A 39 -6.10 -5.59 -4.48
CA ILE A 39 -4.75 -5.05 -4.56
C ILE A 39 -3.80 -5.76 -3.61
N SER A 40 -2.87 -6.51 -4.17
CA SER A 40 -1.90 -7.25 -3.37
C SER A 40 -0.70 -6.37 -3.01
N GLY A 41 0.11 -6.84 -2.06
CA GLY A 41 1.27 -6.08 -1.64
C GLY A 41 2.23 -5.83 -2.78
N ASP A 42 2.47 -6.84 -3.61
CA ASP A 42 3.37 -6.72 -4.75
C ASP A 42 3.01 -5.52 -5.61
N GLN A 43 1.72 -5.19 -5.62
CA GLN A 43 1.24 -4.06 -6.41
C GLN A 43 1.26 -2.77 -5.60
N LEU A 44 1.12 -2.90 -4.28
CA LEU A 44 1.13 -1.74 -3.39
C LEU A 44 2.54 -1.17 -3.26
N LEU A 45 3.52 -2.05 -3.12
CA LEU A 45 4.91 -1.64 -2.98
C LEU A 45 5.37 -0.87 -4.21
N ARG A 46 4.86 -1.27 -5.38
CA ARG A 46 5.21 -0.62 -6.63
C ARG A 46 4.02 0.13 -7.22
N ILE A 47 3.20 0.71 -6.35
CA ILE A 47 2.02 1.45 -6.78
C ILE A 47 2.39 2.87 -7.20
N THR A 48 1.83 3.30 -8.33
CA THR A 48 2.09 4.64 -8.84
C THR A 48 0.80 5.44 -9.00
N HIS A 49 0.94 6.73 -9.28
CA HIS A 49 -0.22 7.60 -9.45
C HIS A 49 -1.16 7.03 -10.50
N GLN A 50 -0.60 6.47 -11.56
CA GLN A 50 -1.39 5.88 -12.64
C GLN A 50 -2.22 4.70 -12.13
N GLU A 51 -1.68 3.99 -11.15
CA GLU A 51 -2.35 2.83 -10.57
C GLU A 51 -3.50 3.27 -9.67
N LEU A 52 -3.20 4.15 -8.71
CA LEU A 52 -4.21 4.64 -7.78
C LEU A 52 -5.39 5.25 -8.54
N GLU A 53 -5.11 5.83 -9.70
CA GLU A 53 -6.15 6.45 -10.51
C GLU A 53 -7.14 5.41 -11.01
N ASP A 54 -6.67 4.17 -11.17
CA ASP A 54 -7.53 3.08 -11.64
C ASP A 54 -8.47 2.62 -10.53
N LEU A 55 -7.98 2.66 -9.29
CA LEU A 55 -8.79 2.25 -8.14
C LEU A 55 -9.96 3.21 -7.92
N GLY A 56 -9.75 4.48 -8.28
CA GLY A 56 -10.79 5.46 -8.12
C GLY A 56 -10.27 6.78 -7.57
N VAL A 57 -9.09 6.73 -6.95
CA VAL A 57 -8.47 7.92 -6.39
C VAL A 57 -8.12 8.93 -7.48
N SER A 58 -9.05 9.84 -7.75
CA SER A 58 -8.84 10.86 -8.77
C SER A 58 -8.11 12.06 -8.19
N ARG A 59 -8.35 12.35 -6.91
CA ARG A 59 -7.71 13.46 -6.24
C ARG A 59 -6.19 13.29 -6.23
N ILE A 60 -5.49 14.30 -5.70
CA ILE A 60 -4.03 14.27 -5.63
C ILE A 60 -3.55 14.23 -4.19
N GLY A 61 -4.25 14.96 -3.32
CA GLY A 61 -3.88 15.00 -1.92
C GLY A 61 -4.02 13.66 -1.24
N HIS A 62 -4.88 12.81 -1.79
CA HIS A 62 -5.11 11.48 -1.23
C HIS A 62 -4.11 10.48 -1.80
N GLN A 63 -3.83 10.60 -3.09
CA GLN A 63 -2.88 9.70 -3.75
C GLN A 63 -1.54 9.71 -3.05
N GLU A 64 -1.13 10.89 -2.57
CA GLU A 64 0.14 11.03 -1.86
C GLU A 64 0.03 10.57 -0.42
N LEU A 65 -1.18 10.67 0.14
CA LEU A 65 -1.43 10.27 1.52
C LEU A 65 -1.11 8.79 1.72
N ILE A 66 -1.55 7.95 0.78
CA ILE A 66 -1.30 6.53 0.85
C ILE A 66 0.16 6.20 0.58
N LEU A 67 0.70 6.77 -0.48
CA LEU A 67 2.10 6.55 -0.85
C LEU A 67 3.03 6.96 0.29
N GLU A 68 2.81 8.16 0.81
CA GLU A 68 3.63 8.67 1.91
C GLU A 68 3.70 7.67 3.06
N ALA A 69 2.65 6.88 3.21
CA ALA A 69 2.59 5.88 4.27
C ALA A 69 3.31 4.60 3.85
N VAL A 70 3.20 4.26 2.58
CA VAL A 70 3.85 3.06 2.06
C VAL A 70 5.36 3.11 2.25
N ASP A 71 5.92 4.32 2.15
CA ASP A 71 7.35 4.52 2.32
C ASP A 71 7.81 4.01 3.69
N LEU A 72 6.90 4.03 4.66
CA LEU A 72 7.22 3.57 6.00
C LEU A 72 7.10 2.05 6.11
N LEU A 73 6.23 1.48 5.28
CA LEU A 73 6.01 0.03 5.28
C LEU A 73 7.26 -0.70 4.82
N CYS A 74 7.95 -0.13 3.82
CA CYS A 74 9.17 -0.73 3.29
C CYS A 74 10.37 -0.38 4.17
N ALA A 75 10.42 0.87 4.62
CA ALA A 75 11.52 1.33 5.46
C ALA A 75 11.58 0.53 6.76
N LEU A 76 10.43 0.02 7.20
CA LEU A 76 10.36 -0.76 8.42
C LEU A 76 10.90 -2.16 8.21
N ASN A 77 10.74 -2.67 6.98
CA ASN A 77 11.22 -4.01 6.64
C ASN A 77 12.50 -3.94 5.83
N SER A 78 13.54 -3.36 6.42
CA SER A 78 14.83 -3.23 5.75
C SER A 78 15.95 -2.98 6.75
N GLY A 79 15.85 -1.88 7.48
CA GLY A 79 16.87 -1.55 8.47
C GLY A 79 17.27 -0.09 8.43
N PRO A 80 18.12 0.32 9.38
CA PRO A 80 18.60 1.71 9.46
C PRO A 80 19.54 2.07 8.33
N SER A 81 19.21 3.12 7.59
CA SER A 81 20.02 3.56 6.47
C SER A 81 20.96 4.69 6.90
N SER A 82 22.26 4.48 6.69
CA SER A 82 23.26 5.47 7.06
C SER A 82 24.04 5.93 5.84
N GLY A 83 24.08 7.25 5.62
CA GLY A 83 24.80 7.79 4.48
C GLY A 83 24.72 9.31 4.43
N GLY A 1 27.71 -10.24 4.37
CA GLY A 1 26.41 -10.76 4.00
C GLY A 1 25.35 -9.68 3.94
N SER A 2 24.12 -10.07 3.64
CA SER A 2 23.02 -9.12 3.54
C SER A 2 21.73 -9.74 4.06
N SER A 3 21.01 -8.99 4.89
CA SER A 3 19.75 -9.46 5.46
C SER A 3 18.65 -9.50 4.40
N GLY A 4 17.90 -10.60 4.39
CA GLY A 4 16.83 -10.75 3.41
C GLY A 4 15.47 -10.56 4.04
N SER A 5 14.77 -9.50 3.64
CA SER A 5 13.45 -9.20 4.16
C SER A 5 12.50 -8.76 3.05
N SER A 6 11.35 -9.42 2.97
CA SER A 6 10.36 -9.11 1.94
C SER A 6 8.98 -9.61 2.35
N GLY A 7 8.35 -8.91 3.28
CA GLY A 7 7.02 -9.30 3.74
C GLY A 7 5.91 -8.57 3.00
N VAL A 8 6.04 -7.26 2.90
CA VAL A 8 5.04 -6.44 2.21
C VAL A 8 4.91 -6.85 0.75
N SER A 9 5.98 -7.43 0.21
CA SER A 9 5.98 -7.86 -1.19
C SER A 9 5.12 -9.09 -1.38
N LYS A 10 4.95 -9.87 -0.32
CA LYS A 10 4.14 -11.09 -0.36
C LYS A 10 2.84 -10.88 0.41
N TRP A 11 2.41 -9.64 0.55
CA TRP A 11 1.19 -9.31 1.25
C TRP A 11 -0.03 -9.69 0.42
N SER A 12 -0.96 -10.41 1.04
CA SER A 12 -2.18 -10.85 0.35
C SER A 12 -3.00 -9.64 -0.10
N PRO A 13 -3.91 -9.87 -1.07
CA PRO A 13 -4.77 -8.83 -1.61
C PRO A 13 -5.82 -8.37 -0.60
N SER A 14 -6.08 -9.20 0.41
CA SER A 14 -7.06 -8.88 1.43
C SER A 14 -6.40 -8.21 2.63
N GLN A 15 -5.11 -8.50 2.82
CA GLN A 15 -4.37 -7.94 3.93
C GLN A 15 -4.21 -6.43 3.78
N VAL A 16 -3.81 -5.99 2.58
CA VAL A 16 -3.64 -4.59 2.30
C VAL A 16 -4.87 -3.78 2.69
N VAL A 17 -6.03 -4.39 2.53
CA VAL A 17 -7.30 -3.74 2.87
C VAL A 17 -7.36 -3.40 4.36
N ASP A 18 -6.78 -4.26 5.18
CA ASP A 18 -6.76 -4.06 6.62
C ASP A 18 -5.83 -2.91 7.00
N TRP A 19 -4.83 -2.67 6.16
CA TRP A 19 -3.86 -1.59 6.40
C TRP A 19 -4.52 -0.23 6.23
N MET A 20 -5.31 -0.08 5.17
CA MET A 20 -5.99 1.18 4.90
C MET A 20 -6.95 1.54 6.03
N LYS A 21 -7.38 0.53 6.77
CA LYS A 21 -8.30 0.74 7.89
C LYS A 21 -7.63 1.54 9.00
N GLY A 22 -6.31 1.67 8.92
CA GLY A 22 -5.57 2.41 9.93
C GLY A 22 -4.85 3.61 9.34
N LEU A 23 -5.39 4.15 8.26
CA LEU A 23 -4.79 5.30 7.60
C LEU A 23 -5.75 6.49 7.61
N ASP A 24 -5.40 7.54 6.87
CA ASP A 24 -6.23 8.73 6.79
C ASP A 24 -7.68 8.37 6.45
N ASP A 25 -8.62 9.10 7.03
CA ASP A 25 -10.03 8.86 6.79
C ASP A 25 -10.37 9.06 5.32
N CYS A 26 -9.58 9.88 4.64
CA CYS A 26 -9.80 10.16 3.23
C CYS A 26 -9.47 8.94 2.37
N LEU A 27 -8.63 8.06 2.92
CA LEU A 27 -8.23 6.85 2.21
C LEU A 27 -9.11 5.67 2.61
N GLN A 28 -10.30 5.97 3.11
CA GLN A 28 -11.24 4.94 3.52
C GLN A 28 -12.19 4.57 2.37
N GLN A 29 -12.75 5.59 1.73
CA GLN A 29 -13.68 5.36 0.63
C GLN A 29 -13.02 4.52 -0.47
N TYR A 30 -11.70 4.58 -0.54
CA TYR A 30 -10.95 3.83 -1.54
C TYR A 30 -10.87 2.35 -1.16
N ILE A 31 -10.96 2.07 0.14
CA ILE A 31 -10.90 0.71 0.63
C ILE A 31 -11.88 -0.20 -0.11
N LYS A 32 -13.12 0.27 -0.26
CA LYS A 32 -14.15 -0.48 -0.95
C LYS A 32 -13.70 -0.85 -2.36
N ASN A 33 -12.86 0.00 -2.95
CA ASN A 33 -12.35 -0.24 -4.30
C ASN A 33 -11.19 -1.22 -4.27
N PHE A 34 -10.45 -1.23 -3.16
CA PHE A 34 -9.30 -2.11 -3.02
C PHE A 34 -9.76 -3.53 -2.66
N GLU A 35 -10.92 -3.63 -2.03
CA GLU A 35 -11.47 -4.93 -1.64
C GLU A 35 -11.95 -5.71 -2.86
N ARG A 36 -12.35 -4.98 -3.89
CA ARG A 36 -12.84 -5.60 -5.12
C ARG A 36 -11.70 -5.77 -6.13
N GLU A 37 -10.73 -4.88 -6.07
CA GLU A 37 -9.59 -4.93 -6.99
C GLU A 37 -8.56 -5.96 -6.51
N LYS A 38 -8.61 -6.29 -5.22
CA LYS A 38 -7.68 -7.25 -4.65
C LYS A 38 -6.24 -6.77 -4.79
N ILE A 39 -6.01 -5.49 -4.50
CA ILE A 39 -4.67 -4.92 -4.60
C ILE A 39 -3.70 -5.64 -3.68
N SER A 40 -2.76 -6.38 -4.26
CA SER A 40 -1.78 -7.11 -3.49
C SER A 40 -0.62 -6.20 -3.08
N GLY A 41 0.17 -6.65 -2.12
CA GLY A 41 1.30 -5.87 -1.65
C GLY A 41 2.31 -5.59 -2.75
N ASP A 42 2.61 -6.61 -3.55
CA ASP A 42 3.56 -6.47 -4.64
C ASP A 42 3.20 -5.28 -5.52
N GLN A 43 1.92 -4.98 -5.61
CA GLN A 43 1.44 -3.87 -6.42
C GLN A 43 1.36 -2.58 -5.59
N LEU A 44 1.19 -2.73 -4.29
CA LEU A 44 1.10 -1.59 -3.39
C LEU A 44 2.47 -0.95 -3.19
N LEU A 45 3.49 -1.79 -3.02
CA LEU A 45 4.85 -1.31 -2.81
C LEU A 45 5.33 -0.50 -4.01
N ARG A 46 4.79 -0.81 -5.18
CA ARG A 46 5.16 -0.11 -6.41
C ARG A 46 3.94 0.54 -7.05
N ILE A 47 2.99 0.95 -6.21
CA ILE A 47 1.76 1.60 -6.69
C ILE A 47 2.06 2.99 -7.23
N THR A 48 1.59 3.26 -8.45
CA THR A 48 1.80 4.55 -9.09
C THR A 48 0.48 5.30 -9.25
N HIS A 49 0.58 6.58 -9.59
CA HIS A 49 -0.61 7.41 -9.78
C HIS A 49 -1.58 6.75 -10.75
N GLN A 50 -1.06 6.23 -11.85
CA GLN A 50 -1.88 5.57 -12.87
C GLN A 50 -2.69 4.43 -12.24
N GLU A 51 -2.06 3.71 -11.32
CA GLU A 51 -2.73 2.59 -10.66
C GLU A 51 -3.85 3.09 -9.73
N LEU A 52 -3.54 4.12 -8.95
CA LEU A 52 -4.51 4.69 -8.01
C LEU A 52 -5.71 5.27 -8.77
N GLU A 53 -5.42 5.94 -9.88
CA GLU A 53 -6.48 6.53 -10.70
C GLU A 53 -7.52 5.50 -11.10
N ASP A 54 -7.05 4.31 -11.48
CA ASP A 54 -7.93 3.23 -11.89
C ASP A 54 -8.93 2.90 -10.79
N LEU A 55 -8.41 2.72 -9.57
CA LEU A 55 -9.26 2.40 -8.42
C LEU A 55 -10.33 3.47 -8.22
N GLY A 56 -10.01 4.70 -8.59
CA GLY A 56 -10.95 5.79 -8.44
C GLY A 56 -10.31 7.03 -7.84
N VAL A 57 -9.16 6.85 -7.19
CA VAL A 57 -8.46 7.96 -6.57
C VAL A 57 -8.01 8.99 -7.61
N SER A 58 -8.84 10.00 -7.82
CA SER A 58 -8.53 11.04 -8.80
C SER A 58 -7.84 12.23 -8.12
N ARG A 59 -8.10 12.40 -6.83
CA ARG A 59 -7.49 13.50 -6.07
C ARG A 59 -5.98 13.40 -6.10
N ILE A 60 -5.32 14.49 -5.71
CA ILE A 60 -3.86 14.53 -5.68
C ILE A 60 -3.33 14.33 -4.26
N GLY A 61 -3.81 15.14 -3.34
CA GLY A 61 -3.38 15.04 -1.95
C GLY A 61 -3.65 13.67 -1.37
N HIS A 62 -4.62 12.96 -1.94
CA HIS A 62 -4.97 11.63 -1.46
C HIS A 62 -4.04 10.58 -2.04
N GLN A 63 -3.74 10.70 -3.33
CA GLN A 63 -2.84 9.76 -4.00
C GLN A 63 -1.48 9.71 -3.32
N GLU A 64 -1.04 10.86 -2.81
CA GLU A 64 0.25 10.94 -2.13
C GLU A 64 0.14 10.49 -0.69
N LEU A 65 -1.04 10.71 -0.09
CA LEU A 65 -1.27 10.33 1.29
C LEU A 65 -0.92 8.85 1.52
N ILE A 66 -1.52 7.98 0.73
CA ILE A 66 -1.27 6.55 0.83
C ILE A 66 0.21 6.23 0.65
N LEU A 67 0.78 6.73 -0.44
CA LEU A 67 2.19 6.51 -0.75
C LEU A 67 3.06 6.89 0.45
N GLU A 68 2.83 8.09 0.99
CA GLU A 68 3.60 8.57 2.12
C GLU A 68 3.58 7.55 3.26
N ALA A 69 2.51 6.78 3.34
CA ALA A 69 2.37 5.77 4.37
C ALA A 69 3.13 4.49 4.01
N VAL A 70 3.10 4.15 2.72
CA VAL A 70 3.78 2.96 2.24
C VAL A 70 5.29 3.06 2.45
N ASP A 71 5.79 4.29 2.46
CA ASP A 71 7.21 4.53 2.65
C ASP A 71 7.69 4.00 4.00
N LEU A 72 6.80 4.04 4.99
CA LEU A 72 7.12 3.55 6.32
C LEU A 72 7.11 2.03 6.37
N LEU A 73 6.33 1.42 5.47
CA LEU A 73 6.22 -0.03 5.41
C LEU A 73 7.53 -0.65 4.95
N CYS A 74 8.21 0.01 4.03
CA CYS A 74 9.48 -0.47 3.50
C CYS A 74 10.62 -0.19 4.48
N ALA A 75 10.48 0.89 5.24
CA ALA A 75 11.49 1.27 6.21
C ALA A 75 11.54 0.28 7.36
N LEU A 76 10.38 -0.05 7.91
CA LEU A 76 10.29 -0.98 9.03
C LEU A 76 10.95 -2.32 8.67
N ASN A 77 10.81 -2.71 7.40
CA ASN A 77 11.39 -3.97 6.93
C ASN A 77 12.85 -3.78 6.54
N SER A 78 13.73 -3.85 7.53
CA SER A 78 15.16 -3.69 7.29
C SER A 78 15.89 -5.03 7.37
N GLY A 79 15.60 -5.78 8.42
CA GLY A 79 16.23 -7.08 8.61
C GLY A 79 15.33 -8.07 9.30
N PRO A 80 15.77 -9.34 9.39
CA PRO A 80 15.01 -10.41 10.03
C PRO A 80 14.95 -10.23 11.55
N SER A 81 13.84 -9.68 12.02
CA SER A 81 13.64 -9.46 13.45
C SER A 81 12.17 -9.18 13.77
N SER A 82 11.78 -9.49 15.00
CA SER A 82 10.40 -9.28 15.43
C SER A 82 10.27 -8.02 16.27
N GLY A 83 10.90 -8.03 17.44
CA GLY A 83 10.85 -6.89 18.33
C GLY A 83 12.13 -6.08 18.31
N GLY A 1 16.12 -13.98 -4.54
CA GLY A 1 16.91 -14.08 -3.33
C GLY A 1 17.26 -15.51 -2.98
N SER A 2 17.06 -15.89 -1.73
CA SER A 2 17.37 -17.24 -1.27
C SER A 2 16.26 -17.78 -0.38
N SER A 3 16.07 -17.13 0.77
CA SER A 3 15.05 -17.54 1.72
C SER A 3 14.32 -16.33 2.29
N GLY A 4 13.52 -15.68 1.44
CA GLY A 4 12.77 -14.51 1.88
C GLY A 4 13.57 -13.24 1.74
N SER A 5 12.94 -12.11 2.06
CA SER A 5 13.59 -10.81 1.97
C SER A 5 12.68 -9.70 2.49
N SER A 6 11.42 -9.73 2.07
CA SER A 6 10.45 -8.73 2.49
C SER A 6 9.08 -9.36 2.70
N GLY A 7 8.31 -8.78 3.62
CA GLY A 7 6.98 -9.31 3.90
C GLY A 7 5.90 -8.58 3.12
N VAL A 8 6.01 -7.26 3.04
CA VAL A 8 5.03 -6.46 2.32
C VAL A 8 4.93 -6.88 0.85
N SER A 9 6.01 -7.46 0.35
CA SER A 9 6.06 -7.91 -1.04
C SER A 9 5.16 -9.14 -1.24
N LYS A 10 4.96 -9.90 -0.17
CA LYS A 10 4.12 -11.09 -0.23
C LYS A 10 2.81 -10.87 0.52
N TRP A 11 2.41 -9.61 0.64
CA TRP A 11 1.17 -9.27 1.33
C TRP A 11 -0.05 -9.64 0.48
N SER A 12 -0.97 -10.39 1.08
CA SER A 12 -2.18 -10.81 0.37
C SER A 12 -2.99 -9.60 -0.08
N PRO A 13 -3.88 -9.82 -1.06
CA PRO A 13 -4.74 -8.77 -1.61
C PRO A 13 -5.79 -8.31 -0.63
N SER A 14 -6.06 -9.14 0.38
CA SER A 14 -7.07 -8.82 1.39
C SER A 14 -6.41 -8.18 2.61
N GLN A 15 -5.14 -8.48 2.82
CA GLN A 15 -4.40 -7.92 3.95
C GLN A 15 -4.24 -6.41 3.80
N VAL A 16 -3.83 -5.98 2.62
CA VAL A 16 -3.64 -4.55 2.35
C VAL A 16 -4.87 -3.75 2.74
N VAL A 17 -6.05 -4.36 2.60
CA VAL A 17 -7.30 -3.70 2.94
C VAL A 17 -7.34 -3.35 4.43
N ASP A 18 -6.77 -4.22 5.26
CA ASP A 18 -6.74 -3.99 6.70
C ASP A 18 -5.80 -2.85 7.05
N TRP A 19 -4.81 -2.62 6.19
CA TRP A 19 -3.84 -1.56 6.42
C TRP A 19 -4.48 -0.19 6.24
N MET A 20 -5.28 -0.05 5.19
CA MET A 20 -5.95 1.21 4.92
C MET A 20 -6.89 1.59 6.06
N LYS A 21 -7.33 0.59 6.82
CA LYS A 21 -8.22 0.82 7.93
C LYS A 21 -7.54 1.63 9.04
N GLY A 22 -6.22 1.74 8.94
CA GLY A 22 -5.46 2.49 9.94
C GLY A 22 -4.77 3.69 9.34
N LEU A 23 -5.28 4.18 8.21
CA LEU A 23 -4.69 5.33 7.54
C LEU A 23 -5.66 6.52 7.56
N ASP A 24 -5.33 7.56 6.81
CA ASP A 24 -6.16 8.75 6.74
C ASP A 24 -7.60 8.38 6.41
N ASP A 25 -8.54 9.17 6.94
CA ASP A 25 -9.96 8.93 6.70
C ASP A 25 -10.30 9.10 5.23
N CYS A 26 -9.51 9.90 4.53
CA CYS A 26 -9.74 10.15 3.11
C CYS A 26 -9.41 8.91 2.28
N LEU A 27 -8.58 8.05 2.83
CA LEU A 27 -8.19 6.82 2.14
C LEU A 27 -9.07 5.65 2.56
N GLN A 28 -10.26 5.96 3.08
CA GLN A 28 -11.20 4.94 3.51
C GLN A 28 -12.15 4.55 2.38
N GLN A 29 -12.73 5.57 1.72
CA GLN A 29 -13.65 5.34 0.63
C GLN A 29 -13.01 4.48 -0.46
N TYR A 30 -11.69 4.52 -0.54
CA TYR A 30 -10.96 3.75 -1.54
C TYR A 30 -10.88 2.28 -1.14
N ILE A 31 -10.96 2.03 0.17
CA ILE A 31 -10.91 0.67 0.68
C ILE A 31 -11.91 -0.23 -0.03
N LYS A 32 -13.13 0.26 -0.19
CA LYS A 32 -14.19 -0.49 -0.87
C LYS A 32 -13.75 -0.89 -2.27
N ASN A 33 -12.89 -0.09 -2.88
CA ASN A 33 -12.40 -0.34 -4.22
C ASN A 33 -11.19 -1.28 -4.19
N PHE A 34 -10.41 -1.18 -3.11
CA PHE A 34 -9.21 -2.01 -2.96
C PHE A 34 -9.60 -3.47 -2.69
N GLU A 35 -10.77 -3.67 -2.10
CA GLU A 35 -11.25 -5.01 -1.79
C GLU A 35 -11.62 -5.76 -3.07
N ARG A 36 -12.34 -5.08 -3.96
CA ARG A 36 -12.76 -5.68 -5.22
C ARG A 36 -11.58 -5.84 -6.17
N GLU A 37 -10.69 -4.86 -6.14
CA GLU A 37 -9.51 -4.88 -7.01
C GLU A 37 -8.49 -5.90 -6.51
N LYS A 38 -8.58 -6.24 -5.24
CA LYS A 38 -7.66 -7.21 -4.64
C LYS A 38 -6.22 -6.72 -4.75
N ILE A 39 -5.99 -5.46 -4.42
CA ILE A 39 -4.65 -4.89 -4.50
C ILE A 39 -3.68 -5.64 -3.59
N SER A 40 -2.75 -6.37 -4.20
CA SER A 40 -1.77 -7.13 -3.45
C SER A 40 -0.58 -6.25 -3.04
N GLY A 41 0.21 -6.74 -2.09
CA GLY A 41 1.36 -5.99 -1.63
C GLY A 41 2.35 -5.69 -2.74
N ASP A 42 2.67 -6.72 -3.53
CA ASP A 42 3.61 -6.56 -4.63
C ASP A 42 3.21 -5.40 -5.53
N GLN A 43 1.91 -5.13 -5.61
CA GLN A 43 1.40 -4.04 -6.42
C GLN A 43 1.31 -2.75 -5.63
N LEU A 44 1.14 -2.88 -4.31
CA LEU A 44 1.04 -1.72 -3.43
C LEU A 44 2.39 -1.04 -3.27
N LEU A 45 3.44 -1.84 -3.17
CA LEU A 45 4.79 -1.31 -3.01
C LEU A 45 5.23 -0.55 -4.26
N ARG A 46 4.72 -0.98 -5.41
CA ARG A 46 5.05 -0.34 -6.68
C ARG A 46 3.86 0.42 -7.24
N ILE A 47 2.97 0.86 -6.35
CA ILE A 47 1.78 1.60 -6.75
C ILE A 47 2.16 2.98 -7.29
N THR A 48 1.58 3.33 -8.43
CA THR A 48 1.84 4.62 -9.05
C THR A 48 0.56 5.43 -9.19
N HIS A 49 0.72 6.73 -9.47
CA HIS A 49 -0.42 7.62 -9.63
C HIS A 49 -1.40 7.07 -10.65
N GLN A 50 -0.88 6.33 -11.63
CA GLN A 50 -1.71 5.75 -12.67
C GLN A 50 -2.61 4.66 -12.10
N GLU A 51 -2.05 3.81 -11.25
CA GLU A 51 -2.80 2.72 -10.63
C GLU A 51 -3.89 3.26 -9.73
N LEU A 52 -3.53 4.21 -8.87
CA LEU A 52 -4.48 4.81 -7.94
C LEU A 52 -5.69 5.35 -8.69
N GLU A 53 -5.44 5.95 -9.85
CA GLU A 53 -6.51 6.52 -10.66
C GLU A 53 -7.52 5.44 -11.07
N ASP A 54 -7.00 4.25 -11.38
CA ASP A 54 -7.85 3.14 -11.78
C ASP A 54 -8.76 2.71 -10.64
N LEU A 55 -8.23 2.76 -9.42
CA LEU A 55 -9.00 2.37 -8.23
C LEU A 55 -10.12 3.36 -7.97
N GLY A 56 -9.94 4.60 -8.42
CA GLY A 56 -10.95 5.62 -8.22
C GLY A 56 -10.38 6.90 -7.65
N VAL A 57 -9.20 6.81 -7.07
CA VAL A 57 -8.54 7.97 -6.48
C VAL A 57 -8.23 9.02 -7.55
N SER A 58 -9.13 9.98 -7.70
CA SER A 58 -8.95 11.04 -8.68
C SER A 58 -8.17 12.21 -8.10
N ARG A 59 -8.44 12.52 -6.83
CA ARG A 59 -7.77 13.61 -6.15
C ARG A 59 -6.25 13.41 -6.16
N ILE A 60 -5.52 14.45 -5.77
CA ILE A 60 -4.07 14.38 -5.75
C ILE A 60 -3.56 14.29 -4.31
N GLY A 61 -4.12 15.10 -3.43
CA GLY A 61 -3.70 15.09 -2.03
C GLY A 61 -3.87 13.73 -1.39
N HIS A 62 -4.76 12.92 -1.94
CA HIS A 62 -5.01 11.58 -1.42
C HIS A 62 -4.03 10.57 -2.02
N GLN A 63 -3.80 10.69 -3.32
CA GLN A 63 -2.89 9.78 -4.01
C GLN A 63 -1.51 9.79 -3.35
N GLU A 64 -1.18 10.89 -2.69
CA GLU A 64 0.11 11.01 -2.01
C GLU A 64 0.00 10.56 -0.56
N LEU A 65 -1.17 10.73 0.02
CA LEU A 65 -1.40 10.34 1.41
C LEU A 65 -1.13 8.85 1.61
N ILE A 66 -1.52 8.05 0.63
CA ILE A 66 -1.32 6.60 0.70
C ILE A 66 0.14 6.24 0.47
N LEU A 67 0.77 6.90 -0.51
CA LEU A 67 2.17 6.65 -0.82
C LEU A 67 3.07 7.03 0.35
N GLU A 68 2.85 8.22 0.90
CA GLU A 68 3.63 8.69 2.04
C GLU A 68 3.65 7.67 3.16
N ALA A 69 2.56 6.90 3.26
CA ALA A 69 2.44 5.87 4.30
C ALA A 69 3.15 4.59 3.88
N VAL A 70 3.17 4.33 2.58
CA VAL A 70 3.81 3.12 2.05
C VAL A 70 5.31 3.16 2.30
N ASP A 71 5.89 4.35 2.28
CA ASP A 71 7.32 4.51 2.51
C ASP A 71 7.73 3.91 3.85
N LEU A 72 6.85 4.02 4.83
CA LEU A 72 7.12 3.48 6.16
C LEU A 72 7.06 1.96 6.15
N LEU A 73 6.15 1.42 5.36
CA LEU A 73 5.98 -0.03 5.25
C LEU A 73 7.28 -0.70 4.80
N CYS A 74 8.03 -0.01 3.94
CA CYS A 74 9.29 -0.53 3.43
C CYS A 74 10.42 -0.29 4.43
N ALA A 75 10.29 0.79 5.21
CA ALA A 75 11.30 1.13 6.20
C ALA A 75 11.42 0.05 7.26
N LEU A 76 10.30 -0.31 7.86
CA LEU A 76 10.27 -1.34 8.90
C LEU A 76 10.65 -2.70 8.33
N ASN A 77 10.21 -2.96 7.10
CA ASN A 77 10.51 -4.23 6.44
C ASN A 77 11.78 -4.13 5.61
N SER A 78 12.90 -3.85 6.27
CA SER A 78 14.18 -3.71 5.59
C SER A 78 14.59 -5.03 4.94
N GLY A 79 14.75 -6.06 5.75
CA GLY A 79 15.14 -7.36 5.24
C GLY A 79 14.33 -8.49 5.84
N PRO A 80 14.80 -9.73 5.64
CA PRO A 80 14.13 -10.93 6.17
C PRO A 80 14.23 -11.03 7.68
N SER A 81 13.18 -11.55 8.31
CA SER A 81 13.15 -11.70 9.76
C SER A 81 13.21 -13.17 10.16
N SER A 82 14.06 -13.48 11.13
CA SER A 82 14.22 -14.85 11.60
C SER A 82 14.45 -14.89 13.11
N GLY A 83 13.40 -15.22 13.85
CA GLY A 83 13.51 -15.29 15.29
C GLY A 83 12.77 -16.47 15.88
N GLY A 1 23.49 -5.21 2.85
CA GLY A 1 22.12 -5.65 2.65
C GLY A 1 21.32 -4.68 1.83
N SER A 2 21.10 -5.02 0.55
CA SER A 2 20.35 -4.16 -0.35
C SER A 2 19.51 -5.00 -1.31
N SER A 3 18.23 -4.64 -1.43
CA SER A 3 17.32 -5.36 -2.31
C SER A 3 17.20 -6.83 -1.90
N GLY A 4 16.81 -7.05 -0.65
CA GLY A 4 16.67 -8.41 -0.15
C GLY A 4 15.23 -8.83 -0.02
N SER A 5 14.96 -9.74 0.92
CA SER A 5 13.60 -10.23 1.15
C SER A 5 12.70 -9.12 1.69
N SER A 6 11.40 -9.33 1.60
CA SER A 6 10.43 -8.34 2.08
C SER A 6 9.06 -8.99 2.30
N GLY A 7 8.40 -8.60 3.38
CA GLY A 7 7.09 -9.15 3.69
C GLY A 7 5.97 -8.40 3.00
N VAL A 8 6.09 -7.08 2.94
CA VAL A 8 5.08 -6.25 2.30
C VAL A 8 4.94 -6.61 0.82
N SER A 9 6.00 -7.16 0.24
CA SER A 9 5.99 -7.55 -1.17
C SER A 9 5.11 -8.78 -1.39
N LYS A 10 4.98 -9.60 -0.35
CA LYS A 10 4.17 -10.80 -0.42
C LYS A 10 2.87 -10.64 0.35
N TRP A 11 2.44 -9.39 0.53
CA TRP A 11 1.21 -9.10 1.25
C TRP A 11 -0.01 -9.47 0.43
N SER A 12 -0.92 -10.24 1.02
CA SER A 12 -2.13 -10.66 0.34
C SER A 12 -2.96 -9.47 -0.11
N PRO A 13 -3.86 -9.70 -1.08
CA PRO A 13 -4.73 -8.66 -1.61
C PRO A 13 -5.78 -8.20 -0.61
N SER A 14 -6.04 -9.04 0.39
CA SER A 14 -7.03 -8.72 1.41
C SER A 14 -6.37 -8.08 2.62
N GLN A 15 -5.09 -8.38 2.82
CA GLN A 15 -4.33 -7.83 3.95
C GLN A 15 -4.19 -6.31 3.81
N VAL A 16 -3.78 -5.87 2.63
CA VAL A 16 -3.60 -4.44 2.37
C VAL A 16 -4.85 -3.65 2.76
N VAL A 17 -6.00 -4.29 2.63
CA VAL A 17 -7.27 -3.64 2.97
C VAL A 17 -7.32 -3.28 4.45
N ASP A 18 -6.80 -4.17 5.29
CA ASP A 18 -6.79 -3.95 6.73
C ASP A 18 -5.84 -2.81 7.10
N TRP A 19 -4.84 -2.58 6.25
CA TRP A 19 -3.86 -1.52 6.48
C TRP A 19 -4.49 -0.15 6.30
N MET A 20 -5.29 -0.01 5.24
CA MET A 20 -5.95 1.27 4.96
C MET A 20 -6.91 1.64 6.08
N LYS A 21 -7.35 0.65 6.84
CA LYS A 21 -8.26 0.87 7.95
C LYS A 21 -7.58 1.69 9.06
N GLY A 22 -6.26 1.79 8.98
CA GLY A 22 -5.52 2.54 9.97
C GLY A 22 -4.82 3.75 9.38
N LEU A 23 -5.32 4.23 8.25
CA LEU A 23 -4.72 5.39 7.58
C LEU A 23 -5.69 6.57 7.58
N ASP A 24 -5.35 7.60 6.82
CA ASP A 24 -6.18 8.79 6.72
C ASP A 24 -7.62 8.43 6.38
N ASP A 25 -8.56 9.21 6.89
CA ASP A 25 -9.98 8.96 6.64
C ASP A 25 -10.30 9.11 5.16
N CYS A 26 -9.50 9.92 4.46
CA CYS A 26 -9.71 10.15 3.04
C CYS A 26 -9.37 8.91 2.23
N LEU A 27 -8.54 8.04 2.80
CA LEU A 27 -8.13 6.82 2.13
C LEU A 27 -9.02 5.64 2.54
N GLN A 28 -10.22 5.97 3.02
CA GLN A 28 -11.16 4.94 3.45
C GLN A 28 -12.09 4.55 2.31
N GLN A 29 -12.63 5.54 1.62
CA GLN A 29 -13.53 5.29 0.50
C GLN A 29 -12.88 4.41 -0.55
N TYR A 30 -11.55 4.44 -0.59
CA TYR A 30 -10.80 3.64 -1.55
C TYR A 30 -10.74 2.18 -1.11
N ILE A 31 -10.87 1.95 0.19
CA ILE A 31 -10.84 0.60 0.73
C ILE A 31 -11.80 -0.32 -0.01
N LYS A 32 -13.07 0.06 -0.02
CA LYS A 32 -14.10 -0.73 -0.70
C LYS A 32 -13.70 -1.02 -2.13
N ASN A 33 -12.95 -0.10 -2.75
CA ASN A 33 -12.50 -0.26 -4.12
C ASN A 33 -11.32 -1.21 -4.19
N PHE A 34 -10.50 -1.22 -3.14
CA PHE A 34 -9.32 -2.08 -3.09
C PHE A 34 -9.73 -3.53 -2.85
N GLU A 35 -10.83 -3.73 -2.14
CA GLU A 35 -11.33 -5.06 -1.84
C GLU A 35 -11.70 -5.80 -3.13
N ARG A 36 -12.38 -5.11 -4.03
CA ARG A 36 -12.80 -5.70 -5.30
C ARG A 36 -11.62 -5.85 -6.24
N GLU A 37 -10.75 -4.84 -6.26
CA GLU A 37 -9.57 -4.85 -7.13
C GLU A 37 -8.56 -5.87 -6.64
N LYS A 38 -8.65 -6.23 -5.36
CA LYS A 38 -7.74 -7.20 -4.77
C LYS A 38 -6.29 -6.74 -4.90
N ILE A 39 -6.04 -5.46 -4.59
CA ILE A 39 -4.71 -4.90 -4.67
C ILE A 39 -3.74 -5.64 -3.75
N SER A 40 -2.81 -6.38 -4.35
CA SER A 40 -1.84 -7.14 -3.58
C SER A 40 -0.67 -6.25 -3.16
N GLY A 41 0.11 -6.73 -2.19
CA GLY A 41 1.24 -5.96 -1.70
C GLY A 41 2.23 -5.63 -2.81
N ASP A 42 2.54 -6.61 -3.66
CA ASP A 42 3.47 -6.42 -4.75
C ASP A 42 3.07 -5.20 -5.59
N GLN A 43 1.77 -4.93 -5.64
CA GLN A 43 1.26 -3.80 -6.41
C GLN A 43 1.31 -2.51 -5.59
N LEU A 44 1.19 -2.65 -4.27
CA LEU A 44 1.22 -1.50 -3.37
C LEU A 44 2.63 -0.92 -3.28
N LEU A 45 3.61 -1.80 -3.10
CA LEU A 45 5.01 -1.38 -3.00
C LEU A 45 5.43 -0.61 -4.24
N ARG A 46 4.82 -0.93 -5.37
CA ARG A 46 5.14 -0.26 -6.63
C ARG A 46 3.92 0.47 -7.18
N ILE A 47 3.02 0.87 -6.29
CA ILE A 47 1.81 1.58 -6.69
C ILE A 47 2.14 2.96 -7.25
N THR A 48 1.52 3.30 -8.37
CA THR A 48 1.75 4.59 -9.01
C THR A 48 0.44 5.33 -9.23
N HIS A 49 0.55 6.62 -9.56
CA HIS A 49 -0.63 7.44 -9.80
C HIS A 49 -1.54 6.80 -10.85
N GLN A 50 -0.94 6.09 -11.79
CA GLN A 50 -1.69 5.42 -12.85
C GLN A 50 -2.59 4.32 -12.27
N GLU A 51 -2.03 3.55 -11.35
CA GLU A 51 -2.77 2.46 -10.71
C GLU A 51 -3.88 3.01 -9.82
N LEU A 52 -3.52 3.92 -8.92
CA LEU A 52 -4.49 4.53 -8.01
C LEU A 52 -5.68 5.09 -8.78
N GLU A 53 -5.41 5.83 -9.85
CA GLU A 53 -6.46 6.41 -10.66
C GLU A 53 -7.45 5.35 -11.12
N ASP A 54 -6.93 4.15 -11.41
CA ASP A 54 -7.76 3.04 -11.87
C ASP A 54 -8.77 2.65 -10.80
N LEU A 55 -8.30 2.55 -9.55
CA LEU A 55 -9.17 2.18 -8.43
C LEU A 55 -10.26 3.23 -8.22
N GLY A 56 -9.96 4.48 -8.57
CA GLY A 56 -10.92 5.55 -8.40
C GLY A 56 -10.30 6.81 -7.83
N VAL A 57 -9.14 6.66 -7.20
CA VAL A 57 -8.43 7.79 -6.61
C VAL A 57 -8.11 8.85 -7.66
N SER A 58 -8.96 9.87 -7.74
CA SER A 58 -8.75 10.95 -8.71
C SER A 58 -8.34 12.23 -8.00
N ARG A 59 -7.62 12.10 -6.90
CA ARG A 59 -7.16 13.25 -6.13
C ARG A 59 -5.63 13.23 -5.99
N ILE A 60 -5.06 14.39 -5.72
CA ILE A 60 -3.61 14.51 -5.56
C ILE A 60 -3.22 14.40 -4.09
N GLY A 61 -3.91 15.16 -3.23
CA GLY A 61 -3.62 15.12 -1.81
C GLY A 61 -3.84 13.76 -1.21
N HIS A 62 -4.65 12.94 -1.88
CA HIS A 62 -4.95 11.60 -1.39
C HIS A 62 -3.93 10.59 -1.91
N GLN A 63 -3.64 10.66 -3.20
CA GLN A 63 -2.67 9.77 -3.82
C GLN A 63 -1.36 9.76 -3.05
N GLU A 64 -0.97 10.93 -2.55
CA GLU A 64 0.27 11.06 -1.79
C GLU A 64 0.08 10.60 -0.34
N LEU A 65 -1.12 10.78 0.17
CA LEU A 65 -1.43 10.39 1.55
C LEU A 65 -1.12 8.90 1.77
N ILE A 66 -1.43 8.08 0.77
CA ILE A 66 -1.18 6.65 0.86
C ILE A 66 0.30 6.34 0.66
N LEU A 67 0.86 6.83 -0.44
CA LEU A 67 2.27 6.61 -0.75
C LEU A 67 3.15 7.02 0.43
N GLU A 68 2.92 8.21 0.96
CA GLU A 68 3.69 8.71 2.09
C GLU A 68 3.70 7.70 3.23
N ALA A 69 2.63 6.92 3.33
CA ALA A 69 2.50 5.92 4.37
C ALA A 69 3.25 4.65 4.00
N VAL A 70 3.07 4.19 2.76
CA VAL A 70 3.72 2.99 2.28
C VAL A 70 5.24 3.07 2.48
N ASP A 71 5.79 4.27 2.35
CA ASP A 71 7.22 4.48 2.52
C ASP A 71 7.69 3.97 3.87
N LEU A 72 6.77 3.95 4.84
CA LEU A 72 7.10 3.48 6.19
C LEU A 72 7.02 1.95 6.27
N LEU A 73 6.19 1.37 5.40
CA LEU A 73 6.01 -0.07 5.38
C LEU A 73 7.29 -0.77 4.93
N CYS A 74 7.93 -0.22 3.90
CA CYS A 74 9.17 -0.79 3.38
C CYS A 74 10.33 -0.52 4.33
N ALA A 75 10.28 0.61 5.03
CA ALA A 75 11.33 0.98 5.96
C ALA A 75 11.35 0.03 7.16
N LEU A 76 10.18 -0.20 7.74
CA LEU A 76 10.06 -1.08 8.90
C LEU A 76 10.52 -2.49 8.55
N ASN A 77 10.10 -2.98 7.39
CA ASN A 77 10.47 -4.32 6.94
C ASN A 77 11.97 -4.43 6.76
N SER A 78 12.59 -3.34 6.32
CA SER A 78 14.04 -3.32 6.10
C SER A 78 14.78 -3.75 7.36
N GLY A 79 15.94 -4.38 7.17
CA GLY A 79 16.73 -4.82 8.30
C GLY A 79 16.77 -6.34 8.43
N PRO A 80 17.52 -6.99 7.54
CA PRO A 80 17.64 -8.46 7.53
C PRO A 80 18.44 -8.97 8.73
N SER A 81 19.46 -8.22 9.13
CA SER A 81 20.30 -8.61 10.26
C SER A 81 20.89 -10.00 10.05
N SER A 82 21.86 -10.10 9.16
CA SER A 82 22.51 -11.37 8.85
C SER A 82 24.01 -11.29 9.12
N GLY A 83 24.38 -11.27 10.39
CA GLY A 83 25.78 -11.20 10.75
C GLY A 83 26.38 -9.84 10.46
N GLY A 1 14.43 -15.74 6.45
CA GLY A 1 15.20 -14.68 7.08
C GLY A 1 15.81 -15.11 8.40
N SER A 2 16.40 -14.17 9.11
CA SER A 2 17.03 -14.47 10.40
C SER A 2 16.37 -13.67 11.52
N SER A 3 16.00 -12.43 11.22
CA SER A 3 15.36 -11.57 12.21
C SER A 3 13.93 -11.23 11.79
N GLY A 4 13.73 -11.07 10.48
CA GLY A 4 12.42 -10.75 9.97
C GLY A 4 12.46 -9.66 8.92
N SER A 5 12.25 -10.06 7.66
CA SER A 5 12.27 -9.12 6.55
C SER A 5 11.56 -9.69 5.33
N SER A 6 11.22 -8.82 4.39
CA SER A 6 10.54 -9.24 3.17
C SER A 6 9.17 -9.85 3.50
N GLY A 7 8.17 -8.99 3.62
CA GLY A 7 6.83 -9.44 3.94
C GLY A 7 5.76 -8.71 3.15
N VAL A 8 5.90 -7.39 3.06
CA VAL A 8 4.94 -6.57 2.33
C VAL A 8 4.85 -6.99 0.86
N SER A 9 5.93 -7.60 0.36
CA SER A 9 5.96 -8.06 -1.02
C SER A 9 5.05 -9.26 -1.22
N LYS A 10 4.84 -10.02 -0.15
CA LYS A 10 3.98 -11.20 -0.21
C LYS A 10 2.67 -10.96 0.52
N TRP A 11 2.29 -9.69 0.65
CA TRP A 11 1.05 -9.33 1.33
C TRP A 11 -0.16 -9.69 0.48
N SER A 12 -1.09 -10.44 1.06
CA SER A 12 -2.30 -10.86 0.35
C SER A 12 -3.10 -9.63 -0.11
N PRO A 13 -3.99 -9.85 -1.09
CA PRO A 13 -4.83 -8.78 -1.63
C PRO A 13 -5.89 -8.33 -0.64
N SER A 14 -6.17 -9.17 0.35
CA SER A 14 -7.17 -8.85 1.37
C SER A 14 -6.52 -8.20 2.59
N GLN A 15 -5.25 -8.51 2.80
CA GLN A 15 -4.50 -7.97 3.93
C GLN A 15 -4.33 -6.45 3.79
N VAL A 16 -3.91 -6.03 2.60
CA VAL A 16 -3.70 -4.60 2.33
C VAL A 16 -4.93 -3.79 2.73
N VAL A 17 -6.10 -4.40 2.63
CA VAL A 17 -7.36 -3.73 2.97
C VAL A 17 -7.38 -3.35 4.45
N ASP A 18 -6.88 -4.25 5.29
CA ASP A 18 -6.85 -4.02 6.73
C ASP A 18 -5.90 -2.88 7.07
N TRP A 19 -4.90 -2.67 6.22
CA TRP A 19 -3.93 -1.61 6.43
C TRP A 19 -4.56 -0.23 6.24
N MET A 20 -5.36 -0.10 5.19
CA MET A 20 -6.03 1.17 4.90
C MET A 20 -6.99 1.55 6.02
N LYS A 21 -7.42 0.56 6.78
CA LYS A 21 -8.34 0.79 7.89
C LYS A 21 -7.66 1.60 9.00
N GLY A 22 -6.33 1.70 8.92
CA GLY A 22 -5.60 2.44 9.93
C GLY A 22 -4.89 3.65 9.34
N LEU A 23 -5.38 4.13 8.20
CA LEU A 23 -4.79 5.29 7.55
C LEU A 23 -5.76 6.47 7.57
N ASP A 24 -5.42 7.52 6.82
CA ASP A 24 -6.26 8.71 6.76
C ASP A 24 -7.70 8.35 6.42
N ASP A 25 -8.63 9.13 6.96
CA ASP A 25 -10.05 8.89 6.72
C ASP A 25 -10.39 9.07 5.25
N CYS A 26 -9.59 9.88 4.56
CA CYS A 26 -9.82 10.14 3.13
C CYS A 26 -9.49 8.91 2.31
N LEU A 27 -8.66 8.02 2.85
CA LEU A 27 -8.26 6.80 2.16
C LEU A 27 -9.15 5.63 2.57
N GLN A 28 -10.34 5.95 3.07
CA GLN A 28 -11.29 4.92 3.50
C GLN A 28 -12.23 4.55 2.37
N GLN A 29 -12.81 5.56 1.73
CA GLN A 29 -13.74 5.34 0.64
C GLN A 29 -13.10 4.50 -0.47
N TYR A 30 -11.77 4.56 -0.55
CA TYR A 30 -11.03 3.81 -1.56
C TYR A 30 -10.94 2.33 -1.18
N ILE A 31 -11.02 2.06 0.12
CA ILE A 31 -10.95 0.69 0.61
C ILE A 31 -11.95 -0.21 -0.11
N LYS A 32 -13.18 0.26 -0.26
CA LYS A 32 -14.22 -0.49 -0.94
C LYS A 32 -13.77 -0.88 -2.34
N ASN A 33 -12.90 -0.08 -2.93
CA ASN A 33 -12.39 -0.35 -4.26
C ASN A 33 -11.22 -1.32 -4.22
N PHE A 34 -10.46 -1.28 -3.13
CA PHE A 34 -9.30 -2.15 -2.97
C PHE A 34 -9.74 -3.59 -2.70
N GLU A 35 -10.94 -3.74 -2.13
CA GLU A 35 -11.48 -5.06 -1.81
C GLU A 35 -11.92 -5.77 -3.09
N ARG A 36 -12.49 -5.03 -4.02
CA ARG A 36 -12.96 -5.60 -5.28
C ARG A 36 -11.80 -5.77 -6.26
N GLU A 37 -10.81 -4.88 -6.16
CA GLU A 37 -9.64 -4.95 -7.04
C GLU A 37 -8.62 -5.96 -6.53
N LYS A 38 -8.71 -6.27 -5.24
CA LYS A 38 -7.79 -7.23 -4.63
C LYS A 38 -6.34 -6.76 -4.77
N ILE A 39 -6.09 -5.50 -4.42
CA ILE A 39 -4.75 -4.93 -4.50
C ILE A 39 -3.78 -5.68 -3.59
N SER A 40 -2.86 -6.41 -4.21
CA SER A 40 -1.87 -7.18 -3.46
C SER A 40 -0.70 -6.29 -3.04
N GLY A 41 0.11 -6.80 -2.11
CA GLY A 41 1.25 -6.04 -1.63
C GLY A 41 2.26 -5.76 -2.73
N ASP A 42 2.55 -6.78 -3.53
CA ASP A 42 3.50 -6.65 -4.63
C ASP A 42 3.16 -5.46 -5.51
N GLN A 43 1.87 -5.14 -5.59
CA GLN A 43 1.40 -4.02 -6.41
C GLN A 43 1.35 -2.73 -5.57
N LEU A 44 1.11 -2.89 -4.28
CA LEU A 44 1.03 -1.74 -3.37
C LEU A 44 2.40 -1.11 -3.17
N LEU A 45 3.42 -1.96 -3.03
CA LEU A 45 4.79 -1.48 -2.83
C LEU A 45 5.26 -0.67 -4.04
N ARG A 46 4.85 -1.09 -5.22
CA ARG A 46 5.23 -0.41 -6.45
C ARG A 46 4.03 0.30 -7.07
N ILE A 47 3.14 0.80 -6.22
CA ILE A 47 1.95 1.50 -6.69
C ILE A 47 2.29 2.93 -7.10
N THR A 48 1.75 3.35 -8.25
CA THR A 48 1.98 4.70 -8.76
C THR A 48 0.68 5.46 -8.94
N HIS A 49 0.79 6.77 -9.10
CA HIS A 49 -0.39 7.61 -9.29
C HIS A 49 -1.27 7.08 -10.42
N GLN A 50 -0.64 6.54 -11.45
CA GLN A 50 -1.37 6.00 -12.60
C GLN A 50 -2.23 4.81 -12.18
N GLU A 51 -1.72 4.02 -11.23
CA GLU A 51 -2.44 2.86 -10.73
C GLU A 51 -3.56 3.27 -9.79
N LEU A 52 -3.24 4.13 -8.83
CA LEU A 52 -4.22 4.61 -7.85
C LEU A 52 -5.45 5.16 -8.55
N GLU A 53 -5.23 5.90 -9.64
CA GLU A 53 -6.32 6.49 -10.40
C GLU A 53 -7.30 5.41 -10.87
N ASP A 54 -6.77 4.21 -11.12
CA ASP A 54 -7.59 3.10 -11.58
C ASP A 54 -8.55 2.64 -10.48
N LEU A 55 -8.10 2.74 -9.24
CA LEU A 55 -8.91 2.34 -8.09
C LEU A 55 -10.06 3.31 -7.86
N GLY A 56 -9.84 4.57 -8.24
CA GLY A 56 -10.86 5.58 -8.06
C GLY A 56 -10.31 6.89 -7.52
N VAL A 57 -9.13 6.82 -6.92
CA VAL A 57 -8.49 8.00 -6.37
C VAL A 57 -8.19 9.03 -7.46
N SER A 58 -9.11 9.98 -7.63
CA SER A 58 -8.93 11.02 -8.64
C SER A 58 -8.10 12.18 -8.09
N ARG A 59 -8.39 12.57 -6.86
CA ARG A 59 -7.67 13.68 -6.23
C ARG A 59 -6.17 13.37 -6.17
N ILE A 60 -5.37 14.41 -5.98
CA ILE A 60 -3.92 14.25 -5.89
C ILE A 60 -3.45 14.23 -4.44
N GLY A 61 -4.09 15.04 -3.60
CA GLY A 61 -3.72 15.09 -2.20
C GLY A 61 -3.91 13.75 -1.51
N HIS A 62 -4.77 12.90 -2.07
CA HIS A 62 -5.03 11.59 -1.50
C HIS A 62 -4.02 10.56 -2.01
N GLN A 63 -3.78 10.60 -3.33
CA GLN A 63 -2.85 9.66 -3.95
C GLN A 63 -1.51 9.69 -3.24
N GLU A 64 -1.14 10.85 -2.71
CA GLU A 64 0.12 11.01 -2.01
C GLU A 64 -0.01 10.58 -0.54
N LEU A 65 -1.21 10.76 0.01
CA LEU A 65 -1.46 10.40 1.40
C LEU A 65 -1.12 8.94 1.66
N ILE A 66 -1.53 8.07 0.73
CA ILE A 66 -1.26 6.65 0.86
C ILE A 66 0.23 6.34 0.67
N LEU A 67 0.79 6.84 -0.43
CA LEU A 67 2.19 6.64 -0.73
C LEU A 67 3.07 7.04 0.45
N GLU A 68 2.79 8.21 1.01
CA GLU A 68 3.56 8.71 2.16
C GLU A 68 3.58 7.68 3.28
N ALA A 69 2.55 6.86 3.35
CA ALA A 69 2.45 5.83 4.37
C ALA A 69 3.21 4.57 3.97
N VAL A 70 3.06 4.18 2.70
CA VAL A 70 3.72 3.00 2.19
C VAL A 70 5.23 3.09 2.36
N ASP A 71 5.76 4.30 2.24
CA ASP A 71 7.19 4.54 2.38
C ASP A 71 7.69 4.02 3.74
N LEU A 72 6.81 4.02 4.72
CA LEU A 72 7.16 3.55 6.07
C LEU A 72 7.14 2.03 6.13
N LEU A 73 6.27 1.41 5.35
CA LEU A 73 6.16 -0.04 5.31
C LEU A 73 7.45 -0.67 4.80
N CYS A 74 7.99 -0.11 3.73
CA CYS A 74 9.23 -0.62 3.15
C CYS A 74 10.44 -0.20 3.99
N ALA A 75 10.32 0.93 4.67
CA ALA A 75 11.40 1.44 5.51
C ALA A 75 11.64 0.52 6.71
N LEU A 76 10.58 0.27 7.47
CA LEU A 76 10.67 -0.59 8.64
C LEU A 76 11.13 -1.99 8.27
N ASN A 77 10.85 -2.38 7.02
CA ASN A 77 11.23 -3.70 6.53
C ASN A 77 12.75 -3.83 6.44
N SER A 78 13.42 -2.73 6.16
CA SER A 78 14.87 -2.72 6.04
C SER A 78 15.49 -1.86 7.14
N GLY A 79 16.80 -1.66 7.05
CA GLY A 79 17.51 -0.86 8.04
C GLY A 79 18.09 -1.70 9.16
N PRO A 80 19.15 -2.45 8.84
CA PRO A 80 19.83 -3.32 9.82
C PRO A 80 20.59 -2.53 10.87
N SER A 81 20.07 -2.54 12.10
CA SER A 81 20.70 -1.82 13.20
C SER A 81 20.86 -2.71 14.42
N SER A 82 22.09 -2.84 14.90
CA SER A 82 22.37 -3.66 16.07
C SER A 82 22.15 -2.89 17.36
N GLY A 83 22.74 -1.70 17.44
CA GLY A 83 22.60 -0.87 18.63
C GLY A 83 23.65 -1.17 19.68
N GLY A 1 9.40 -21.89 -0.76
CA GLY A 1 8.43 -20.90 -1.20
C GLY A 1 8.85 -19.48 -0.84
N SER A 2 9.63 -19.35 0.24
CA SER A 2 10.09 -18.04 0.68
C SER A 2 11.61 -17.98 0.71
N SER A 3 12.17 -17.06 -0.07
CA SER A 3 13.62 -16.90 -0.14
C SER A 3 13.99 -15.43 -0.34
N GLY A 4 13.24 -14.54 0.31
CA GLY A 4 13.51 -13.12 0.19
C GLY A 4 13.16 -12.36 1.46
N SER A 5 13.51 -11.08 1.49
CA SER A 5 13.23 -10.24 2.65
C SER A 5 12.41 -9.01 2.26
N SER A 6 11.16 -8.98 2.68
CA SER A 6 10.27 -7.86 2.37
C SER A 6 8.97 -7.96 3.17
N GLY A 7 8.20 -9.01 2.90
CA GLY A 7 6.94 -9.20 3.60
C GLY A 7 5.81 -8.42 2.97
N VAL A 8 5.93 -7.09 2.96
CA VAL A 8 4.91 -6.23 2.38
C VAL A 8 4.68 -6.55 0.90
N SER A 9 5.70 -7.12 0.27
CA SER A 9 5.61 -7.47 -1.14
C SER A 9 4.74 -8.72 -1.34
N LYS A 10 4.76 -9.60 -0.34
CA LYS A 10 3.98 -10.83 -0.40
C LYS A 10 2.69 -10.70 0.40
N TRP A 11 2.24 -9.46 0.58
CA TRP A 11 1.02 -9.19 1.33
C TRP A 11 -0.22 -9.58 0.51
N SER A 12 -1.11 -10.35 1.13
CA SER A 12 -2.32 -10.80 0.46
C SER A 12 -3.15 -9.62 -0.01
N PRO A 13 -4.06 -9.88 -0.96
CA PRO A 13 -4.93 -8.85 -1.53
C PRO A 13 -5.98 -8.35 -0.53
N SER A 14 -6.25 -9.18 0.48
CA SER A 14 -7.23 -8.83 1.51
C SER A 14 -6.55 -8.18 2.70
N GLN A 15 -5.28 -8.49 2.90
CA GLN A 15 -4.52 -7.93 4.01
C GLN A 15 -4.35 -6.42 3.85
N VAL A 16 -3.92 -6.00 2.67
CA VAL A 16 -3.72 -4.59 2.38
C VAL A 16 -4.96 -3.77 2.75
N VAL A 17 -6.13 -4.40 2.64
CA VAL A 17 -7.39 -3.73 2.97
C VAL A 17 -7.45 -3.35 4.43
N ASP A 18 -6.98 -4.25 5.29
CA ASP A 18 -6.98 -4.01 6.73
C ASP A 18 -6.03 -2.87 7.09
N TRP A 19 -5.01 -2.67 6.26
CA TRP A 19 -4.02 -1.63 6.49
C TRP A 19 -4.64 -0.25 6.30
N MET A 20 -5.43 -0.09 5.24
CA MET A 20 -6.08 1.18 4.94
C MET A 20 -7.04 1.56 6.06
N LYS A 21 -7.49 0.57 6.82
CA LYS A 21 -8.42 0.81 7.92
C LYS A 21 -7.74 1.60 9.03
N GLY A 22 -6.42 1.69 8.97
CA GLY A 22 -5.67 2.42 9.97
C GLY A 22 -4.96 3.63 9.40
N LEU A 23 -5.43 4.12 8.26
CA LEU A 23 -4.83 5.27 7.61
C LEU A 23 -5.77 6.47 7.62
N ASP A 24 -5.42 7.51 6.87
CA ASP A 24 -6.24 8.71 6.79
C ASP A 24 -7.68 8.36 6.44
N ASP A 25 -8.62 9.07 7.05
CA ASP A 25 -10.04 8.83 6.80
C ASP A 25 -10.37 9.01 5.32
N CYS A 26 -9.57 9.81 4.63
CA CYS A 26 -9.78 10.07 3.21
C CYS A 26 -9.46 8.82 2.39
N LEU A 27 -8.65 7.93 2.95
CA LEU A 27 -8.27 6.71 2.27
C LEU A 27 -9.18 5.55 2.66
N GLN A 28 -10.37 5.89 3.15
CA GLN A 28 -11.34 4.88 3.56
C GLN A 28 -12.27 4.52 2.41
N GLN A 29 -12.84 5.54 1.77
CA GLN A 29 -13.76 5.33 0.66
C GLN A 29 -13.10 4.51 -0.44
N TYR A 30 -11.77 4.57 -0.51
CA TYR A 30 -11.01 3.83 -1.51
C TYR A 30 -10.91 2.35 -1.14
N ILE A 31 -11.03 2.06 0.14
CA ILE A 31 -10.95 0.69 0.63
C ILE A 31 -11.92 -0.21 -0.13
N LYS A 32 -13.13 0.29 -0.36
CA LYS A 32 -14.15 -0.47 -1.08
C LYS A 32 -13.64 -0.88 -2.46
N ASN A 33 -12.77 -0.07 -3.04
CA ASN A 33 -12.21 -0.35 -4.35
C ASN A 33 -11.09 -1.37 -4.26
N PHE A 34 -10.40 -1.39 -3.12
CA PHE A 34 -9.29 -2.32 -2.90
C PHE A 34 -9.82 -3.71 -2.60
N GLU A 35 -11.02 -3.78 -2.03
CA GLU A 35 -11.63 -5.06 -1.69
C GLU A 35 -12.11 -5.79 -2.94
N ARG A 36 -12.44 -5.02 -3.97
CA ARG A 36 -12.91 -5.58 -5.23
C ARG A 36 -11.77 -5.72 -6.23
N GLU A 37 -10.75 -4.88 -6.08
CA GLU A 37 -9.60 -4.90 -6.98
C GLU A 37 -8.59 -5.95 -6.53
N LYS A 38 -8.66 -6.33 -5.26
CA LYS A 38 -7.75 -7.32 -4.70
C LYS A 38 -6.30 -6.86 -4.81
N ILE A 39 -6.07 -5.58 -4.51
CA ILE A 39 -4.73 -5.02 -4.56
C ILE A 39 -3.75 -5.82 -3.70
N SER A 40 -2.84 -6.54 -4.38
CA SER A 40 -1.86 -7.35 -3.67
C SER A 40 -0.67 -6.50 -3.22
N GLY A 41 0.04 -6.98 -2.21
CA GLY A 41 1.18 -6.26 -1.71
C GLY A 41 2.21 -5.97 -2.78
N ASP A 42 2.52 -6.98 -3.59
CA ASP A 42 3.50 -6.82 -4.67
C ASP A 42 3.16 -5.62 -5.53
N GLN A 43 1.87 -5.30 -5.63
CA GLN A 43 1.43 -4.17 -6.44
C GLN A 43 1.47 -2.88 -5.63
N LEU A 44 1.13 -2.99 -4.34
CA LEU A 44 1.12 -1.82 -3.46
C LEU A 44 2.53 -1.28 -3.27
N LEU A 45 3.47 -2.16 -2.97
CA LEU A 45 4.86 -1.76 -2.77
C LEU A 45 5.40 -1.02 -3.98
N ARG A 46 4.82 -1.29 -5.14
CA ARG A 46 5.24 -0.64 -6.39
C ARG A 46 4.08 0.12 -7.02
N ILE A 47 3.14 0.57 -6.18
CA ILE A 47 1.99 1.32 -6.67
C ILE A 47 2.40 2.70 -7.17
N THR A 48 1.87 3.07 -8.33
CA THR A 48 2.18 4.37 -8.92
C THR A 48 0.92 5.22 -9.08
N HIS A 49 1.10 6.50 -9.36
CA HIS A 49 -0.01 7.42 -9.53
C HIS A 49 -0.98 6.89 -10.59
N GLN A 50 -0.44 6.22 -11.60
CA GLN A 50 -1.26 5.67 -12.69
C GLN A 50 -2.13 4.54 -12.18
N GLU A 51 -1.64 3.81 -11.18
CA GLU A 51 -2.37 2.69 -10.60
C GLU A 51 -3.49 3.19 -9.68
N LEU A 52 -3.14 4.14 -8.81
CA LEU A 52 -4.10 4.70 -7.87
C LEU A 52 -5.34 5.22 -8.60
N GLU A 53 -5.11 5.94 -9.70
CA GLU A 53 -6.20 6.49 -10.49
C GLU A 53 -7.21 5.41 -10.86
N ASP A 54 -6.72 4.19 -11.02
CA ASP A 54 -7.58 3.07 -11.37
C ASP A 54 -8.46 2.66 -10.19
N LEU A 55 -7.88 2.71 -8.99
CA LEU A 55 -8.61 2.34 -7.79
C LEU A 55 -9.73 3.35 -7.49
N GLY A 56 -9.53 4.59 -7.92
CA GLY A 56 -10.52 5.61 -7.70
C GLY A 56 -9.93 6.91 -7.19
N VAL A 57 -8.72 6.82 -6.64
CA VAL A 57 -8.03 7.99 -6.11
C VAL A 57 -7.69 8.97 -7.21
N SER A 58 -8.58 9.94 -7.45
CA SER A 58 -8.36 10.94 -8.48
C SER A 58 -7.65 12.17 -7.92
N ARG A 59 -8.06 12.56 -6.71
CA ARG A 59 -7.46 13.72 -6.06
C ARG A 59 -5.94 13.60 -6.00
N ILE A 60 -5.28 14.67 -5.57
CA ILE A 60 -3.82 14.68 -5.47
C ILE A 60 -3.38 14.46 -4.03
N GLY A 61 -3.96 15.22 -3.10
CA GLY A 61 -3.62 15.09 -1.70
C GLY A 61 -3.79 13.68 -1.18
N HIS A 62 -4.73 12.95 -1.79
CA HIS A 62 -5.00 11.57 -1.39
C HIS A 62 -3.94 10.62 -1.95
N GLN A 63 -3.66 10.75 -3.25
CA GLN A 63 -2.68 9.91 -3.91
C GLN A 63 -1.35 9.91 -3.14
N GLU A 64 -1.04 11.05 -2.52
CA GLU A 64 0.20 11.18 -1.77
C GLU A 64 0.02 10.66 -0.34
N LEU A 65 -1.21 10.72 0.15
CA LEU A 65 -1.52 10.25 1.50
C LEU A 65 -1.21 8.76 1.64
N ILE A 66 -1.68 7.97 0.68
CA ILE A 66 -1.44 6.53 0.70
C ILE A 66 0.03 6.20 0.49
N LEU A 67 0.61 6.79 -0.56
CA LEU A 67 2.02 6.57 -0.87
C LEU A 67 2.91 6.95 0.31
N GLU A 68 2.68 8.13 0.87
CA GLU A 68 3.46 8.62 2.00
C GLU A 68 3.49 7.58 3.12
N ALA A 69 2.42 6.79 3.22
CA ALA A 69 2.32 5.76 4.24
C ALA A 69 3.04 4.49 3.81
N VAL A 70 3.05 4.24 2.50
CA VAL A 70 3.70 3.05 1.96
C VAL A 70 5.20 3.10 2.20
N ASP A 71 5.80 4.27 2.05
CA ASP A 71 7.22 4.45 2.25
C ASP A 71 7.65 3.90 3.61
N LEU A 72 6.78 4.03 4.60
CA LEU A 72 7.07 3.55 5.95
C LEU A 72 7.04 2.03 5.99
N LEU A 73 6.11 1.43 5.24
CA LEU A 73 5.98 -0.01 5.20
C LEU A 73 7.27 -0.67 4.71
N CYS A 74 7.94 -0.01 3.77
CA CYS A 74 9.18 -0.52 3.20
C CYS A 74 10.36 -0.20 4.12
N ALA A 75 10.44 1.05 4.55
CA ALA A 75 11.51 1.49 5.44
C ALA A 75 11.61 0.60 6.67
N LEU A 76 10.49 0.43 7.36
CA LEU A 76 10.45 -0.40 8.55
C LEU A 76 10.97 -1.80 8.27
N ASN A 77 10.81 -2.24 7.02
CA ASN A 77 11.26 -3.57 6.61
C ASN A 77 12.45 -3.46 5.67
N SER A 78 13.59 -3.02 6.20
CA SER A 78 14.80 -2.87 5.40
C SER A 78 15.97 -2.42 6.27
N GLY A 79 17.19 -2.62 5.77
CA GLY A 79 18.37 -2.24 6.51
C GLY A 79 19.10 -3.44 7.09
N PRO A 80 19.79 -4.20 6.23
CA PRO A 80 20.54 -5.38 6.64
C PRO A 80 21.77 -5.03 7.46
N SER A 81 21.57 -4.74 8.74
CA SER A 81 22.67 -4.39 9.63
C SER A 81 23.33 -3.09 9.18
N SER A 82 24.39 -2.70 9.88
CA SER A 82 25.12 -1.48 9.56
C SER A 82 26.32 -1.79 8.67
N GLY A 83 27.18 -2.68 9.13
CA GLY A 83 28.35 -3.05 8.36
C GLY A 83 29.54 -2.17 8.67
N GLY A 1 11.15 -20.46 -3.16
CA GLY A 1 11.47 -20.61 -1.76
C GLY A 1 11.80 -19.28 -1.09
N SER A 2 13.03 -18.81 -1.29
CA SER A 2 13.47 -17.55 -0.70
C SER A 2 14.47 -16.85 -1.62
N SER A 3 14.05 -15.73 -2.20
CA SER A 3 14.92 -14.97 -3.10
C SER A 3 15.16 -13.57 -2.55
N GLY A 4 14.08 -12.84 -2.30
CA GLY A 4 14.20 -11.49 -1.79
C GLY A 4 14.16 -11.45 -0.27
N SER A 5 13.73 -10.32 0.28
CA SER A 5 13.65 -10.16 1.73
C SER A 5 12.67 -9.05 2.10
N SER A 6 11.38 -9.33 1.97
CA SER A 6 10.35 -8.36 2.28
C SER A 6 8.98 -9.03 2.43
N GLY A 7 8.29 -8.73 3.52
CA GLY A 7 6.98 -9.30 3.76
C GLY A 7 5.87 -8.55 3.07
N VAL A 8 5.94 -7.22 3.10
CA VAL A 8 4.93 -6.38 2.47
C VAL A 8 4.78 -6.72 1.00
N SER A 9 5.84 -7.27 0.41
CA SER A 9 5.83 -7.63 -1.00
C SER A 9 4.97 -8.87 -1.23
N LYS A 10 4.84 -9.70 -0.21
CA LYS A 10 4.04 -10.91 -0.29
C LYS A 10 2.73 -10.76 0.46
N TRP A 11 2.29 -9.52 0.64
CA TRP A 11 1.05 -9.23 1.34
C TRP A 11 -0.16 -9.61 0.50
N SER A 12 -1.07 -10.38 1.09
CA SER A 12 -2.27 -10.81 0.38
C SER A 12 -3.08 -9.62 -0.10
N PRO A 13 -3.98 -9.86 -1.07
CA PRO A 13 -4.83 -8.81 -1.64
C PRO A 13 -5.90 -8.34 -0.66
N SER A 14 -6.19 -9.17 0.34
CA SER A 14 -7.19 -8.85 1.34
C SER A 14 -6.54 -8.21 2.56
N GLN A 15 -5.27 -8.51 2.79
CA GLN A 15 -4.54 -7.96 3.92
C GLN A 15 -4.37 -6.46 3.78
N VAL A 16 -3.96 -6.02 2.59
CA VAL A 16 -3.75 -4.61 2.33
C VAL A 16 -4.98 -3.79 2.73
N VAL A 17 -6.16 -4.40 2.60
CA VAL A 17 -7.40 -3.73 2.95
C VAL A 17 -7.44 -3.37 4.43
N ASP A 18 -6.93 -4.27 5.26
CA ASP A 18 -6.91 -4.05 6.70
C ASP A 18 -5.96 -2.91 7.06
N TRP A 19 -4.95 -2.71 6.21
CA TRP A 19 -3.97 -1.65 6.45
C TRP A 19 -4.60 -0.27 6.26
N MET A 20 -5.40 -0.13 5.20
CA MET A 20 -6.06 1.14 4.90
C MET A 20 -7.00 1.53 6.04
N LYS A 21 -7.45 0.54 6.79
CA LYS A 21 -8.35 0.78 7.91
C LYS A 21 -7.66 1.57 9.02
N GLY A 22 -6.34 1.67 8.93
CA GLY A 22 -5.59 2.41 9.93
C GLY A 22 -4.88 3.61 9.35
N LEU A 23 -5.37 4.10 8.21
CA LEU A 23 -4.77 5.25 7.55
C LEU A 23 -5.72 6.44 7.58
N ASP A 24 -5.38 7.49 6.82
CA ASP A 24 -6.21 8.68 6.76
C ASP A 24 -7.65 8.34 6.43
N ASP A 25 -8.58 9.14 6.92
CA ASP A 25 -10.00 8.92 6.68
C ASP A 25 -10.33 9.09 5.21
N CYS A 26 -9.53 9.89 4.51
CA CYS A 26 -9.75 10.13 3.09
C CYS A 26 -9.43 8.88 2.27
N LEU A 27 -8.63 8.00 2.83
CA LEU A 27 -8.25 6.76 2.16
C LEU A 27 -9.17 5.61 2.56
N GLN A 28 -10.36 5.96 3.04
CA GLN A 28 -11.33 4.96 3.48
C GLN A 28 -12.26 4.58 2.33
N GLN A 29 -12.82 5.59 1.67
CA GLN A 29 -13.73 5.37 0.55
C GLN A 29 -13.06 4.51 -0.53
N TYR A 30 -11.74 4.57 -0.58
CA TYR A 30 -10.99 3.80 -1.57
C TYR A 30 -10.91 2.33 -1.18
N ILE A 31 -11.01 2.06 0.13
CA ILE A 31 -10.96 0.70 0.63
C ILE A 31 -11.95 -0.20 -0.10
N LYS A 32 -13.17 0.29 -0.27
CA LYS A 32 -14.21 -0.47 -0.96
C LYS A 32 -13.76 -0.84 -2.37
N ASN A 33 -12.90 -0.02 -2.95
CA ASN A 33 -12.40 -0.26 -4.29
C ASN A 33 -11.20 -1.21 -4.27
N PHE A 34 -10.46 -1.20 -3.16
CA PHE A 34 -9.29 -2.05 -3.02
C PHE A 34 -9.71 -3.50 -2.77
N GLU A 35 -10.90 -3.67 -2.19
CA GLU A 35 -11.40 -5.01 -1.90
C GLU A 35 -11.78 -5.75 -3.19
N ARG A 36 -12.42 -5.02 -4.11
CA ARG A 36 -12.84 -5.60 -5.37
C ARG A 36 -11.67 -5.70 -6.34
N GLU A 37 -10.69 -4.81 -6.17
CA GLU A 37 -9.51 -4.80 -7.03
C GLU A 37 -8.49 -5.84 -6.57
N LYS A 38 -8.60 -6.24 -5.31
CA LYS A 38 -7.69 -7.23 -4.74
C LYS A 38 -6.24 -6.76 -4.84
N ILE A 39 -6.02 -5.49 -4.49
CA ILE A 39 -4.68 -4.92 -4.53
C ILE A 39 -3.72 -5.69 -3.62
N SER A 40 -2.79 -6.40 -4.22
CA SER A 40 -1.81 -7.18 -3.46
C SER A 40 -0.63 -6.31 -3.05
N GLY A 41 0.13 -6.78 -2.07
CA GLY A 41 1.29 -6.05 -1.58
C GLY A 41 2.27 -5.72 -2.69
N ASP A 42 2.58 -6.72 -3.52
CA ASP A 42 3.51 -6.53 -4.62
C ASP A 42 3.11 -5.34 -5.47
N GLN A 43 1.82 -5.06 -5.52
CA GLN A 43 1.31 -3.94 -6.31
C GLN A 43 1.32 -2.65 -5.50
N LEU A 44 1.20 -2.78 -4.18
CA LEU A 44 1.19 -1.64 -3.29
C LEU A 44 2.59 -1.04 -3.16
N LEU A 45 3.58 -1.90 -2.94
CA LEU A 45 4.97 -1.47 -2.80
C LEU A 45 5.41 -0.67 -4.02
N ARG A 46 4.86 -1.02 -5.18
CA ARG A 46 5.20 -0.33 -6.42
C ARG A 46 4.00 0.44 -6.96
N ILE A 47 3.11 0.86 -6.07
CA ILE A 47 1.92 1.60 -6.46
C ILE A 47 2.28 2.97 -7.01
N THR A 48 1.64 3.35 -8.11
CA THR A 48 1.90 4.64 -8.73
C THR A 48 0.60 5.40 -8.98
N HIS A 49 0.72 6.66 -9.36
CA HIS A 49 -0.46 7.49 -9.64
C HIS A 49 -1.39 6.81 -10.64
N GLN A 50 -0.81 6.23 -11.68
CA GLN A 50 -1.59 5.56 -12.70
C GLN A 50 -2.48 4.47 -12.08
N GLU A 51 -1.86 3.57 -11.33
CA GLU A 51 -2.59 2.49 -10.69
C GLU A 51 -3.69 3.04 -9.77
N LEU A 52 -3.32 4.00 -8.94
CA LEU A 52 -4.26 4.63 -8.02
C LEU A 52 -5.50 5.10 -8.75
N GLU A 53 -5.31 5.76 -9.88
CA GLU A 53 -6.42 6.27 -10.68
C GLU A 53 -7.41 5.15 -11.01
N ASP A 54 -6.88 4.00 -11.39
CA ASP A 54 -7.71 2.85 -11.73
C ASP A 54 -8.65 2.50 -10.58
N LEU A 55 -8.14 2.61 -9.36
CA LEU A 55 -8.94 2.30 -8.17
C LEU A 55 -10.01 3.37 -7.95
N GLY A 56 -9.75 4.58 -8.43
CA GLY A 56 -10.70 5.65 -8.28
C GLY A 56 -10.06 6.91 -7.73
N VAL A 57 -8.90 6.76 -7.11
CA VAL A 57 -8.18 7.90 -6.54
C VAL A 57 -7.75 8.87 -7.63
N SER A 58 -8.59 9.87 -7.89
CA SER A 58 -8.29 10.88 -8.90
C SER A 58 -7.63 12.10 -8.28
N ARG A 59 -7.90 12.33 -7.00
CA ARG A 59 -7.33 13.47 -6.29
C ARG A 59 -5.81 13.39 -6.26
N ILE A 60 -5.18 14.44 -5.77
CA ILE A 60 -3.71 14.49 -5.69
C ILE A 60 -3.24 14.31 -4.26
N GLY A 61 -3.81 15.08 -3.35
CA GLY A 61 -3.43 14.98 -1.95
C GLY A 61 -3.62 13.59 -1.38
N HIS A 62 -4.71 12.94 -1.77
CA HIS A 62 -5.01 11.58 -1.30
C HIS A 62 -4.01 10.58 -1.87
N GLN A 63 -3.68 10.76 -3.15
CA GLN A 63 -2.73 9.86 -3.82
C GLN A 63 -1.40 9.82 -3.08
N GLU A 64 -0.98 10.98 -2.57
CA GLU A 64 0.28 11.07 -1.85
C GLU A 64 0.12 10.59 -0.41
N LEU A 65 -1.07 10.79 0.15
CA LEU A 65 -1.36 10.38 1.51
C LEU A 65 -1.02 8.90 1.72
N ILE A 66 -1.48 8.06 0.80
CA ILE A 66 -1.22 6.63 0.88
C ILE A 66 0.26 6.33 0.72
N LEU A 67 0.86 6.87 -0.34
CA LEU A 67 2.28 6.65 -0.60
C LEU A 67 3.11 6.99 0.63
N GLU A 68 2.88 8.17 1.20
CA GLU A 68 3.61 8.61 2.38
C GLU A 68 3.52 7.56 3.49
N ALA A 69 2.44 6.80 3.50
CA ALA A 69 2.23 5.77 4.50
C ALA A 69 2.98 4.49 4.14
N VAL A 70 2.95 4.14 2.86
CA VAL A 70 3.62 2.94 2.38
C VAL A 70 5.13 3.06 2.55
N ASP A 71 5.65 4.26 2.36
CA ASP A 71 7.09 4.51 2.50
C ASP A 71 7.60 3.98 3.83
N LEU A 72 6.79 4.12 4.87
CA LEU A 72 7.17 3.65 6.20
C LEU A 72 7.20 2.13 6.26
N LEU A 73 6.28 1.50 5.54
CA LEU A 73 6.21 0.03 5.52
C LEU A 73 7.48 -0.55 4.90
N CYS A 74 7.88 -0.02 3.76
CA CYS A 74 9.07 -0.50 3.06
C CYS A 74 10.33 -0.11 3.83
N ALA A 75 10.27 1.02 4.53
CA ALA A 75 11.41 1.50 5.30
C ALA A 75 11.68 0.60 6.51
N LEU A 76 10.63 -0.05 6.99
CA LEU A 76 10.75 -0.94 8.14
C LEU A 76 11.32 -2.30 7.71
N ASN A 77 11.02 -2.70 6.48
CA ASN A 77 11.51 -3.97 5.95
C ASN A 77 12.75 -3.76 5.10
N SER A 78 13.83 -3.32 5.74
CA SER A 78 15.10 -3.08 5.05
C SER A 78 16.01 -4.29 5.14
N GLY A 79 16.27 -4.73 6.37
CA GLY A 79 17.13 -5.88 6.58
C GLY A 79 18.60 -5.53 6.47
N PRO A 80 19.47 -6.48 6.86
CA PRO A 80 20.92 -6.29 6.81
C PRO A 80 21.46 -6.25 5.39
N SER A 81 21.96 -5.09 4.98
CA SER A 81 22.50 -4.91 3.64
C SER A 81 23.95 -5.38 3.58
N SER A 82 24.26 -6.20 2.58
CA SER A 82 25.60 -6.73 2.41
C SER A 82 26.62 -5.60 2.31
N GLY A 83 27.87 -5.90 2.64
CA GLY A 83 28.92 -4.90 2.59
C GLY A 83 29.10 -4.19 3.91
N GLY A 1 22.01 -11.87 -3.95
CA GLY A 1 21.49 -12.04 -5.30
C GLY A 1 20.41 -11.04 -5.64
N SER A 2 19.23 -11.53 -5.96
CA SER A 2 18.10 -10.67 -6.32
C SER A 2 17.11 -10.56 -5.15
N SER A 3 16.84 -9.32 -4.75
CA SER A 3 15.92 -9.07 -3.65
C SER A 3 16.45 -9.66 -2.34
N GLY A 4 15.62 -9.66 -1.31
CA GLY A 4 16.02 -10.20 -0.03
C GLY A 4 14.88 -10.84 0.72
N SER A 5 14.44 -10.20 1.81
CA SER A 5 13.35 -10.72 2.61
C SER A 5 12.29 -9.64 2.85
N SER A 6 11.50 -9.36 1.82
CA SER A 6 10.46 -8.35 1.91
C SER A 6 9.09 -9.00 2.14
N GLY A 7 8.45 -8.65 3.25
CA GLY A 7 7.15 -9.20 3.56
C GLY A 7 6.01 -8.45 2.88
N VAL A 8 6.08 -7.13 2.93
CA VAL A 8 5.05 -6.29 2.31
C VAL A 8 4.89 -6.62 0.83
N SER A 9 5.95 -7.16 0.24
CA SER A 9 5.93 -7.51 -1.18
C SER A 9 5.07 -8.75 -1.42
N LYS A 10 4.96 -9.59 -0.38
CA LYS A 10 4.16 -10.81 -0.48
C LYS A 10 2.86 -10.66 0.30
N TRP A 11 2.42 -9.42 0.49
CA TRP A 11 1.17 -9.16 1.21
C TRP A 11 -0.03 -9.54 0.38
N SER A 12 -0.93 -10.33 0.96
CA SER A 12 -2.14 -10.77 0.27
C SER A 12 -2.98 -9.58 -0.17
N PRO A 13 -3.87 -9.81 -1.14
CA PRO A 13 -4.75 -8.77 -1.68
C PRO A 13 -5.81 -8.33 -0.67
N SER A 14 -6.07 -9.18 0.31
CA SER A 14 -7.07 -8.88 1.34
C SER A 14 -6.40 -8.25 2.57
N GLN A 15 -5.12 -8.54 2.76
CA GLN A 15 -4.38 -8.00 3.89
C GLN A 15 -4.23 -6.49 3.76
N VAL A 16 -3.84 -6.04 2.58
CA VAL A 16 -3.65 -4.61 2.32
C VAL A 16 -4.88 -3.82 2.73
N VAL A 17 -6.05 -4.42 2.59
CA VAL A 17 -7.30 -3.76 2.94
C VAL A 17 -7.34 -3.42 4.42
N ASP A 18 -6.79 -4.31 5.25
CA ASP A 18 -6.75 -4.10 6.69
C ASP A 18 -5.81 -2.95 7.05
N TRP A 19 -4.81 -2.72 6.20
CA TRP A 19 -3.83 -1.67 6.43
C TRP A 19 -4.48 -0.30 6.24
N MET A 20 -5.28 -0.16 5.19
CA MET A 20 -5.96 1.10 4.91
C MET A 20 -6.89 1.48 6.05
N LYS A 21 -7.33 0.49 6.81
CA LYS A 21 -8.23 0.72 7.93
C LYS A 21 -7.54 1.51 9.04
N GLY A 22 -6.21 1.60 8.94
CA GLY A 22 -5.45 2.34 9.94
C GLY A 22 -4.75 3.54 9.37
N LEU A 23 -5.24 4.03 8.23
CA LEU A 23 -4.66 5.20 7.59
C LEU A 23 -5.62 6.39 7.64
N ASP A 24 -5.29 7.44 6.90
CA ASP A 24 -6.12 8.64 6.87
C ASP A 24 -7.57 8.29 6.55
N ASP A 25 -8.49 9.08 7.09
CA ASP A 25 -9.92 8.85 6.87
C ASP A 25 -10.28 9.07 5.40
N CYS A 26 -9.50 9.90 4.72
CA CYS A 26 -9.74 10.20 3.31
C CYS A 26 -9.43 8.98 2.44
N LEU A 27 -8.59 8.08 2.96
CA LEU A 27 -8.20 6.89 2.23
C LEU A 27 -9.09 5.70 2.62
N GLN A 28 -10.27 6.01 3.14
CA GLN A 28 -11.22 4.97 3.55
C GLN A 28 -12.17 4.61 2.42
N GLN A 29 -12.73 5.63 1.78
CA GLN A 29 -13.65 5.42 0.66
C GLN A 29 -13.00 4.57 -0.43
N TYR A 30 -11.67 4.63 -0.50
CA TYR A 30 -10.93 3.87 -1.50
C TYR A 30 -10.86 2.39 -1.12
N ILE A 31 -10.95 2.12 0.17
CA ILE A 31 -10.90 0.74 0.67
C ILE A 31 -11.89 -0.15 -0.07
N LYS A 32 -13.12 0.35 -0.22
CA LYS A 32 -14.17 -0.40 -0.91
C LYS A 32 -13.72 -0.79 -2.31
N ASN A 33 -12.83 0.01 -2.89
CA ASN A 33 -12.33 -0.26 -4.23
C ASN A 33 -11.14 -1.21 -4.18
N PHE A 34 -10.41 -1.20 -3.07
CA PHE A 34 -9.25 -2.06 -2.90
C PHE A 34 -9.68 -3.51 -2.64
N GLU A 35 -10.87 -3.67 -2.06
CA GLU A 35 -11.40 -4.98 -1.76
C GLU A 35 -11.79 -5.73 -3.02
N ARG A 36 -12.41 -5.02 -3.96
CA ARG A 36 -12.83 -5.62 -5.22
C ARG A 36 -11.66 -5.71 -6.19
N GLU A 37 -10.72 -4.78 -6.08
CA GLU A 37 -9.55 -4.76 -6.95
C GLU A 37 -8.53 -5.80 -6.50
N LYS A 38 -8.61 -6.20 -5.24
CA LYS A 38 -7.69 -7.19 -4.68
C LYS A 38 -6.24 -6.72 -4.80
N ILE A 39 -6.02 -5.45 -4.46
CA ILE A 39 -4.68 -4.87 -4.52
C ILE A 39 -3.70 -5.67 -3.67
N SER A 40 -2.79 -6.37 -4.33
CA SER A 40 -1.78 -7.17 -3.63
C SER A 40 -0.59 -6.32 -3.23
N GLY A 41 0.15 -6.80 -2.22
CA GLY A 41 1.31 -6.07 -1.76
C GLY A 41 2.31 -5.78 -2.86
N ASP A 42 2.58 -6.79 -3.69
CA ASP A 42 3.51 -6.65 -4.79
C ASP A 42 3.14 -5.45 -5.68
N GLN A 43 1.85 -5.13 -5.71
CA GLN A 43 1.36 -4.01 -6.51
C GLN A 43 1.34 -2.72 -5.69
N LEU A 44 1.20 -2.87 -4.37
CA LEU A 44 1.17 -1.72 -3.48
C LEU A 44 2.55 -1.12 -3.30
N LEU A 45 3.53 -1.98 -3.02
CA LEU A 45 4.91 -1.53 -2.82
C LEU A 45 5.37 -0.68 -3.99
N ARG A 46 4.91 -1.03 -5.19
CA ARG A 46 5.28 -0.29 -6.40
C ARG A 46 4.08 0.44 -6.98
N ILE A 47 3.15 0.84 -6.11
CA ILE A 47 1.96 1.55 -6.55
C ILE A 47 2.30 2.91 -7.15
N THR A 48 1.74 3.19 -8.32
CA THR A 48 1.99 4.45 -9.00
C THR A 48 0.71 5.26 -9.15
N HIS A 49 0.84 6.51 -9.60
CA HIS A 49 -0.31 7.37 -9.79
C HIS A 49 -1.37 6.70 -10.67
N GLN A 50 -0.91 6.08 -11.75
CA GLN A 50 -1.82 5.40 -12.67
C GLN A 50 -2.62 4.32 -11.95
N GLU A 51 -1.94 3.52 -11.14
CA GLU A 51 -2.59 2.45 -10.39
C GLU A 51 -3.69 3.02 -9.49
N LEU A 52 -3.35 4.04 -8.71
CA LEU A 52 -4.30 4.66 -7.79
C LEU A 52 -5.47 5.25 -8.56
N GLU A 53 -5.18 5.90 -9.68
CA GLU A 53 -6.22 6.51 -10.52
C GLU A 53 -7.25 5.47 -10.95
N ASP A 54 -6.77 4.27 -11.25
CA ASP A 54 -7.65 3.18 -11.68
C ASP A 54 -8.64 2.82 -10.57
N LEU A 55 -8.13 2.65 -9.36
CA LEU A 55 -8.96 2.30 -8.22
C LEU A 55 -10.09 3.32 -8.04
N GLY A 56 -9.85 4.54 -8.50
CA GLY A 56 -10.85 5.59 -8.38
C GLY A 56 -10.28 6.87 -7.81
N VAL A 57 -9.14 6.76 -7.14
CA VAL A 57 -8.48 7.93 -6.55
C VAL A 57 -8.13 8.97 -7.61
N SER A 58 -9.00 9.95 -7.79
CA SER A 58 -8.79 11.00 -8.77
C SER A 58 -7.99 12.16 -8.16
N ARG A 59 -8.31 12.50 -6.92
CA ARG A 59 -7.63 13.58 -6.23
C ARG A 59 -6.13 13.34 -6.17
N ILE A 60 -5.36 14.40 -5.95
CA ILE A 60 -3.91 14.30 -5.86
C ILE A 60 -3.44 14.22 -4.41
N GLY A 61 -3.96 15.12 -3.58
CA GLY A 61 -3.59 15.14 -2.18
C GLY A 61 -3.77 13.79 -1.51
N HIS A 62 -4.69 12.99 -2.05
CA HIS A 62 -4.96 11.67 -1.49
C HIS A 62 -4.02 10.63 -2.09
N GLN A 63 -3.82 10.69 -3.40
CA GLN A 63 -2.95 9.75 -4.09
C GLN A 63 -1.57 9.72 -3.43
N GLU A 64 -1.18 10.84 -2.84
CA GLU A 64 0.12 10.94 -2.18
C GLU A 64 0.02 10.53 -0.71
N LEU A 65 -1.13 10.78 -0.11
CA LEU A 65 -1.36 10.45 1.29
C LEU A 65 -1.01 8.99 1.56
N ILE A 66 -1.51 8.10 0.71
CA ILE A 66 -1.25 6.67 0.85
C ILE A 66 0.23 6.36 0.67
N LEU A 67 0.81 6.89 -0.40
CA LEU A 67 2.23 6.67 -0.70
C LEU A 67 3.08 7.02 0.52
N GLU A 68 2.86 8.20 1.08
CA GLU A 68 3.63 8.65 2.24
C GLU A 68 3.59 7.60 3.35
N ALA A 69 2.50 6.84 3.39
CA ALA A 69 2.35 5.79 4.41
C ALA A 69 3.07 4.52 3.99
N VAL A 70 2.98 4.17 2.72
CA VAL A 70 3.63 2.98 2.20
C VAL A 70 5.12 3.00 2.48
N ASP A 71 5.70 4.19 2.45
CA ASP A 71 7.14 4.35 2.71
C ASP A 71 7.53 3.71 4.03
N LEU A 72 6.75 3.99 5.07
CA LEU A 72 7.03 3.45 6.39
C LEU A 72 6.98 1.92 6.37
N LEU A 73 6.10 1.37 5.54
CA LEU A 73 5.96 -0.07 5.42
C LEU A 73 7.22 -0.70 4.83
N CYS A 74 7.82 -0.02 3.86
CA CYS A 74 9.03 -0.51 3.22
C CYS A 74 10.25 -0.26 4.10
N ALA A 75 10.25 0.87 4.80
CA ALA A 75 11.35 1.23 5.68
C ALA A 75 11.36 0.35 6.92
N LEU A 76 10.18 0.11 7.49
CA LEU A 76 10.07 -0.73 8.68
C LEU A 76 10.67 -2.10 8.46
N ASN A 77 10.63 -2.57 7.21
CA ASN A 77 11.18 -3.87 6.85
C ASN A 77 12.56 -3.72 6.22
N SER A 78 13.60 -4.06 7.00
CA SER A 78 14.97 -3.97 6.51
C SER A 78 15.31 -2.53 6.13
N GLY A 79 16.52 -2.34 5.62
CA GLY A 79 16.95 -1.01 5.21
C GLY A 79 17.14 -0.08 6.40
N PRO A 80 17.48 1.18 6.11
CA PRO A 80 17.71 2.20 7.15
C PRO A 80 16.42 2.61 7.85
N SER A 81 16.51 3.59 8.74
CA SER A 81 15.36 4.06 9.48
C SER A 81 14.89 5.41 8.95
N SER A 82 13.71 5.84 9.38
CA SER A 82 13.14 7.11 8.94
C SER A 82 12.97 7.14 7.43
N GLY A 83 12.64 8.31 6.89
CA GLY A 83 12.44 8.44 5.46
C GLY A 83 11.03 8.13 5.03
N GLY A 1 15.19 -2.08 -3.50
CA GLY A 1 15.71 -2.83 -2.37
C GLY A 1 15.31 -4.29 -2.41
N SER A 2 14.37 -4.67 -1.55
CA SER A 2 13.89 -6.05 -1.50
C SER A 2 15.05 -7.00 -1.18
N SER A 3 15.97 -6.54 -0.34
CA SER A 3 17.13 -7.35 0.04
C SER A 3 17.41 -7.23 1.53
N GLY A 4 16.96 -8.22 2.30
CA GLY A 4 17.18 -8.20 3.73
C GLY A 4 15.94 -8.62 4.51
N SER A 5 14.85 -7.91 4.31
CA SER A 5 13.60 -8.22 4.99
C SER A 5 12.41 -8.13 4.04
N SER A 6 11.81 -9.28 3.75
CA SER A 6 10.67 -9.35 2.83
C SER A 6 9.38 -9.59 3.61
N GLY A 7 8.25 -9.26 2.99
CA GLY A 7 6.97 -9.45 3.63
C GLY A 7 5.85 -8.71 2.92
N VAL A 8 6.00 -7.40 2.79
CA VAL A 8 5.00 -6.58 2.13
C VAL A 8 4.83 -6.98 0.67
N SER A 9 5.87 -7.57 0.10
CA SER A 9 5.84 -8.01 -1.29
C SER A 9 4.94 -9.23 -1.45
N LYS A 10 4.81 -10.00 -0.38
CA LYS A 10 3.98 -11.21 -0.40
C LYS A 10 2.69 -11.00 0.37
N TRP A 11 2.28 -9.74 0.49
CA TRP A 11 1.06 -9.39 1.21
C TRP A 11 -0.18 -9.77 0.40
N SER A 12 -1.09 -10.51 1.02
CA SER A 12 -2.31 -10.94 0.34
C SER A 12 -3.11 -9.73 -0.14
N PRO A 13 -4.02 -9.97 -1.10
CA PRO A 13 -4.87 -8.92 -1.66
C PRO A 13 -5.91 -8.41 -0.68
N SER A 14 -6.20 -9.23 0.35
CA SER A 14 -7.17 -8.86 1.36
C SER A 14 -6.49 -8.21 2.56
N GLN A 15 -5.22 -8.54 2.76
CA GLN A 15 -4.46 -7.98 3.87
C GLN A 15 -4.27 -6.48 3.71
N VAL A 16 -3.90 -6.07 2.49
CA VAL A 16 -3.69 -4.65 2.20
C VAL A 16 -4.88 -3.81 2.64
N VAL A 17 -6.07 -4.41 2.59
CA VAL A 17 -7.29 -3.72 2.99
C VAL A 17 -7.26 -3.34 4.46
N ASP A 18 -6.77 -4.26 5.29
CA ASP A 18 -6.69 -4.04 6.73
C ASP A 18 -5.72 -2.89 7.03
N TRP A 19 -4.75 -2.69 6.16
CA TRP A 19 -3.77 -1.62 6.34
C TRP A 19 -4.41 -0.25 6.15
N MET A 20 -5.24 -0.12 5.13
CA MET A 20 -5.92 1.13 4.85
C MET A 20 -6.86 1.52 5.99
N LYS A 21 -7.27 0.53 6.77
CA LYS A 21 -8.17 0.76 7.90
C LYS A 21 -7.46 1.56 8.98
N GLY A 22 -6.14 1.67 8.88
CA GLY A 22 -5.38 2.41 9.87
C GLY A 22 -4.69 3.62 9.27
N LEU A 23 -5.22 4.11 8.15
CA LEU A 23 -4.64 5.27 7.49
C LEU A 23 -5.61 6.45 7.54
N ASP A 24 -5.29 7.50 6.79
CA ASP A 24 -6.13 8.69 6.76
C ASP A 24 -7.58 8.33 6.45
N ASP A 25 -8.51 9.13 6.96
CA ASP A 25 -9.94 8.90 6.76
C ASP A 25 -10.31 9.10 5.29
N CYS A 26 -9.53 9.93 4.60
CA CYS A 26 -9.78 10.21 3.19
C CYS A 26 -9.46 8.99 2.33
N LEU A 27 -8.61 8.12 2.84
CA LEU A 27 -8.21 6.92 2.11
C LEU A 27 -9.09 5.73 2.53
N GLN A 28 -10.26 6.02 3.06
CA GLN A 28 -11.18 4.97 3.50
C GLN A 28 -12.13 4.60 2.37
N GLN A 29 -12.70 5.60 1.72
CA GLN A 29 -13.64 5.37 0.63
C GLN A 29 -13.01 4.51 -0.46
N TYR A 30 -11.68 4.56 -0.54
CA TYR A 30 -10.95 3.79 -1.55
C TYR A 30 -10.87 2.32 -1.15
N ILE A 31 -10.96 2.06 0.15
CA ILE A 31 -10.90 0.69 0.66
C ILE A 31 -11.91 -0.20 -0.05
N LYS A 32 -13.13 0.29 -0.20
CA LYS A 32 -14.19 -0.47 -0.86
C LYS A 32 -13.78 -0.85 -2.28
N ASN A 33 -12.90 -0.05 -2.87
CA ASN A 33 -12.43 -0.30 -4.23
C ASN A 33 -11.24 -1.27 -4.21
N PHE A 34 -10.50 -1.27 -3.11
CA PHE A 34 -9.34 -2.14 -2.96
C PHE A 34 -9.77 -3.59 -2.71
N GLU A 35 -10.95 -3.74 -2.11
CA GLU A 35 -11.49 -5.06 -1.82
C GLU A 35 -11.88 -5.80 -3.09
N ARG A 36 -12.55 -5.09 -4.00
CA ARG A 36 -12.98 -5.68 -5.26
C ARG A 36 -11.81 -5.78 -6.23
N GLU A 37 -10.83 -4.90 -6.07
CA GLU A 37 -9.67 -4.89 -6.94
C GLU A 37 -8.64 -5.93 -6.50
N LYS A 38 -8.72 -6.32 -5.23
CA LYS A 38 -7.81 -7.31 -4.67
C LYS A 38 -6.36 -6.85 -4.79
N ILE A 39 -6.14 -5.55 -4.54
CA ILE A 39 -4.80 -4.98 -4.62
C ILE A 39 -3.82 -5.75 -3.73
N SER A 40 -2.90 -6.48 -4.37
CA SER A 40 -1.92 -7.26 -3.64
C SER A 40 -0.72 -6.40 -3.25
N GLY A 41 -0.01 -6.83 -2.22
CA GLY A 41 1.16 -6.08 -1.76
C GLY A 41 2.16 -5.82 -2.87
N ASP A 42 2.43 -6.85 -3.66
CA ASP A 42 3.39 -6.73 -4.77
C ASP A 42 3.04 -5.54 -5.66
N GLN A 43 1.75 -5.21 -5.73
CA GLN A 43 1.29 -4.10 -6.55
C GLN A 43 1.25 -2.81 -5.73
N LEU A 44 1.09 -2.94 -4.42
CA LEU A 44 1.04 -1.79 -3.52
C LEU A 44 2.42 -1.17 -3.34
N LEU A 45 3.41 -2.02 -3.07
CA LEU A 45 4.78 -1.56 -2.87
C LEU A 45 5.23 -0.69 -4.04
N ARG A 46 4.79 -1.07 -5.25
CA ARG A 46 5.16 -0.32 -6.45
C ARG A 46 3.96 0.46 -6.98
N ILE A 47 3.05 0.82 -6.09
CA ILE A 47 1.86 1.58 -6.47
C ILE A 47 2.23 2.94 -7.04
N THR A 48 1.58 3.31 -8.13
CA THR A 48 1.85 4.60 -8.77
C THR A 48 0.55 5.33 -9.08
N HIS A 49 0.66 6.61 -9.43
CA HIS A 49 -0.50 7.42 -9.76
C HIS A 49 -1.37 6.74 -10.80
N GLN A 50 -0.74 5.98 -11.70
CA GLN A 50 -1.46 5.28 -12.75
C GLN A 50 -2.37 4.21 -12.16
N GLU A 51 -1.90 3.54 -11.13
CA GLU A 51 -2.67 2.49 -10.47
C GLU A 51 -3.79 3.09 -9.61
N LEU A 52 -3.43 4.10 -8.81
CA LEU A 52 -4.39 4.76 -7.95
C LEU A 52 -5.56 5.31 -8.76
N GLU A 53 -5.27 5.77 -9.96
CA GLU A 53 -6.29 6.33 -10.85
C GLU A 53 -7.30 5.27 -11.24
N ASP A 54 -6.82 4.05 -11.48
CA ASP A 54 -7.68 2.94 -11.86
C ASP A 54 -8.65 2.58 -10.73
N LEU A 55 -8.17 2.71 -9.49
CA LEU A 55 -8.99 2.39 -8.33
C LEU A 55 -10.09 3.43 -8.14
N GLY A 56 -9.82 4.66 -8.58
CA GLY A 56 -10.80 5.72 -8.44
C GLY A 56 -10.20 6.99 -7.86
N VAL A 57 -9.05 6.85 -7.20
CA VAL A 57 -8.38 7.99 -6.58
C VAL A 57 -7.94 9.00 -7.65
N SER A 58 -8.79 9.99 -7.89
CA SER A 58 -8.50 11.02 -8.89
C SER A 58 -7.78 12.21 -8.24
N ARG A 59 -8.14 12.50 -6.99
CA ARG A 59 -7.53 13.61 -6.26
C ARG A 59 -6.01 13.46 -6.22
N ILE A 60 -5.34 14.51 -5.75
CA ILE A 60 -3.89 14.50 -5.66
C ILE A 60 -3.43 14.40 -4.21
N GLY A 61 -4.04 15.21 -3.34
CA GLY A 61 -3.68 15.19 -1.94
C GLY A 61 -3.89 13.83 -1.30
N HIS A 62 -4.84 13.07 -1.83
CA HIS A 62 -5.13 11.74 -1.31
C HIS A 62 -4.11 10.72 -1.80
N GLN A 63 -3.74 10.84 -3.08
CA GLN A 63 -2.77 9.92 -3.67
C GLN A 63 -1.47 9.91 -2.87
N GLU A 64 -0.97 11.10 -2.54
CA GLU A 64 0.26 11.22 -1.78
C GLU A 64 0.07 10.72 -0.35
N LEU A 65 -1.11 10.96 0.21
CA LEU A 65 -1.42 10.53 1.57
C LEU A 65 -1.15 9.04 1.75
N ILE A 66 -1.47 8.26 0.72
CA ILE A 66 -1.25 6.82 0.76
C ILE A 66 0.22 6.48 0.58
N LEU A 67 0.82 7.03 -0.46
CA LEU A 67 2.23 6.78 -0.74
C LEU A 67 3.10 7.11 0.48
N GLU A 68 2.86 8.28 1.07
CA GLU A 68 3.62 8.69 2.24
C GLU A 68 3.60 7.62 3.32
N ALA A 69 2.52 6.85 3.36
CA ALA A 69 2.39 5.77 4.34
C ALA A 69 3.13 4.51 3.89
N VAL A 70 3.07 4.23 2.60
CA VAL A 70 3.74 3.07 2.04
C VAL A 70 5.24 3.11 2.30
N ASP A 71 5.79 4.32 2.37
CA ASP A 71 7.20 4.51 2.61
C ASP A 71 7.62 3.85 3.93
N LEU A 72 6.84 4.07 4.97
CA LEU A 72 7.12 3.50 6.29
C LEU A 72 7.13 1.98 6.22
N LEU A 73 6.22 1.42 5.44
CA LEU A 73 6.12 -0.03 5.29
C LEU A 73 7.46 -0.62 4.82
N CYS A 74 8.18 0.14 4.02
CA CYS A 74 9.46 -0.31 3.50
C CYS A 74 10.59 0.04 4.47
N ALA A 75 10.44 1.17 5.16
CA ALA A 75 11.44 1.61 6.12
C ALA A 75 11.60 0.60 7.25
N LEU A 76 10.49 0.22 7.86
CA LEU A 76 10.51 -0.74 8.96
C LEU A 76 11.24 -2.02 8.56
N ASN A 77 11.21 -2.32 7.26
CA ASN A 77 11.87 -3.51 6.75
C ASN A 77 13.31 -3.21 6.37
N SER A 78 14.21 -3.29 7.36
CA SER A 78 15.62 -3.02 7.13
C SER A 78 16.48 -3.69 8.20
N GLY A 79 17.65 -4.17 7.78
CA GLY A 79 18.55 -4.83 8.71
C GLY A 79 19.81 -5.34 8.05
N PRO A 80 20.80 -5.74 8.86
CA PRO A 80 22.08 -6.24 8.36
C PRO A 80 21.94 -7.61 7.69
N SER A 81 22.65 -7.80 6.58
CA SER A 81 22.61 -9.06 5.85
C SER A 81 23.84 -9.91 6.14
N SER A 82 24.37 -9.79 7.36
CA SER A 82 25.55 -10.53 7.77
C SER A 82 25.49 -10.88 9.25
N GLY A 83 25.38 -9.85 10.09
CA GLY A 83 25.32 -10.07 11.53
C GLY A 83 26.61 -9.72 12.22
N GLY A 1 18.07 -21.46 -2.84
CA GLY A 1 17.96 -20.20 -3.55
C GLY A 1 17.73 -19.03 -2.63
N SER A 2 16.82 -18.13 -3.01
CA SER A 2 16.51 -16.96 -2.20
C SER A 2 15.10 -17.07 -1.61
N SER A 3 15.01 -16.86 -0.30
CA SER A 3 13.72 -16.94 0.40
C SER A 3 12.86 -15.73 0.07
N GLY A 4 13.42 -14.54 0.28
CA GLY A 4 12.69 -13.31 0.01
C GLY A 4 12.18 -12.65 1.27
N SER A 5 13.08 -11.99 1.99
CA SER A 5 12.71 -11.32 3.24
C SER A 5 12.15 -9.92 2.95
N SER A 6 10.84 -9.78 3.13
CA SER A 6 10.18 -8.50 2.89
C SER A 6 8.81 -8.46 3.57
N GLY A 7 8.00 -9.49 3.33
CA GLY A 7 6.69 -9.55 3.93
C GLY A 7 5.64 -8.80 3.12
N VAL A 8 5.77 -7.49 3.06
CA VAL A 8 4.83 -6.66 2.32
C VAL A 8 4.74 -7.10 0.86
N SER A 9 5.81 -7.73 0.37
CA SER A 9 5.86 -8.20 -1.01
C SER A 9 4.96 -9.41 -1.20
N LYS A 10 4.76 -10.17 -0.12
CA LYS A 10 3.91 -11.36 -0.19
C LYS A 10 2.59 -11.11 0.53
N TRP A 11 2.20 -9.84 0.63
CA TRP A 11 0.96 -9.47 1.29
C TRP A 11 -0.24 -9.81 0.41
N SER A 12 -1.18 -10.57 0.98
CA SER A 12 -2.38 -10.97 0.24
C SER A 12 -3.16 -9.75 -0.23
N PRO A 13 -4.03 -9.97 -1.23
CA PRO A 13 -4.86 -8.90 -1.79
C PRO A 13 -5.94 -8.42 -0.82
N SER A 14 -6.24 -9.26 0.17
CA SER A 14 -7.26 -8.92 1.16
C SER A 14 -6.63 -8.29 2.40
N GLN A 15 -5.35 -8.61 2.63
CA GLN A 15 -4.63 -8.07 3.77
C GLN A 15 -4.42 -6.56 3.63
N VAL A 16 -4.04 -6.15 2.43
CA VAL A 16 -3.81 -4.73 2.16
C VAL A 16 -4.99 -3.88 2.58
N VAL A 17 -6.19 -4.45 2.47
CA VAL A 17 -7.41 -3.74 2.85
C VAL A 17 -7.41 -3.42 4.35
N ASP A 18 -6.94 -4.37 5.15
CA ASP A 18 -6.89 -4.18 6.59
C ASP A 18 -5.96 -3.03 6.96
N TRP A 19 -4.96 -2.79 6.12
CA TRP A 19 -4.00 -1.73 6.36
C TRP A 19 -4.64 -0.36 6.19
N MET A 20 -5.45 -0.22 5.14
CA MET A 20 -6.13 1.03 4.86
C MET A 20 -7.09 1.39 5.99
N LYS A 21 -7.51 0.39 6.74
CA LYS A 21 -8.43 0.61 7.85
C LYS A 21 -7.76 1.40 8.97
N GLY A 22 -6.44 1.51 8.89
CA GLY A 22 -5.69 2.24 9.90
C GLY A 22 -4.99 3.46 9.33
N LEU A 23 -5.52 4.00 8.24
CA LEU A 23 -4.92 5.16 7.59
C LEU A 23 -5.89 6.35 7.63
N ASP A 24 -5.55 7.40 6.90
CA ASP A 24 -6.38 8.61 6.85
C ASP A 24 -7.82 8.25 6.52
N ASP A 25 -8.75 9.03 7.05
CA ASP A 25 -10.17 8.80 6.81
C ASP A 25 -10.51 9.00 5.33
N CYS A 26 -9.82 9.95 4.70
CA CYS A 26 -10.06 10.24 3.29
C CYS A 26 -9.69 9.04 2.41
N LEU A 27 -8.83 8.18 2.95
CA LEU A 27 -8.40 7.00 2.21
C LEU A 27 -9.25 5.78 2.58
N GLN A 28 -10.45 6.04 3.09
CA GLN A 28 -11.37 4.98 3.47
C GLN A 28 -12.30 4.61 2.32
N GLN A 29 -12.86 5.63 1.68
CA GLN A 29 -13.77 5.42 0.56
C GLN A 29 -13.11 4.57 -0.53
N TYR A 30 -11.78 4.63 -0.59
CA TYR A 30 -11.03 3.88 -1.59
C TYR A 30 -10.95 2.41 -1.22
N ILE A 31 -11.07 2.12 0.08
CA ILE A 31 -11.01 0.75 0.56
C ILE A 31 -11.99 -0.15 -0.19
N LYS A 32 -13.22 0.34 -0.36
CA LYS A 32 -14.25 -0.41 -1.07
C LYS A 32 -13.78 -0.78 -2.46
N ASN A 33 -12.89 0.03 -3.03
CA ASN A 33 -12.37 -0.21 -4.36
C ASN A 33 -11.23 -1.22 -4.32
N PHE A 34 -10.44 -1.17 -3.26
CA PHE A 34 -9.32 -2.08 -3.09
C PHE A 34 -9.80 -3.49 -2.77
N GLU A 35 -10.92 -3.59 -2.06
CA GLU A 35 -11.48 -4.88 -1.68
C GLU A 35 -11.95 -5.64 -2.91
N ARG A 36 -12.34 -4.91 -3.95
CA ARG A 36 -12.81 -5.52 -5.19
C ARG A 36 -11.67 -5.68 -6.18
N GLU A 37 -10.73 -4.73 -6.17
CA GLU A 37 -9.59 -4.77 -7.07
C GLU A 37 -8.60 -5.85 -6.64
N LYS A 38 -8.67 -6.23 -5.37
CA LYS A 38 -7.77 -7.24 -4.83
C LYS A 38 -6.31 -6.79 -4.93
N ILE A 39 -6.06 -5.53 -4.62
CA ILE A 39 -4.72 -4.98 -4.68
C ILE A 39 -3.76 -5.75 -3.76
N SER A 40 -2.84 -6.50 -4.37
CA SER A 40 -1.88 -7.29 -3.62
C SER A 40 -0.71 -6.42 -3.16
N GLY A 41 0.04 -6.92 -2.18
CA GLY A 41 1.18 -6.18 -1.67
C GLY A 41 2.21 -5.88 -2.75
N ASP A 42 2.51 -6.88 -3.57
CA ASP A 42 3.48 -6.72 -4.64
C ASP A 42 3.14 -5.50 -5.51
N GLN A 43 1.86 -5.18 -5.60
CA GLN A 43 1.41 -4.04 -6.38
C GLN A 43 1.41 -2.77 -5.54
N LEU A 44 1.18 -2.92 -4.24
CA LEU A 44 1.14 -1.78 -3.33
C LEU A 44 2.53 -1.19 -3.15
N LEU A 45 3.50 -2.04 -2.84
CA LEU A 45 4.87 -1.60 -2.63
C LEU A 45 5.35 -0.77 -3.82
N ARG A 46 5.02 -1.22 -5.03
CA ARG A 46 5.41 -0.52 -6.24
C ARG A 46 4.23 0.21 -6.86
N ILE A 47 3.26 0.56 -6.02
CA ILE A 47 2.08 1.27 -6.49
C ILE A 47 2.44 2.60 -7.15
N THR A 48 1.82 2.87 -8.30
CA THR A 48 2.08 4.11 -9.02
C THR A 48 0.80 4.92 -9.19
N HIS A 49 0.96 6.19 -9.54
CA HIS A 49 -0.17 7.08 -9.75
C HIS A 49 -1.18 6.47 -10.71
N GLN A 50 -0.68 5.73 -11.70
CA GLN A 50 -1.53 5.09 -12.68
C GLN A 50 -2.47 4.08 -12.02
N GLU A 51 -1.96 3.38 -11.01
CA GLU A 51 -2.74 2.39 -10.30
C GLU A 51 -3.85 3.05 -9.48
N LEU A 52 -3.46 4.01 -8.64
CA LEU A 52 -4.41 4.72 -7.80
C LEU A 52 -5.54 5.31 -8.63
N GLU A 53 -5.19 5.90 -9.77
CA GLU A 53 -6.17 6.50 -10.66
C GLU A 53 -7.21 5.48 -11.11
N ASP A 54 -6.73 4.29 -11.46
CA ASP A 54 -7.62 3.22 -11.90
C ASP A 54 -8.61 2.85 -10.81
N LEU A 55 -8.14 2.81 -9.57
CA LEU A 55 -8.99 2.48 -8.43
C LEU A 55 -10.10 3.50 -8.26
N GLY A 56 -9.82 4.74 -8.68
CA GLY A 56 -10.81 5.79 -8.55
C GLY A 56 -10.23 7.06 -7.95
N VAL A 57 -9.09 6.93 -7.27
CA VAL A 57 -8.44 8.07 -6.65
C VAL A 57 -8.03 9.11 -7.69
N SER A 58 -8.89 10.11 -7.88
CA SER A 58 -8.61 11.16 -8.85
C SER A 58 -7.87 12.32 -8.19
N ARG A 59 -8.16 12.56 -6.92
CA ARG A 59 -7.52 13.64 -6.18
C ARG A 59 -6.00 13.46 -6.15
N ILE A 60 -5.30 14.48 -5.68
CA ILE A 60 -3.84 14.43 -5.60
C ILE A 60 -3.38 14.33 -4.16
N GLY A 61 -3.94 15.18 -3.29
CA GLY A 61 -3.57 15.17 -1.89
C GLY A 61 -3.82 13.82 -1.23
N HIS A 62 -4.70 13.02 -1.83
CA HIS A 62 -5.03 11.72 -1.30
C HIS A 62 -4.08 10.65 -1.86
N GLN A 63 -3.69 10.82 -3.12
CA GLN A 63 -2.80 9.87 -3.77
C GLN A 63 -1.44 9.84 -3.06
N GLU A 64 -1.00 10.99 -2.58
CA GLU A 64 0.27 11.09 -1.88
C GLU A 64 0.14 10.65 -0.43
N LEU A 65 -1.05 10.86 0.14
CA LEU A 65 -1.31 10.49 1.53
C LEU A 65 -1.06 9.00 1.75
N ILE A 66 -1.59 8.18 0.84
CA ILE A 66 -1.44 6.73 0.93
C ILE A 66 0.02 6.32 0.74
N LEU A 67 0.68 6.94 -0.24
CA LEU A 67 2.08 6.64 -0.53
C LEU A 67 2.96 7.02 0.66
N GLU A 68 2.72 8.19 1.23
CA GLU A 68 3.50 8.66 2.37
C GLU A 68 3.54 7.60 3.47
N ALA A 69 2.48 6.80 3.56
CA ALA A 69 2.41 5.74 4.57
C ALA A 69 3.20 4.51 4.13
N VAL A 70 3.17 4.22 2.84
CA VAL A 70 3.88 3.07 2.29
C VAL A 70 5.38 3.18 2.56
N ASP A 71 5.90 4.41 2.48
CA ASP A 71 7.32 4.65 2.71
C ASP A 71 7.77 4.04 4.04
N LEU A 72 6.88 4.06 5.02
CA LEU A 72 7.18 3.51 6.34
C LEU A 72 7.20 1.99 6.30
N LEU A 73 6.39 1.41 5.42
CA LEU A 73 6.33 -0.04 5.29
C LEU A 73 7.62 -0.60 4.69
N CYS A 74 8.17 0.13 3.73
CA CYS A 74 9.41 -0.28 3.08
C CYS A 74 10.63 0.14 3.89
N ALA A 75 10.58 1.36 4.41
CA ALA A 75 11.68 1.89 5.20
C ALA A 75 11.97 0.99 6.40
N LEU A 76 10.93 0.67 7.16
CA LEU A 76 11.08 -0.19 8.33
C LEU A 76 11.78 -1.49 7.97
N ASN A 77 11.37 -2.09 6.86
CA ASN A 77 11.96 -3.34 6.39
C ASN A 77 13.36 -3.11 5.81
N SER A 78 14.24 -4.08 6.02
CA SER A 78 15.61 -3.97 5.52
C SER A 78 16.26 -2.68 5.97
N GLY A 79 16.20 -2.42 7.28
CA GLY A 79 16.79 -1.21 7.82
C GLY A 79 15.90 -0.56 8.87
N PRO A 80 15.86 -1.15 10.07
CA PRO A 80 15.04 -0.64 11.17
C PRO A 80 15.60 0.67 11.74
N SER A 81 16.90 0.86 11.60
CA SER A 81 17.55 2.07 12.10
C SER A 81 17.76 3.08 10.97
N SER A 82 17.19 4.26 11.13
CA SER A 82 17.30 5.32 10.14
C SER A 82 18.21 6.44 10.63
N GLY A 83 19.51 6.29 10.42
CA GLY A 83 20.46 7.29 10.85
C GLY A 83 21.09 8.03 9.68
N GLY A 1 16.41 -18.01 3.46
CA GLY A 1 17.41 -16.98 3.62
C GLY A 1 17.24 -15.84 2.63
N SER A 2 17.96 -15.91 1.52
CA SER A 2 17.87 -14.88 0.49
C SER A 2 16.43 -14.69 0.02
N SER A 3 15.66 -15.77 0.04
CA SER A 3 14.28 -15.73 -0.39
C SER A 3 13.40 -15.06 0.66
N GLY A 4 12.31 -14.43 0.21
CA GLY A 4 11.41 -13.75 1.12
C GLY A 4 12.14 -12.78 2.03
N SER A 5 12.34 -11.55 1.54
CA SER A 5 13.02 -10.52 2.30
C SER A 5 12.35 -9.17 2.12
N SER A 6 11.08 -9.08 2.52
CA SER A 6 10.31 -7.85 2.39
C SER A 6 9.01 -7.93 3.18
N GLY A 7 8.29 -9.04 3.00
CA GLY A 7 7.04 -9.22 3.70
C GLY A 7 5.90 -8.47 3.05
N VAL A 8 5.99 -7.14 3.02
CA VAL A 8 4.96 -6.31 2.42
C VAL A 8 4.78 -6.64 0.94
N SER A 9 5.83 -7.17 0.33
CA SER A 9 5.80 -7.52 -1.09
C SER A 9 4.94 -8.77 -1.31
N LYS A 10 4.85 -9.61 -0.29
CA LYS A 10 4.05 -10.83 -0.37
C LYS A 10 2.76 -10.69 0.41
N TRP A 11 2.31 -9.46 0.60
CA TRP A 11 1.07 -9.19 1.32
C TRP A 11 -0.14 -9.57 0.49
N SER A 12 -1.05 -10.34 1.10
CA SER A 12 -2.26 -10.78 0.41
C SER A 12 -3.08 -9.58 -0.07
N PRO A 13 -3.97 -9.83 -1.03
CA PRO A 13 -4.84 -8.79 -1.60
C PRO A 13 -5.90 -8.31 -0.60
N SER A 14 -6.18 -9.14 0.40
CA SER A 14 -7.17 -8.80 1.41
C SER A 14 -6.52 -8.16 2.63
N GLN A 15 -5.23 -8.48 2.83
CA GLN A 15 -4.49 -7.93 3.96
C GLN A 15 -4.33 -6.42 3.83
N VAL A 16 -3.93 -5.98 2.63
CA VAL A 16 -3.73 -4.56 2.38
C VAL A 16 -4.97 -3.75 2.77
N VAL A 17 -6.14 -4.38 2.65
CA VAL A 17 -7.40 -3.72 3.00
C VAL A 17 -7.43 -3.34 4.47
N ASP A 18 -6.89 -4.23 5.32
CA ASP A 18 -6.87 -3.98 6.76
C ASP A 18 -5.90 -2.85 7.09
N TRP A 19 -4.92 -2.64 6.24
CA TRP A 19 -3.93 -1.59 6.45
C TRP A 19 -4.56 -0.20 6.27
N MET A 20 -5.36 -0.06 5.22
CA MET A 20 -6.02 1.21 4.94
C MET A 20 -6.99 1.58 6.06
N LYS A 21 -7.43 0.57 6.81
CA LYS A 21 -8.35 0.80 7.91
C LYS A 21 -7.68 1.60 9.02
N GLY A 22 -6.36 1.71 8.96
CA GLY A 22 -5.63 2.45 9.97
C GLY A 22 -4.92 3.67 9.40
N LEU A 23 -5.42 4.16 8.27
CA LEU A 23 -4.83 5.32 7.61
C LEU A 23 -5.80 6.50 7.63
N ASP A 24 -5.46 7.55 6.88
CA ASP A 24 -6.30 8.74 6.80
C ASP A 24 -7.74 8.36 6.46
N ASP A 25 -8.69 9.15 6.96
CA ASP A 25 -10.09 8.90 6.69
C ASP A 25 -10.42 9.08 5.21
N CYS A 26 -9.62 9.89 4.54
CA CYS A 26 -9.82 10.15 3.11
C CYS A 26 -9.47 8.92 2.28
N LEU A 27 -8.65 8.05 2.85
CA LEU A 27 -8.23 6.83 2.16
C LEU A 27 -9.12 5.65 2.56
N GLN A 28 -10.32 5.97 3.04
CA GLN A 28 -11.26 4.93 3.45
C GLN A 28 -12.19 4.55 2.31
N GLN A 29 -12.76 5.56 1.65
CA GLN A 29 -13.67 5.34 0.54
C GLN A 29 -13.00 4.48 -0.55
N TYR A 30 -11.67 4.53 -0.60
CA TYR A 30 -10.92 3.77 -1.59
C TYR A 30 -10.85 2.30 -1.20
N ILE A 31 -10.96 2.04 0.11
CA ILE A 31 -10.90 0.67 0.61
C ILE A 31 -11.88 -0.23 -0.13
N LYS A 32 -13.11 0.26 -0.29
CA LYS A 32 -14.14 -0.51 -0.98
C LYS A 32 -13.69 -0.90 -2.39
N ASN A 33 -12.79 -0.11 -2.96
CA ASN A 33 -12.27 -0.38 -4.29
C ASN A 33 -11.08 -1.34 -4.22
N PHE A 34 -10.34 -1.28 -3.12
CA PHE A 34 -9.18 -2.13 -2.92
C PHE A 34 -9.59 -3.57 -2.65
N GLU A 35 -10.79 -3.73 -2.10
CA GLU A 35 -11.30 -5.06 -1.79
C GLU A 35 -11.66 -5.82 -3.06
N ARG A 36 -12.32 -5.14 -3.98
CA ARG A 36 -12.72 -5.75 -5.25
C ARG A 36 -11.51 -5.91 -6.18
N GLU A 37 -10.69 -4.87 -6.25
CA GLU A 37 -9.51 -4.88 -7.10
C GLU A 37 -8.49 -5.92 -6.61
N LYS A 38 -8.61 -6.29 -5.34
CA LYS A 38 -7.71 -7.27 -4.74
C LYS A 38 -6.26 -6.80 -4.84
N ILE A 39 -6.02 -5.54 -4.53
CA ILE A 39 -4.68 -4.97 -4.57
C ILE A 39 -3.72 -5.75 -3.67
N SER A 40 -2.80 -6.47 -4.29
CA SER A 40 -1.83 -7.27 -3.55
C SER A 40 -0.64 -6.41 -3.13
N GLY A 41 0.10 -6.88 -2.12
CA GLY A 41 1.26 -6.15 -1.66
C GLY A 41 2.25 -5.84 -2.76
N ASP A 42 2.52 -6.83 -3.60
CA ASP A 42 3.45 -6.67 -4.71
C ASP A 42 3.09 -5.45 -5.54
N GLN A 43 1.80 -5.18 -5.67
CA GLN A 43 1.33 -4.04 -6.44
C GLN A 43 1.38 -2.76 -5.61
N LEU A 44 1.15 -2.89 -4.30
CA LEU A 44 1.17 -1.75 -3.40
C LEU A 44 2.58 -1.16 -3.29
N LEU A 45 3.55 -2.02 -3.02
CA LEU A 45 4.94 -1.59 -2.89
C LEU A 45 5.39 -0.85 -4.14
N ARG A 46 4.79 -1.17 -5.28
CA ARG A 46 5.13 -0.54 -6.54
C ARG A 46 3.93 0.24 -7.10
N ILE A 47 3.05 0.68 -6.21
CA ILE A 47 1.87 1.42 -6.62
C ILE A 47 2.25 2.79 -7.19
N THR A 48 1.65 3.13 -8.32
CA THR A 48 1.92 4.40 -8.98
C THR A 48 0.64 5.21 -9.19
N HIS A 49 0.80 6.48 -9.52
CA HIS A 49 -0.34 7.36 -9.74
C HIS A 49 -1.30 6.75 -10.76
N GLN A 50 -0.75 6.04 -11.73
CA GLN A 50 -1.55 5.41 -12.77
C GLN A 50 -2.50 4.38 -12.17
N GLU A 51 -1.98 3.55 -11.26
CA GLU A 51 -2.79 2.53 -10.62
C GLU A 51 -3.84 3.15 -9.71
N LEU A 52 -3.42 4.10 -8.89
CA LEU A 52 -4.32 4.78 -7.96
C LEU A 52 -5.53 5.33 -8.70
N GLU A 53 -5.29 5.98 -9.84
CA GLU A 53 -6.36 6.56 -10.63
C GLU A 53 -7.42 5.51 -10.97
N ASP A 54 -6.96 4.33 -11.37
CA ASP A 54 -7.87 3.24 -11.73
C ASP A 54 -8.74 2.85 -10.53
N LEU A 55 -8.12 2.76 -9.35
CA LEU A 55 -8.82 2.40 -8.14
C LEU A 55 -9.93 3.42 -7.83
N GLY A 56 -9.72 4.66 -8.26
CA GLY A 56 -10.70 5.69 -8.02
C GLY A 56 -10.09 6.96 -7.47
N VAL A 57 -8.89 6.83 -6.90
CA VAL A 57 -8.19 7.97 -6.33
C VAL A 57 -7.86 9.02 -7.40
N SER A 58 -8.75 9.99 -7.54
CA SER A 58 -8.57 11.06 -8.53
C SER A 58 -7.79 12.22 -7.93
N ARG A 59 -8.17 12.62 -6.71
CA ARG A 59 -7.51 13.73 -6.03
C ARG A 59 -6.00 13.53 -6.01
N ILE A 60 -5.28 14.58 -5.64
CA ILE A 60 -3.83 14.53 -5.57
C ILE A 60 -3.35 14.34 -4.14
N GLY A 61 -3.86 15.17 -3.23
CA GLY A 61 -3.47 15.07 -1.83
C GLY A 61 -3.71 13.69 -1.27
N HIS A 62 -4.65 12.96 -1.85
CA HIS A 62 -4.97 11.61 -1.39
C HIS A 62 -3.95 10.60 -1.91
N GLN A 63 -3.64 10.69 -3.20
CA GLN A 63 -2.68 9.78 -3.83
C GLN A 63 -1.37 9.76 -3.04
N GLU A 64 -0.92 10.93 -2.62
CA GLU A 64 0.32 11.04 -1.85
C GLU A 64 0.12 10.59 -0.41
N LEU A 65 -1.08 10.81 0.10
CA LEU A 65 -1.41 10.41 1.47
C LEU A 65 -1.11 8.93 1.70
N ILE A 66 -1.53 8.10 0.77
CA ILE A 66 -1.30 6.67 0.87
C ILE A 66 0.18 6.33 0.70
N LEU A 67 0.77 6.81 -0.39
CA LEU A 67 2.18 6.57 -0.66
C LEU A 67 3.04 6.94 0.54
N GLU A 68 2.80 8.12 1.10
CA GLU A 68 3.57 8.58 2.25
C GLU A 68 3.52 7.55 3.38
N ALA A 69 2.44 6.79 3.42
CA ALA A 69 2.27 5.76 4.45
C ALA A 69 3.01 4.48 4.07
N VAL A 70 3.01 4.16 2.77
CA VAL A 70 3.67 2.96 2.28
C VAL A 70 5.18 3.05 2.48
N ASP A 71 5.73 4.23 2.28
CA ASP A 71 7.16 4.46 2.44
C ASP A 71 7.64 3.95 3.80
N LEU A 72 6.76 4.00 4.78
CA LEU A 72 7.09 3.55 6.13
C LEU A 72 7.09 2.03 6.21
N LEU A 73 6.21 1.40 5.46
CA LEU A 73 6.11 -0.06 5.44
C LEU A 73 7.40 -0.68 4.93
N CYS A 74 7.91 -0.17 3.82
CA CYS A 74 9.14 -0.67 3.23
C CYS A 74 10.34 -0.30 4.09
N ALA A 75 10.35 0.93 4.59
CA ALA A 75 11.45 1.41 5.43
C ALA A 75 11.55 0.60 6.71
N LEU A 76 10.41 0.11 7.20
CA LEU A 76 10.37 -0.68 8.42
C LEU A 76 10.96 -2.07 8.19
N ASN A 77 10.91 -2.53 6.94
CA ASN A 77 11.44 -3.84 6.58
C ASN A 77 12.75 -3.71 5.84
N SER A 78 13.87 -3.85 6.55
CA SER A 78 15.19 -3.75 5.96
C SER A 78 16.22 -4.53 6.77
N GLY A 79 16.56 -4.00 7.93
CA GLY A 79 17.54 -4.66 8.80
C GLY A 79 17.92 -3.82 9.99
N PRO A 80 18.73 -2.78 9.76
CA PRO A 80 19.18 -1.88 10.82
C PRO A 80 18.06 -0.99 11.36
N SER A 81 18.35 -0.25 12.42
CA SER A 81 17.37 0.63 13.03
C SER A 81 17.07 1.83 12.12
N SER A 82 18.13 2.40 11.56
CA SER A 82 17.98 3.56 10.67
C SER A 82 17.20 4.67 11.36
N GLY A 83 17.31 4.74 12.69
CA GLY A 83 16.61 5.76 13.44
C GLY A 83 17.25 6.04 14.78
N GLY A 1 21.74 -12.46 1.74
CA GLY A 1 20.38 -12.84 2.06
C GLY A 1 20.21 -14.33 2.25
N SER A 2 20.46 -14.81 3.47
CA SER A 2 20.35 -16.23 3.77
C SER A 2 18.90 -16.69 3.68
N SER A 3 18.04 -16.10 4.52
CA SER A 3 16.63 -16.44 4.55
C SER A 3 15.77 -15.21 4.79
N GLY A 4 14.69 -15.08 4.02
CA GLY A 4 13.80 -13.94 4.17
C GLY A 4 14.16 -12.81 3.24
N SER A 5 13.18 -11.96 2.94
CA SER A 5 13.40 -10.82 2.05
C SER A 5 12.49 -9.66 2.42
N SER A 6 11.19 -9.84 2.20
CA SER A 6 10.20 -8.82 2.49
C SER A 6 8.81 -9.42 2.67
N GLY A 7 8.10 -8.97 3.69
CA GLY A 7 6.77 -9.47 3.96
C GLY A 7 5.70 -8.72 3.18
N VAL A 8 5.84 -7.41 3.10
CA VAL A 8 4.88 -6.58 2.37
C VAL A 8 4.77 -6.99 0.92
N SER A 9 5.85 -7.60 0.41
CA SER A 9 5.88 -8.04 -0.99
C SER A 9 4.97 -9.26 -1.19
N LYS A 10 4.79 -10.03 -0.13
CA LYS A 10 3.95 -11.22 -0.19
C LYS A 10 2.63 -10.99 0.53
N TRP A 11 2.24 -9.72 0.66
CA TRP A 11 1.00 -9.38 1.35
C TRP A 11 -0.21 -9.74 0.49
N SER A 12 -1.13 -10.50 1.07
CA SER A 12 -2.33 -10.92 0.35
C SER A 12 -3.12 -9.71 -0.14
N PRO A 13 -4.01 -9.93 -1.13
CA PRO A 13 -4.84 -8.88 -1.70
C PRO A 13 -5.90 -8.39 -0.72
N SER A 14 -6.22 -9.21 0.27
CA SER A 14 -7.23 -8.87 1.26
C SER A 14 -6.58 -8.23 2.49
N GLN A 15 -5.31 -8.56 2.72
CA GLN A 15 -4.58 -8.02 3.86
C GLN A 15 -4.39 -6.52 3.73
N VAL A 16 -3.99 -6.08 2.54
CA VAL A 16 -3.77 -4.66 2.27
C VAL A 16 -4.98 -3.84 2.68
N VAL A 17 -6.17 -4.42 2.54
CA VAL A 17 -7.41 -3.74 2.90
C VAL A 17 -7.44 -3.40 4.38
N ASP A 18 -6.92 -4.30 5.20
CA ASP A 18 -6.88 -4.08 6.64
C ASP A 18 -5.94 -2.95 7.00
N TRP A 19 -4.92 -2.73 6.17
CA TRP A 19 -3.95 -1.67 6.40
C TRP A 19 -4.59 -0.29 6.22
N MET A 20 -5.38 -0.15 5.17
CA MET A 20 -6.06 1.11 4.89
C MET A 20 -7.01 1.48 6.01
N LYS A 21 -7.45 0.48 6.76
CA LYS A 21 -8.37 0.69 7.88
C LYS A 21 -7.69 1.47 9.00
N GLY A 22 -6.37 1.58 8.92
CA GLY A 22 -5.63 2.31 9.94
C GLY A 22 -4.93 3.52 9.38
N LEU A 23 -5.41 4.02 8.25
CA LEU A 23 -4.82 5.19 7.60
C LEU A 23 -5.78 6.38 7.66
N ASP A 24 -5.44 7.45 6.93
CA ASP A 24 -6.28 8.64 6.90
C ASP A 24 -7.72 8.28 6.56
N ASP A 25 -8.66 9.06 7.09
CA ASP A 25 -10.07 8.83 6.85
C ASP A 25 -10.42 9.07 5.38
N CYS A 26 -9.62 9.90 4.71
CA CYS A 26 -9.84 10.21 3.31
C CYS A 26 -9.52 9.01 2.43
N LEU A 27 -8.68 8.11 2.95
CA LEU A 27 -8.29 6.91 2.21
C LEU A 27 -9.18 5.73 2.59
N GLN A 28 -10.37 6.03 3.10
CA GLN A 28 -11.32 4.98 3.49
C GLN A 28 -12.23 4.63 2.33
N GLN A 29 -12.80 5.65 1.68
CA GLN A 29 -13.70 5.43 0.56
C GLN A 29 -13.03 4.60 -0.53
N TYR A 30 -11.70 4.67 -0.59
CA TYR A 30 -10.94 3.92 -1.58
C TYR A 30 -10.85 2.45 -1.20
N ILE A 31 -10.97 2.15 0.08
CA ILE A 31 -10.92 0.78 0.56
C ILE A 31 -11.88 -0.11 -0.20
N LYS A 32 -13.12 0.36 -0.36
CA LYS A 32 -14.13 -0.40 -1.09
C LYS A 32 -13.64 -0.79 -2.47
N ASN A 33 -12.77 0.03 -3.04
CA ASN A 33 -12.22 -0.23 -4.37
C ASN A 33 -11.04 -1.19 -4.29
N PHE A 34 -10.35 -1.17 -3.16
CA PHE A 34 -9.20 -2.04 -2.94
C PHE A 34 -9.63 -3.48 -2.69
N GLU A 35 -10.85 -3.63 -2.15
CA GLU A 35 -11.38 -4.95 -1.85
C GLU A 35 -11.69 -5.72 -3.14
N ARG A 36 -12.31 -5.03 -4.10
CA ARG A 36 -12.67 -5.63 -5.36
C ARG A 36 -11.46 -5.70 -6.29
N GLU A 37 -10.59 -4.68 -6.21
CA GLU A 37 -9.40 -4.63 -7.05
C GLU A 37 -8.40 -5.70 -6.63
N LYS A 38 -8.52 -6.17 -5.40
CA LYS A 38 -7.63 -7.21 -4.88
C LYS A 38 -6.18 -6.73 -4.93
N ILE A 39 -5.96 -5.46 -4.62
CA ILE A 39 -4.62 -4.88 -4.63
C ILE A 39 -3.69 -5.69 -3.73
N SER A 40 -2.74 -6.40 -4.34
CA SER A 40 -1.78 -7.21 -3.61
C SER A 40 -0.61 -6.36 -3.14
N GLY A 41 0.12 -6.86 -2.15
CA GLY A 41 1.26 -6.14 -1.62
C GLY A 41 2.27 -5.79 -2.71
N ASP A 42 2.60 -6.76 -3.54
CA ASP A 42 3.56 -6.57 -4.61
C ASP A 42 3.17 -5.35 -5.46
N GLN A 43 1.88 -5.07 -5.54
CA GLN A 43 1.38 -3.94 -6.31
C GLN A 43 1.33 -2.68 -5.45
N LEU A 44 1.06 -2.85 -4.17
CA LEU A 44 0.98 -1.74 -3.24
C LEU A 44 2.35 -1.10 -3.02
N LEU A 45 3.38 -1.94 -2.98
CA LEU A 45 4.75 -1.45 -2.79
C LEU A 45 5.21 -0.62 -3.98
N ARG A 46 4.87 -1.09 -5.19
CA ARG A 46 5.25 -0.39 -6.40
C ARG A 46 4.06 0.35 -6.99
N ILE A 47 3.12 0.76 -6.13
CA ILE A 47 1.93 1.47 -6.58
C ILE A 47 2.30 2.84 -7.15
N THR A 48 1.76 3.14 -8.32
CA THR A 48 2.01 4.41 -8.98
C THR A 48 0.75 5.24 -9.11
N HIS A 49 0.91 6.52 -9.44
CA HIS A 49 -0.23 7.41 -9.60
C HIS A 49 -1.26 6.82 -10.56
N GLN A 50 -0.78 6.13 -11.58
CA GLN A 50 -1.66 5.51 -12.57
C GLN A 50 -2.54 4.45 -11.93
N GLU A 51 -1.93 3.60 -11.10
CA GLU A 51 -2.67 2.53 -10.43
C GLU A 51 -3.75 3.12 -9.52
N LEU A 52 -3.38 4.11 -8.72
CA LEU A 52 -4.32 4.76 -7.81
C LEU A 52 -5.56 5.25 -8.56
N GLU A 53 -5.34 5.91 -9.70
CA GLU A 53 -6.43 6.43 -10.50
C GLU A 53 -7.40 5.30 -10.90
N ASP A 54 -6.82 4.14 -11.22
CA ASP A 54 -7.63 2.99 -11.62
C ASP A 54 -8.60 2.59 -10.52
N LEU A 55 -8.13 2.63 -9.28
CA LEU A 55 -8.97 2.27 -8.14
C LEU A 55 -10.10 3.28 -7.95
N GLY A 56 -9.87 4.51 -8.40
CA GLY A 56 -10.88 5.55 -8.29
C GLY A 56 -10.32 6.83 -7.72
N VAL A 57 -9.17 6.75 -7.06
CA VAL A 57 -8.53 7.92 -6.46
C VAL A 57 -8.22 8.96 -7.52
N SER A 58 -9.09 9.95 -7.65
CA SER A 58 -8.92 11.02 -8.62
C SER A 58 -8.52 12.32 -7.93
N ARG A 59 -7.43 12.28 -7.17
CA ARG A 59 -6.94 13.45 -6.46
C ARG A 59 -5.43 13.44 -6.37
N ILE A 60 -4.86 14.54 -5.86
CA ILE A 60 -3.41 14.65 -5.71
C ILE A 60 -3.00 14.50 -4.25
N GLY A 61 -3.72 15.18 -3.36
CA GLY A 61 -3.41 15.10 -1.94
C GLY A 61 -3.79 13.77 -1.34
N HIS A 62 -4.68 13.04 -2.00
CA HIS A 62 -5.12 11.74 -1.52
C HIS A 62 -4.19 10.63 -2.00
N GLN A 63 -3.78 10.71 -3.27
CA GLN A 63 -2.90 9.71 -3.85
C GLN A 63 -1.56 9.69 -3.12
N GLU A 64 -1.08 10.87 -2.71
CA GLU A 64 0.19 10.98 -2.02
C GLU A 64 0.04 10.56 -0.55
N LEU A 65 -1.17 10.73 -0.02
CA LEU A 65 -1.45 10.37 1.37
C LEU A 65 -1.15 8.90 1.62
N ILE A 66 -1.62 8.05 0.71
CA ILE A 66 -1.40 6.60 0.84
C ILE A 66 0.07 6.25 0.62
N LEU A 67 0.67 6.87 -0.39
CA LEU A 67 2.08 6.61 -0.71
C LEU A 67 2.98 6.97 0.48
N GLU A 68 2.76 8.15 1.05
CA GLU A 68 3.53 8.60 2.19
C GLU A 68 3.50 7.58 3.33
N ALA A 69 2.43 6.80 3.38
CA ALA A 69 2.28 5.78 4.40
C ALA A 69 3.00 4.50 4.02
N VAL A 70 3.16 4.28 2.72
CA VAL A 70 3.85 3.09 2.22
C VAL A 70 5.35 3.19 2.44
N ASP A 71 5.88 4.40 2.30
CA ASP A 71 7.32 4.63 2.49
C ASP A 71 7.78 4.12 3.84
N LEU A 72 6.86 4.10 4.81
CA LEU A 72 7.18 3.63 6.16
C LEU A 72 7.13 2.10 6.22
N LEU A 73 6.29 1.51 5.38
CA LEU A 73 6.15 0.05 5.34
C LEU A 73 7.42 -0.60 4.84
N CYS A 74 7.99 -0.05 3.78
CA CYS A 74 9.23 -0.58 3.20
C CYS A 74 10.44 -0.18 4.03
N ALA A 75 10.42 1.06 4.53
CA ALA A 75 11.52 1.56 5.35
C ALA A 75 11.69 0.73 6.62
N LEU A 76 10.59 0.15 7.09
CA LEU A 76 10.62 -0.67 8.30
C LEU A 76 11.28 -2.01 8.02
N ASN A 77 11.04 -2.56 6.84
CA ASN A 77 11.62 -3.85 6.45
C ASN A 77 12.87 -3.65 5.61
N SER A 78 13.94 -3.22 6.26
CA SER A 78 15.21 -2.99 5.57
C SER A 78 16.39 -3.28 6.48
N GLY A 79 17.59 -3.29 5.91
CA GLY A 79 18.79 -3.55 6.69
C GLY A 79 18.76 -4.91 7.36
N PRO A 80 18.93 -5.96 6.56
CA PRO A 80 18.93 -7.35 7.05
C PRO A 80 20.16 -7.66 7.90
N SER A 81 20.06 -7.40 9.20
CA SER A 81 21.15 -7.65 10.13
C SER A 81 21.65 -9.09 10.01
N SER A 82 22.94 -9.29 10.29
CA SER A 82 23.54 -10.62 10.20
C SER A 82 24.71 -10.74 11.16
N GLY A 83 25.28 -11.95 11.26
CA GLY A 83 26.40 -12.17 12.14
C GLY A 83 26.93 -13.59 12.04
N GLY A 1 13.49 -4.22 -8.13
CA GLY A 1 13.60 -3.31 -7.02
C GLY A 1 14.67 -3.72 -6.03
N SER A 2 14.79 -5.03 -5.82
CA SER A 2 15.79 -5.56 -4.88
C SER A 2 15.81 -7.08 -4.92
N SER A 3 16.76 -7.67 -4.21
CA SER A 3 16.90 -9.12 -4.17
C SER A 3 16.98 -9.62 -2.72
N GLY A 4 16.37 -8.88 -1.81
CA GLY A 4 16.38 -9.25 -0.41
C GLY A 4 15.06 -9.87 0.03
N SER A 5 14.79 -9.79 1.33
CA SER A 5 13.56 -10.34 1.89
C SER A 5 12.58 -9.23 2.24
N SER A 6 11.30 -9.54 2.13
CA SER A 6 10.25 -8.55 2.43
C SER A 6 8.89 -9.24 2.55
N GLY A 7 8.13 -8.84 3.57
CA GLY A 7 6.81 -9.43 3.79
C GLY A 7 5.73 -8.71 3.00
N VAL A 8 5.80 -7.39 2.95
CA VAL A 8 4.83 -6.59 2.24
C VAL A 8 4.73 -7.02 0.77
N SER A 9 5.81 -7.60 0.27
CA SER A 9 5.85 -8.06 -1.11
C SER A 9 4.96 -9.28 -1.32
N LYS A 10 4.77 -10.05 -0.24
CA LYS A 10 3.94 -11.24 -0.29
C LYS A 10 2.63 -11.03 0.45
N TRP A 11 2.22 -9.77 0.58
CA TRP A 11 0.99 -9.43 1.27
C TRP A 11 -0.23 -9.81 0.43
N SER A 12 -1.17 -10.52 1.04
CA SER A 12 -2.38 -10.95 0.35
C SER A 12 -3.19 -9.74 -0.12
N PRO A 13 -4.08 -9.98 -1.09
CA PRO A 13 -4.94 -8.93 -1.65
C PRO A 13 -6.00 -8.45 -0.67
N SER A 14 -6.26 -9.27 0.35
CA SER A 14 -7.26 -8.93 1.35
C SER A 14 -6.60 -8.26 2.57
N GLN A 15 -5.33 -8.56 2.77
CA GLN A 15 -4.58 -7.99 3.89
C GLN A 15 -4.42 -6.48 3.72
N VAL A 16 -4.05 -6.06 2.51
CA VAL A 16 -3.87 -4.64 2.23
C VAL A 16 -5.09 -3.83 2.65
N VAL A 17 -6.27 -4.45 2.53
CA VAL A 17 -7.51 -3.78 2.90
C VAL A 17 -7.52 -3.41 4.38
N ASP A 18 -6.94 -4.28 5.21
CA ASP A 18 -6.87 -4.03 6.64
C ASP A 18 -5.91 -2.90 6.97
N TRP A 19 -4.94 -2.68 6.08
CA TRP A 19 -3.96 -1.63 6.27
C TRP A 19 -4.59 -0.25 6.10
N MET A 20 -5.42 -0.11 5.08
CA MET A 20 -6.09 1.15 4.80
C MET A 20 -7.04 1.52 5.94
N LYS A 21 -7.47 0.52 6.70
CA LYS A 21 -8.37 0.74 7.83
C LYS A 21 -7.67 1.53 8.93
N GLY A 22 -6.36 1.64 8.84
CA GLY A 22 -5.60 2.37 9.84
C GLY A 22 -4.92 3.61 9.26
N LEU A 23 -5.43 4.09 8.14
CA LEU A 23 -4.86 5.26 7.49
C LEU A 23 -5.83 6.44 7.54
N ASP A 24 -5.51 7.50 6.80
CA ASP A 24 -6.36 8.68 6.76
C ASP A 24 -7.81 8.31 6.44
N ASP A 25 -8.74 9.10 6.96
CA ASP A 25 -10.16 8.85 6.73
C ASP A 25 -10.52 9.04 5.25
N CYS A 26 -9.80 9.93 4.59
CA CYS A 26 -10.04 10.21 3.18
C CYS A 26 -9.68 9.01 2.31
N LEU A 27 -8.83 8.14 2.84
CA LEU A 27 -8.40 6.94 2.12
C LEU A 27 -9.25 5.74 2.51
N GLN A 28 -10.45 6.01 3.03
CA GLN A 28 -11.36 4.95 3.44
C GLN A 28 -12.30 4.58 2.30
N GLN A 29 -12.88 5.59 1.65
CA GLN A 29 -13.80 5.37 0.55
C GLN A 29 -13.15 4.52 -0.54
N TYR A 30 -11.83 4.58 -0.62
CA TYR A 30 -11.09 3.82 -1.61
C TYR A 30 -11.01 2.35 -1.23
N ILE A 31 -11.10 2.08 0.06
CA ILE A 31 -11.04 0.71 0.56
C ILE A 31 -12.03 -0.19 -0.16
N LYS A 32 -13.25 0.30 -0.32
CA LYS A 32 -14.30 -0.46 -1.01
C LYS A 32 -13.84 -0.88 -2.40
N ASN A 33 -12.94 -0.09 -2.99
CA ASN A 33 -12.43 -0.38 -4.32
C ASN A 33 -11.22 -1.31 -4.24
N PHE A 34 -10.50 -1.25 -3.13
CA PHE A 34 -9.33 -2.09 -2.94
C PHE A 34 -9.73 -3.53 -2.64
N GLU A 35 -10.93 -3.70 -2.08
CA GLU A 35 -11.43 -5.03 -1.75
C GLU A 35 -11.80 -5.80 -3.01
N ARG A 36 -12.47 -5.12 -3.94
CA ARG A 36 -12.89 -5.74 -5.19
C ARG A 36 -11.71 -5.87 -6.15
N GLU A 37 -10.80 -4.91 -6.09
CA GLU A 37 -9.62 -4.91 -6.95
C GLU A 37 -8.60 -5.94 -6.49
N LYS A 38 -8.69 -6.32 -5.22
CA LYS A 38 -7.77 -7.30 -4.64
C LYS A 38 -6.32 -6.81 -4.76
N ILE A 39 -6.10 -5.54 -4.46
CA ILE A 39 -4.77 -4.97 -4.53
C ILE A 39 -3.79 -5.76 -3.68
N SER A 40 -2.87 -6.47 -4.34
CA SER A 40 -1.88 -7.27 -3.64
C SER A 40 -0.70 -6.41 -3.20
N GLY A 41 0.02 -6.88 -2.18
CA GLY A 41 1.16 -6.13 -1.68
C GLY A 41 2.16 -5.80 -2.78
N ASP A 42 2.44 -6.78 -3.64
CA ASP A 42 3.38 -6.57 -4.73
C ASP A 42 3.02 -5.33 -5.54
N GLN A 43 1.73 -5.03 -5.59
CA GLN A 43 1.25 -3.87 -6.34
C GLN A 43 1.22 -2.62 -5.45
N LEU A 44 1.07 -2.84 -4.15
CA LEU A 44 1.03 -1.73 -3.20
C LEU A 44 2.41 -1.11 -3.03
N LEU A 45 3.43 -1.95 -2.93
CA LEU A 45 4.81 -1.48 -2.78
C LEU A 45 5.25 -0.68 -4.00
N ARG A 46 4.79 -1.09 -5.18
CA ARG A 46 5.15 -0.42 -6.41
C ARG A 46 3.96 0.36 -6.97
N ILE A 47 3.08 0.79 -6.07
CA ILE A 47 1.89 1.55 -6.47
C ILE A 47 2.27 2.91 -7.03
N THR A 48 1.69 3.26 -8.17
CA THR A 48 1.97 4.53 -8.81
C THR A 48 0.68 5.31 -9.08
N HIS A 49 0.83 6.58 -9.44
CA HIS A 49 -0.32 7.43 -9.72
C HIS A 49 -1.25 6.78 -10.75
N GLN A 50 -0.65 6.05 -11.69
CA GLN A 50 -1.43 5.38 -12.72
C GLN A 50 -2.30 4.29 -12.12
N GLU A 51 -1.79 3.61 -11.10
CA GLU A 51 -2.53 2.53 -10.44
C GLU A 51 -3.67 3.10 -9.60
N LEU A 52 -3.33 4.05 -8.72
CA LEU A 52 -4.32 4.67 -7.85
C LEU A 52 -5.49 5.22 -8.67
N GLU A 53 -5.18 5.83 -9.80
CA GLU A 53 -6.20 6.40 -10.67
C GLU A 53 -7.21 5.33 -11.09
N ASP A 54 -6.71 4.13 -11.37
CA ASP A 54 -7.57 3.03 -11.78
C ASP A 54 -8.53 2.64 -10.67
N LEU A 55 -8.07 2.75 -9.43
CA LEU A 55 -8.89 2.42 -8.27
C LEU A 55 -9.99 3.45 -8.06
N GLY A 56 -9.73 4.68 -8.49
CA GLY A 56 -10.71 5.75 -8.34
C GLY A 56 -10.11 7.01 -7.77
N VAL A 57 -8.95 6.87 -7.11
CA VAL A 57 -8.27 8.02 -6.52
C VAL A 57 -7.86 9.03 -7.58
N SER A 58 -8.72 10.02 -7.80
CA SER A 58 -8.45 11.06 -8.79
C SER A 58 -7.73 12.24 -8.15
N ARG A 59 -8.05 12.51 -6.89
CA ARG A 59 -7.45 13.62 -6.16
C ARG A 59 -5.93 13.49 -6.13
N ILE A 60 -5.26 14.53 -5.65
CA ILE A 60 -3.80 14.52 -5.58
C ILE A 60 -3.33 14.42 -4.13
N GLY A 61 -4.04 15.10 -3.23
CA GLY A 61 -3.68 15.06 -1.82
C GLY A 61 -3.88 13.69 -1.21
N HIS A 62 -4.71 12.87 -1.84
CA HIS A 62 -4.99 11.53 -1.35
C HIS A 62 -4.02 10.52 -1.95
N GLN A 63 -3.65 10.73 -3.21
CA GLN A 63 -2.73 9.83 -3.90
C GLN A 63 -1.38 9.81 -3.20
N GLU A 64 -0.98 10.95 -2.64
CA GLU A 64 0.30 11.06 -1.94
C GLU A 64 0.16 10.61 -0.49
N LEU A 65 -0.99 10.90 0.12
CA LEU A 65 -1.24 10.53 1.50
C LEU A 65 -0.97 9.05 1.73
N ILE A 66 -1.46 8.22 0.82
CA ILE A 66 -1.27 6.78 0.92
C ILE A 66 0.20 6.41 0.76
N LEU A 67 0.84 6.97 -0.26
CA LEU A 67 2.25 6.71 -0.53
C LEU A 67 3.10 7.05 0.68
N GLU A 68 2.86 8.22 1.27
CA GLU A 68 3.60 8.66 2.44
C GLU A 68 3.59 7.60 3.53
N ALA A 69 2.52 6.81 3.57
CA ALA A 69 2.40 5.74 4.57
C ALA A 69 3.17 4.50 4.13
N VAL A 70 3.12 4.19 2.85
CA VAL A 70 3.81 3.03 2.31
C VAL A 70 5.31 3.14 2.53
N ASP A 71 5.83 4.36 2.43
CA ASP A 71 7.26 4.60 2.61
C ASP A 71 7.74 4.02 3.94
N LEU A 72 6.87 4.03 4.93
CA LEU A 72 7.20 3.50 6.26
C LEU A 72 7.20 1.98 6.25
N LEU A 73 6.33 1.39 5.43
CA LEU A 73 6.23 -0.06 5.34
C LEU A 73 7.52 -0.66 4.79
N CYS A 74 8.14 0.04 3.85
CA CYS A 74 9.40 -0.42 3.26
C CYS A 74 10.59 0.07 4.05
N ALA A 75 10.49 1.29 4.57
CA ALA A 75 11.57 1.89 5.35
C ALA A 75 11.91 1.03 6.56
N LEU A 76 10.91 0.32 7.08
CA LEU A 76 11.11 -0.55 8.23
C LEU A 76 11.60 -1.93 7.80
N ASN A 77 11.18 -2.36 6.62
CA ASN A 77 11.58 -3.66 6.09
C ASN A 77 12.73 -3.51 5.11
N SER A 78 13.91 -3.16 5.63
CA SER A 78 15.09 -2.97 4.80
C SER A 78 16.35 -3.41 5.55
N GLY A 79 17.25 -4.08 4.84
CA GLY A 79 18.48 -4.54 5.46
C GLY A 79 18.41 -6.00 5.87
N PRO A 80 19.51 -6.49 6.47
CA PRO A 80 19.59 -7.88 6.93
C PRO A 80 18.69 -8.15 8.13
N SER A 81 18.56 -7.16 9.00
CA SER A 81 17.73 -7.29 10.20
C SER A 81 18.27 -8.40 11.10
N SER A 82 19.38 -8.12 11.76
CA SER A 82 20.00 -9.09 12.66
C SER A 82 21.17 -8.47 13.41
N GLY A 83 21.44 -8.99 14.61
CA GLY A 83 22.54 -8.47 15.41
C GLY A 83 22.52 -9.01 16.82
N GLY A 1 25.85 -9.72 -1.01
CA GLY A 1 24.42 -9.84 -0.83
C GLY A 1 23.73 -8.49 -0.69
N SER A 2 22.40 -8.51 -0.69
CA SER A 2 21.63 -7.28 -0.57
C SER A 2 20.13 -7.58 -0.46
N SER A 3 19.80 -8.54 0.40
CA SER A 3 18.41 -8.94 0.58
C SER A 3 17.96 -8.69 2.03
N GLY A 4 16.66 -8.77 2.26
CA GLY A 4 16.13 -8.55 3.60
C GLY A 4 15.06 -9.56 3.97
N SER A 5 13.85 -9.07 4.22
CA SER A 5 12.75 -9.94 4.60
C SER A 5 11.74 -10.06 3.46
N SER A 6 11.40 -8.92 2.85
CA SER A 6 10.43 -8.90 1.76
C SER A 6 9.06 -9.39 2.21
N GLY A 7 8.51 -8.72 3.22
CA GLY A 7 7.21 -9.10 3.73
C GLY A 7 6.08 -8.36 3.05
N VAL A 8 6.17 -7.03 3.01
CA VAL A 8 5.14 -6.21 2.38
C VAL A 8 4.99 -6.57 0.90
N SER A 9 6.05 -7.11 0.31
CA SER A 9 6.03 -7.50 -1.09
C SER A 9 5.18 -8.74 -1.30
N LYS A 10 5.07 -9.56 -0.26
CA LYS A 10 4.28 -10.79 -0.32
C LYS A 10 2.97 -10.64 0.44
N TRP A 11 2.53 -9.40 0.60
CA TRP A 11 1.29 -9.12 1.31
C TRP A 11 0.08 -9.52 0.48
N SER A 12 -0.83 -10.27 1.09
CA SER A 12 -2.04 -10.72 0.39
C SER A 12 -2.88 -9.53 -0.08
N PRO A 13 -3.76 -9.79 -1.05
CA PRO A 13 -4.64 -8.75 -1.61
C PRO A 13 -5.70 -8.29 -0.63
N SER A 14 -5.97 -9.11 0.38
CA SER A 14 -6.96 -8.79 1.40
C SER A 14 -6.31 -8.13 2.60
N GLN A 15 -5.04 -8.43 2.81
CA GLN A 15 -4.30 -7.87 3.93
C GLN A 15 -4.15 -6.35 3.79
N VAL A 16 -3.77 -5.91 2.59
CA VAL A 16 -3.59 -4.50 2.32
C VAL A 16 -4.82 -3.70 2.74
N VAL A 17 -5.99 -4.31 2.62
CA VAL A 17 -7.24 -3.67 2.99
C VAL A 17 -7.26 -3.30 4.46
N ASP A 18 -6.72 -4.19 5.30
CA ASP A 18 -6.68 -3.96 6.73
C ASP A 18 -5.74 -2.81 7.07
N TRP A 19 -4.75 -2.58 6.21
CA TRP A 19 -3.78 -1.51 6.42
C TRP A 19 -4.43 -0.14 6.23
N MET A 20 -5.24 -0.03 5.18
CA MET A 20 -5.93 1.23 4.89
C MET A 20 -6.88 1.60 6.03
N LYS A 21 -7.30 0.61 6.79
CA LYS A 21 -8.22 0.83 7.90
C LYS A 21 -7.53 1.63 9.01
N GLY A 22 -6.22 1.76 8.92
CA GLY A 22 -5.48 2.50 9.92
C GLY A 22 -4.80 3.73 9.34
N LEU A 23 -5.30 4.20 8.21
CA LEU A 23 -4.73 5.37 7.54
C LEU A 23 -5.71 6.55 7.58
N ASP A 24 -5.40 7.59 6.82
CA ASP A 24 -6.25 8.77 6.76
C ASP A 24 -7.69 8.39 6.44
N ASP A 25 -8.63 9.15 6.97
CA ASP A 25 -10.06 8.89 6.75
C ASP A 25 -10.41 9.07 5.27
N CYS A 26 -9.71 9.98 4.61
CA CYS A 26 -9.94 10.25 3.19
C CYS A 26 -9.58 9.04 2.34
N LEU A 27 -8.71 8.19 2.88
CA LEU A 27 -8.27 7.00 2.16
C LEU A 27 -9.11 5.79 2.55
N GLN A 28 -10.31 6.05 3.07
CA GLN A 28 -11.21 4.99 3.47
C GLN A 28 -12.14 4.59 2.33
N GLN A 29 -12.72 5.60 1.68
CA GLN A 29 -13.64 5.35 0.56
C GLN A 29 -12.97 4.50 -0.52
N TYR A 30 -11.65 4.57 -0.59
CA TYR A 30 -10.90 3.81 -1.57
C TYR A 30 -10.81 2.34 -1.17
N ILE A 31 -10.92 2.07 0.12
CA ILE A 31 -10.85 0.72 0.63
C ILE A 31 -11.83 -0.20 -0.09
N LYS A 32 -13.07 0.27 -0.24
CA LYS A 32 -14.10 -0.50 -0.91
C LYS A 32 -13.67 -0.87 -2.32
N ASN A 33 -12.79 -0.05 -2.90
CA ASN A 33 -12.29 -0.29 -4.25
C ASN A 33 -11.09 -1.23 -4.22
N PHE A 34 -10.35 -1.21 -3.12
CA PHE A 34 -9.17 -2.05 -2.97
C PHE A 34 -9.57 -3.50 -2.67
N GLU A 35 -10.74 -3.67 -2.05
CA GLU A 35 -11.24 -4.99 -1.71
C GLU A 35 -11.58 -5.79 -2.96
N ARG A 36 -12.23 -5.13 -3.91
CA ARG A 36 -12.62 -5.78 -5.16
C ARG A 36 -11.42 -5.91 -6.11
N GLU A 37 -10.59 -4.87 -6.15
CA GLU A 37 -9.41 -4.87 -7.00
C GLU A 37 -8.38 -5.89 -6.51
N LYS A 38 -8.48 -6.26 -5.25
CA LYS A 38 -7.57 -7.23 -4.65
C LYS A 38 -6.12 -6.75 -4.77
N ILE A 39 -5.90 -5.48 -4.44
CA ILE A 39 -4.56 -4.90 -4.51
C ILE A 39 -3.59 -5.66 -3.60
N SER A 40 -2.66 -6.37 -4.21
CA SER A 40 -1.67 -7.14 -3.46
C SER A 40 -0.48 -6.27 -3.10
N GLY A 41 0.29 -6.73 -2.10
CA GLY A 41 1.46 -5.98 -1.67
C GLY A 41 2.44 -5.72 -2.79
N ASP A 42 2.67 -6.75 -3.61
CA ASP A 42 3.59 -6.64 -4.73
C ASP A 42 3.26 -5.42 -5.60
N GLN A 43 1.96 -5.15 -5.74
CA GLN A 43 1.51 -4.02 -6.54
C GLN A 43 1.51 -2.73 -5.71
N LEU A 44 1.25 -2.87 -4.42
CA LEU A 44 1.22 -1.72 -3.52
C LEU A 44 2.59 -1.08 -3.41
N LEU A 45 3.61 -1.91 -3.18
CA LEU A 45 4.98 -1.43 -3.06
C LEU A 45 5.38 -0.61 -4.28
N ARG A 46 4.99 -1.07 -5.46
CA ARG A 46 5.30 -0.39 -6.70
C ARG A 46 4.08 0.31 -7.27
N ILE A 47 3.20 0.77 -6.38
CA ILE A 47 1.98 1.45 -6.79
C ILE A 47 2.30 2.81 -7.43
N THR A 48 1.66 3.08 -8.57
CA THR A 48 1.88 4.34 -9.28
C THR A 48 0.60 5.16 -9.36
N HIS A 49 0.74 6.43 -9.68
CA HIS A 49 -0.41 7.32 -9.79
C HIS A 49 -1.48 6.72 -10.71
N GLN A 50 -1.03 6.05 -11.75
CA GLN A 50 -1.95 5.42 -12.71
C GLN A 50 -2.82 4.38 -12.03
N GLU A 51 -2.19 3.51 -11.23
CA GLU A 51 -2.92 2.46 -10.52
C GLU A 51 -4.01 3.06 -9.65
N LEU A 52 -3.64 4.04 -8.82
CA LEU A 52 -4.58 4.69 -7.93
C LEU A 52 -5.79 5.20 -8.70
N GLU A 53 -5.54 5.97 -9.75
CA GLU A 53 -6.61 6.53 -10.56
C GLU A 53 -7.56 5.42 -11.03
N ASP A 54 -7.01 4.27 -11.35
CA ASP A 54 -7.80 3.13 -11.80
C ASP A 54 -8.76 2.68 -10.71
N LEU A 55 -8.31 2.72 -9.47
CA LEU A 55 -9.13 2.31 -8.33
C LEU A 55 -10.26 3.30 -8.09
N GLY A 56 -10.03 4.56 -8.47
CA GLY A 56 -11.04 5.58 -8.29
C GLY A 56 -10.47 6.85 -7.71
N VAL A 57 -9.30 6.75 -7.09
CA VAL A 57 -8.65 7.90 -6.49
C VAL A 57 -8.37 8.98 -7.53
N SER A 58 -9.26 9.98 -7.59
CA SER A 58 -9.12 11.07 -8.55
C SER A 58 -8.73 12.36 -7.84
N ARG A 59 -7.74 12.27 -6.96
CA ARG A 59 -7.27 13.43 -6.21
C ARG A 59 -5.75 13.50 -6.22
N ILE A 60 -5.21 14.58 -5.65
CA ILE A 60 -3.77 14.76 -5.59
C ILE A 60 -3.26 14.65 -4.15
N GLY A 61 -3.99 15.25 -3.22
CA GLY A 61 -3.60 15.21 -1.83
C GLY A 61 -3.84 13.84 -1.20
N HIS A 62 -4.72 13.06 -1.81
CA HIS A 62 -5.04 11.73 -1.32
C HIS A 62 -4.10 10.68 -1.91
N GLN A 63 -3.81 10.83 -3.19
CA GLN A 63 -2.92 9.89 -3.88
C GLN A 63 -1.53 9.88 -3.25
N GLU A 64 -1.12 11.04 -2.74
CA GLU A 64 0.19 11.16 -2.10
C GLU A 64 0.13 10.72 -0.65
N LEU A 65 -1.04 10.87 -0.03
CA LEU A 65 -1.24 10.49 1.36
C LEU A 65 -0.96 9.01 1.56
N ILE A 66 -1.51 8.17 0.68
CA ILE A 66 -1.31 6.73 0.76
C ILE A 66 0.14 6.36 0.51
N LEU A 67 0.75 6.98 -0.49
CA LEU A 67 2.14 6.72 -0.83
C LEU A 67 3.06 7.05 0.34
N GLU A 68 2.90 8.25 0.89
CA GLU A 68 3.71 8.68 2.02
C GLU A 68 3.68 7.65 3.14
N ALA A 69 2.58 6.93 3.25
CA ALA A 69 2.42 5.91 4.27
C ALA A 69 3.13 4.62 3.88
N VAL A 70 3.16 4.34 2.58
CA VAL A 70 3.80 3.13 2.07
C VAL A 70 5.31 3.16 2.33
N ASP A 71 5.89 4.36 2.26
CA ASP A 71 7.32 4.52 2.49
C ASP A 71 7.72 3.94 3.84
N LEU A 72 6.78 3.91 4.77
CA LEU A 72 7.03 3.39 6.11
C LEU A 72 6.97 1.86 6.11
N LEU A 73 6.08 1.31 5.30
CA LEU A 73 5.91 -0.13 5.20
C LEU A 73 7.24 -0.82 4.92
N CYS A 74 7.90 -0.38 3.85
CA CYS A 74 9.20 -0.95 3.47
C CYS A 74 10.24 -0.70 4.54
N ALA A 75 10.12 0.44 5.23
CA ALA A 75 11.06 0.80 6.29
C ALA A 75 11.07 -0.25 7.39
N LEU A 76 9.88 -0.64 7.83
CA LEU A 76 9.73 -1.63 8.89
C LEU A 76 10.52 -2.90 8.55
N ASN A 77 10.39 -3.35 7.30
CA ASN A 77 11.09 -4.55 6.85
C ASN A 77 12.57 -4.28 6.67
N SER A 78 13.41 -5.18 7.19
CA SER A 78 14.86 -5.04 7.08
C SER A 78 15.32 -3.74 7.73
N GLY A 79 15.78 -3.84 8.97
CA GLY A 79 16.24 -2.66 9.68
C GLY A 79 17.42 -2.97 10.60
N PRO A 80 17.92 -1.93 11.29
CA PRO A 80 19.04 -2.06 12.21
C PRO A 80 18.68 -2.86 13.46
N SER A 81 17.41 -2.83 13.83
CA SER A 81 16.93 -3.55 15.00
C SER A 81 15.74 -4.44 14.66
N SER A 82 14.83 -3.91 13.83
CA SER A 82 13.65 -4.66 13.42
C SER A 82 14.00 -5.66 12.32
N GLY A 83 12.99 -6.41 11.88
CA GLY A 83 13.20 -7.39 10.83
C GLY A 83 12.08 -7.41 9.81
N GLY A 1 21.12 -16.83 3.03
CA GLY A 1 21.21 -16.09 4.29
C GLY A 1 21.09 -14.60 4.09
N SER A 2 22.23 -13.91 4.09
CA SER A 2 22.25 -12.47 3.93
C SER A 2 22.10 -12.09 2.45
N SER A 3 20.85 -11.97 2.01
CA SER A 3 20.56 -11.63 0.62
C SER A 3 19.52 -10.51 0.55
N GLY A 4 18.44 -10.66 1.31
CA GLY A 4 17.39 -9.65 1.32
C GLY A 4 16.01 -10.25 1.21
N SER A 5 15.11 -9.84 2.09
CA SER A 5 13.75 -10.34 2.09
C SER A 5 12.74 -9.21 2.24
N SER A 6 11.46 -9.55 2.13
CA SER A 6 10.40 -8.55 2.25
C SER A 6 9.04 -9.22 2.44
N GLY A 7 8.27 -8.74 3.41
CA GLY A 7 6.97 -9.31 3.67
C GLY A 7 5.85 -8.56 2.97
N VAL A 8 5.94 -7.23 2.98
CA VAL A 8 4.94 -6.39 2.34
C VAL A 8 4.78 -6.75 0.87
N SER A 9 5.84 -7.32 0.28
CA SER A 9 5.82 -7.71 -1.12
C SER A 9 4.93 -8.94 -1.33
N LYS A 10 4.81 -9.76 -0.29
CA LYS A 10 3.99 -10.95 -0.36
C LYS A 10 2.69 -10.78 0.42
N TRP A 11 2.28 -9.53 0.58
CA TRP A 11 1.04 -9.23 1.30
C TRP A 11 -0.18 -9.60 0.48
N SER A 12 -1.07 -10.38 1.07
CA SER A 12 -2.28 -10.82 0.38
C SER A 12 -3.11 -9.62 -0.07
N PRO A 13 -4.02 -9.85 -1.03
CA PRO A 13 -4.89 -8.80 -1.57
C PRO A 13 -5.94 -8.35 -0.56
N SER A 14 -6.21 -9.19 0.43
CA SER A 14 -7.19 -8.88 1.46
C SER A 14 -6.53 -8.25 2.68
N GLN A 15 -5.25 -8.55 2.87
CA GLN A 15 -4.49 -8.01 4.00
C GLN A 15 -4.32 -6.50 3.87
N VAL A 16 -3.95 -6.06 2.67
CA VAL A 16 -3.76 -4.63 2.40
C VAL A 16 -4.98 -3.82 2.84
N VAL A 17 -6.15 -4.41 2.71
CA VAL A 17 -7.39 -3.74 3.09
C VAL A 17 -7.38 -3.38 4.57
N ASP A 18 -6.81 -4.26 5.38
CA ASP A 18 -6.73 -4.02 6.82
C ASP A 18 -5.78 -2.87 7.14
N TRP A 19 -4.80 -2.67 6.29
CA TRP A 19 -3.82 -1.60 6.47
C TRP A 19 -4.47 -0.24 6.27
N MET A 20 -5.28 -0.13 5.22
CA MET A 20 -5.97 1.12 4.91
C MET A 20 -6.92 1.52 6.03
N LYS A 21 -7.34 0.53 6.82
CA LYS A 21 -8.25 0.77 7.94
C LYS A 21 -7.56 1.58 9.03
N GLY A 22 -6.24 1.69 8.94
CA GLY A 22 -5.48 2.44 9.93
C GLY A 22 -4.80 3.66 9.34
N LEU A 23 -5.30 4.12 8.19
CA LEU A 23 -4.74 5.29 7.53
C LEU A 23 -5.70 6.47 7.57
N ASP A 24 -5.39 7.52 6.83
CA ASP A 24 -6.23 8.71 6.78
C ASP A 24 -7.67 8.34 6.47
N ASP A 25 -8.60 9.16 6.93
CA ASP A 25 -10.02 8.92 6.71
C ASP A 25 -10.38 9.13 5.25
N CYS A 26 -9.60 9.95 4.56
CA CYS A 26 -9.84 10.23 3.14
C CYS A 26 -9.51 9.00 2.29
N LEU A 27 -8.67 8.13 2.81
CA LEU A 27 -8.27 6.92 2.10
C LEU A 27 -9.14 5.73 2.50
N GLN A 28 -10.33 6.03 3.02
CA GLN A 28 -11.26 4.99 3.45
C GLN A 28 -12.19 4.60 2.32
N GLN A 29 -12.76 5.59 1.65
CA GLN A 29 -13.68 5.36 0.54
C GLN A 29 -13.01 4.49 -0.53
N TYR A 30 -11.68 4.55 -0.60
CA TYR A 30 -10.94 3.79 -1.58
C TYR A 30 -10.85 2.32 -1.17
N ILE A 31 -10.94 2.06 0.13
CA ILE A 31 -10.87 0.70 0.65
C ILE A 31 -11.86 -0.21 -0.08
N LYS A 32 -13.10 0.27 -0.21
CA LYS A 32 -14.14 -0.51 -0.89
C LYS A 32 -13.71 -0.89 -2.29
N ASN A 33 -12.83 -0.09 -2.88
CA ASN A 33 -12.32 -0.34 -4.23
C ASN A 33 -11.12 -1.28 -4.19
N PHE A 34 -10.40 -1.26 -3.08
CA PHE A 34 -9.23 -2.11 -2.92
C PHE A 34 -9.62 -3.56 -2.67
N GLU A 35 -10.82 -3.75 -2.12
CA GLU A 35 -11.31 -5.09 -1.84
C GLU A 35 -11.65 -5.83 -3.12
N ARG A 36 -12.41 -5.18 -3.99
CA ARG A 36 -12.81 -5.78 -5.27
C ARG A 36 -11.61 -5.90 -6.20
N GLU A 37 -10.78 -4.86 -6.23
CA GLU A 37 -9.59 -4.85 -7.09
C GLU A 37 -8.58 -5.90 -6.63
N LYS A 38 -8.69 -6.31 -5.37
CA LYS A 38 -7.79 -7.31 -4.81
C LYS A 38 -6.34 -6.84 -4.90
N ILE A 39 -6.12 -5.56 -4.60
CA ILE A 39 -4.77 -5.00 -4.65
C ILE A 39 -3.82 -5.76 -3.73
N SER A 40 -2.89 -6.49 -4.34
CA SER A 40 -1.92 -7.27 -3.57
C SER A 40 -0.72 -6.41 -3.18
N GLY A 41 0.01 -6.86 -2.16
CA GLY A 41 1.16 -6.12 -1.69
C GLY A 41 2.14 -5.82 -2.80
N ASP A 42 2.43 -6.83 -3.62
CA ASP A 42 3.36 -6.68 -4.73
C ASP A 42 2.99 -5.47 -5.59
N GLN A 43 1.70 -5.17 -5.65
CA GLN A 43 1.21 -4.04 -6.43
C GLN A 43 1.29 -2.74 -5.63
N LEU A 44 1.06 -2.85 -4.33
CA LEU A 44 1.11 -1.68 -3.45
C LEU A 44 2.53 -1.13 -3.34
N LEU A 45 3.48 -2.02 -3.11
CA LEU A 45 4.88 -1.63 -3.00
C LEU A 45 5.34 -0.86 -4.23
N ARG A 46 4.72 -1.16 -5.37
CA ARG A 46 5.07 -0.49 -6.62
C ARG A 46 3.89 0.31 -7.14
N ILE A 47 3.02 0.75 -6.25
CA ILE A 47 1.84 1.53 -6.63
C ILE A 47 2.24 2.90 -7.16
N THR A 48 1.63 3.30 -8.28
CA THR A 48 1.92 4.59 -8.88
C THR A 48 0.65 5.42 -9.04
N HIS A 49 0.83 6.70 -9.36
CA HIS A 49 -0.30 7.60 -9.53
C HIS A 49 -1.30 7.03 -10.53
N GLN A 50 -0.79 6.44 -11.60
CA GLN A 50 -1.64 5.86 -12.64
C GLN A 50 -2.48 4.73 -12.07
N GLU A 51 -1.85 3.88 -11.27
CA GLU A 51 -2.55 2.74 -10.66
C GLU A 51 -3.69 3.23 -9.76
N LEU A 52 -3.41 4.24 -8.95
CA LEU A 52 -4.41 4.79 -8.04
C LEU A 52 -5.62 5.31 -8.81
N GLU A 53 -5.36 5.98 -9.94
CA GLU A 53 -6.43 6.51 -10.77
C GLU A 53 -7.42 5.42 -11.18
N ASP A 54 -6.90 4.20 -11.35
CA ASP A 54 -7.72 3.07 -11.73
C ASP A 54 -8.71 2.70 -10.62
N LEU A 55 -8.20 2.62 -9.40
CA LEU A 55 -9.04 2.27 -8.25
C LEU A 55 -10.15 3.30 -8.06
N GLY A 56 -9.90 4.52 -8.52
CA GLY A 56 -10.89 5.57 -8.39
C GLY A 56 -10.32 6.86 -7.83
N VAL A 57 -9.16 6.75 -7.18
CA VAL A 57 -8.50 7.91 -6.59
C VAL A 57 -8.15 8.94 -7.66
N SER A 58 -8.98 9.97 -7.76
CA SER A 58 -8.76 11.03 -8.74
C SER A 58 -7.95 12.17 -8.14
N ARG A 59 -8.30 12.57 -6.92
CA ARG A 59 -7.60 13.66 -6.24
C ARG A 59 -6.10 13.39 -6.18
N ILE A 60 -5.33 14.42 -5.85
CA ILE A 60 -3.88 14.29 -5.75
C ILE A 60 -3.44 14.20 -4.30
N GLY A 61 -3.98 15.08 -3.47
CA GLY A 61 -3.63 15.08 -2.06
C GLY A 61 -3.82 13.73 -1.40
N HIS A 62 -4.73 12.94 -1.96
CA HIS A 62 -5.01 11.62 -1.42
C HIS A 62 -4.05 10.58 -1.99
N GLN A 63 -3.76 10.68 -3.28
CA GLN A 63 -2.85 9.75 -3.94
C GLN A 63 -1.49 9.75 -3.25
N GLU A 64 -1.11 10.89 -2.70
CA GLU A 64 0.18 11.02 -2.01
C GLU A 64 0.07 10.55 -0.57
N LEU A 65 -1.12 10.70 0.01
CA LEU A 65 -1.36 10.29 1.39
C LEU A 65 -1.02 8.81 1.59
N ILE A 66 -1.52 7.97 0.69
CA ILE A 66 -1.27 6.54 0.77
C ILE A 66 0.20 6.23 0.56
N LEU A 67 0.79 6.85 -0.47
CA LEU A 67 2.19 6.63 -0.78
C LEU A 67 3.08 7.01 0.42
N GLU A 68 2.84 8.19 0.97
CA GLU A 68 3.62 8.67 2.11
C GLU A 68 3.63 7.62 3.23
N ALA A 69 2.56 6.83 3.31
CA ALA A 69 2.45 5.80 4.33
C ALA A 69 3.16 4.52 3.89
N VAL A 70 3.10 4.22 2.61
CA VAL A 70 3.74 3.03 2.06
C VAL A 70 5.24 3.04 2.35
N ASP A 71 5.82 4.23 2.41
CA ASP A 71 7.25 4.37 2.70
C ASP A 71 7.61 3.70 4.01
N LEU A 72 6.81 3.96 5.04
CA LEU A 72 7.05 3.38 6.36
C LEU A 72 7.02 1.86 6.31
N LEU A 73 6.14 1.32 5.47
CA LEU A 73 6.00 -0.13 5.33
C LEU A 73 7.29 -0.74 4.82
N CYS A 74 8.07 0.05 4.09
CA CYS A 74 9.34 -0.43 3.54
C CYS A 74 10.50 -0.07 4.48
N ALA A 75 10.47 1.15 5.01
CA ALA A 75 11.51 1.61 5.92
C ALA A 75 11.74 0.61 7.05
N LEU A 76 10.65 0.01 7.54
CA LEU A 76 10.73 -0.96 8.62
C LEU A 76 11.38 -2.26 8.13
N ASN A 77 11.12 -2.61 6.88
CA ASN A 77 11.67 -3.82 6.30
C ASN A 77 13.16 -3.65 6.00
N SER A 78 13.99 -4.19 6.88
CA SER A 78 15.45 -4.09 6.71
C SER A 78 16.16 -5.03 7.66
N GLY A 79 16.45 -6.24 7.19
CA GLY A 79 17.14 -7.22 8.01
C GLY A 79 16.24 -8.37 8.42
N PRO A 80 15.90 -9.24 7.44
CA PRO A 80 15.04 -10.39 7.68
C PRO A 80 15.73 -11.46 8.53
N SER A 81 17.03 -11.61 8.35
CA SER A 81 17.80 -12.60 9.10
C SER A 81 18.17 -12.07 10.48
N SER A 82 18.52 -10.78 10.54
CA SER A 82 18.89 -10.16 11.80
C SER A 82 20.04 -10.92 12.47
N GLY A 83 21.27 -10.62 12.06
CA GLY A 83 22.43 -11.27 12.62
C GLY A 83 22.69 -12.62 11.98
N GLY A 1 20.23 -2.60 -6.26
CA GLY A 1 20.39 -3.43 -5.09
C GLY A 1 19.06 -3.91 -4.54
N SER A 2 18.75 -5.19 -4.78
CA SER A 2 17.50 -5.76 -4.31
C SER A 2 17.56 -6.05 -2.81
N SER A 3 16.39 -6.19 -2.20
CA SER A 3 16.30 -6.45 -0.76
C SER A 3 16.17 -7.95 -0.50
N GLY A 4 16.47 -8.36 0.74
CA GLY A 4 16.38 -9.76 1.10
C GLY A 4 14.98 -10.14 1.55
N SER A 5 14.80 -10.25 2.87
CA SER A 5 13.51 -10.62 3.43
C SER A 5 12.50 -9.48 3.27
N SER A 6 11.31 -9.82 2.80
CA SER A 6 10.26 -8.83 2.59
C SER A 6 8.87 -9.45 2.79
N GLY A 7 8.11 -8.90 3.72
CA GLY A 7 6.78 -9.41 3.99
C GLY A 7 5.70 -8.67 3.22
N VAL A 8 5.87 -7.35 3.10
CA VAL A 8 4.90 -6.53 2.39
C VAL A 8 4.81 -6.94 0.92
N SER A 9 5.87 -7.54 0.41
CA SER A 9 5.91 -7.98 -0.97
C SER A 9 5.01 -9.20 -1.18
N LYS A 10 4.80 -9.96 -0.11
CA LYS A 10 3.95 -11.15 -0.18
C LYS A 10 2.63 -10.92 0.55
N TRP A 11 2.24 -9.66 0.68
CA TRP A 11 1.00 -9.30 1.35
C TRP A 11 -0.20 -9.65 0.48
N SER A 12 -1.12 -10.44 1.04
CA SER A 12 -2.32 -10.86 0.32
C SER A 12 -3.11 -9.64 -0.16
N PRO A 13 -3.98 -9.87 -1.16
CA PRO A 13 -4.81 -8.81 -1.73
C PRO A 13 -5.88 -8.31 -0.77
N SER A 14 -6.20 -9.15 0.22
CA SER A 14 -7.21 -8.81 1.22
C SER A 14 -6.58 -8.18 2.45
N GLN A 15 -5.31 -8.51 2.69
CA GLN A 15 -4.59 -7.98 3.83
C GLN A 15 -4.38 -6.48 3.71
N VAL A 16 -4.00 -6.04 2.51
CA VAL A 16 -3.76 -4.63 2.25
C VAL A 16 -4.96 -3.78 2.67
N VAL A 17 -6.15 -4.38 2.58
CA VAL A 17 -7.37 -3.68 2.95
C VAL A 17 -7.38 -3.33 4.44
N ASP A 18 -6.96 -4.28 5.26
CA ASP A 18 -6.91 -4.07 6.70
C ASP A 18 -5.98 -2.91 7.05
N TRP A 19 -4.96 -2.71 6.22
CA TRP A 19 -3.99 -1.64 6.45
C TRP A 19 -4.64 -0.28 6.23
N MET A 20 -5.44 -0.16 5.18
CA MET A 20 -6.11 1.10 4.87
C MET A 20 -7.08 1.49 5.99
N LYS A 21 -7.52 0.49 6.76
CA LYS A 21 -8.45 0.73 7.85
C LYS A 21 -7.77 1.51 8.97
N GLY A 22 -6.45 1.62 8.90
CA GLY A 22 -5.70 2.35 9.91
C GLY A 22 -5.01 3.58 9.35
N LEU A 23 -5.48 4.05 8.20
CA LEU A 23 -4.90 5.23 7.56
C LEU A 23 -5.87 6.41 7.62
N ASP A 24 -5.53 7.47 6.88
CA ASP A 24 -6.36 8.67 6.85
C ASP A 24 -7.81 8.30 6.51
N ASP A 25 -8.75 9.09 7.04
CA ASP A 25 -10.17 8.85 6.79
C ASP A 25 -10.51 9.06 5.32
N CYS A 26 -9.72 9.88 4.64
CA CYS A 26 -9.94 10.17 3.23
C CYS A 26 -9.61 8.95 2.38
N LEU A 27 -8.78 8.07 2.91
CA LEU A 27 -8.38 6.86 2.19
C LEU A 27 -9.27 5.68 2.59
N GLN A 28 -10.46 5.98 3.10
CA GLN A 28 -11.39 4.94 3.51
C GLN A 28 -12.34 4.58 2.37
N GLN A 29 -12.93 5.60 1.75
CA GLN A 29 -13.86 5.38 0.64
C GLN A 29 -13.19 4.57 -0.47
N TYR A 30 -11.87 4.66 -0.55
CA TYR A 30 -11.12 3.93 -1.57
C TYR A 30 -11.00 2.45 -1.21
N ILE A 31 -11.09 2.15 0.08
CA ILE A 31 -10.99 0.77 0.55
C ILE A 31 -11.96 -0.12 -0.20
N LYS A 32 -13.20 0.34 -0.36
CA LYS A 32 -14.22 -0.42 -1.06
C LYS A 32 -13.74 -0.84 -2.45
N ASN A 33 -12.84 -0.05 -3.02
CA ASN A 33 -12.29 -0.34 -4.34
C ASN A 33 -11.17 -1.38 -4.25
N PHE A 34 -10.39 -1.29 -3.19
CA PHE A 34 -9.28 -2.21 -2.98
C PHE A 34 -9.79 -3.62 -2.65
N GLU A 35 -10.96 -3.68 -2.03
CA GLU A 35 -11.56 -4.96 -1.66
C GLU A 35 -12.05 -5.71 -2.89
N ARG A 36 -12.43 -4.96 -3.92
CA ARG A 36 -12.90 -5.57 -5.17
C ARG A 36 -11.77 -5.71 -6.17
N GLU A 37 -10.81 -4.78 -6.11
CA GLU A 37 -9.68 -4.81 -7.02
C GLU A 37 -8.65 -5.85 -6.59
N LYS A 38 -8.70 -6.23 -5.31
CA LYS A 38 -7.78 -7.22 -4.78
C LYS A 38 -6.34 -6.77 -4.92
N ILE A 39 -6.08 -5.53 -4.52
CA ILE A 39 -4.73 -4.97 -4.60
C ILE A 39 -3.76 -5.71 -3.69
N SER A 40 -2.83 -6.44 -4.29
CA SER A 40 -1.85 -7.21 -3.54
C SER A 40 -0.69 -6.32 -3.10
N GLY A 41 0.08 -6.80 -2.13
CA GLY A 41 1.22 -6.04 -1.63
C GLY A 41 2.26 -5.79 -2.70
N ASP A 42 2.53 -6.81 -3.51
CA ASP A 42 3.51 -6.70 -4.58
C ASP A 42 3.21 -5.51 -5.48
N GLN A 43 1.93 -5.15 -5.56
CA GLN A 43 1.51 -4.03 -6.39
C GLN A 43 1.46 -2.74 -5.57
N LEU A 44 1.22 -2.87 -4.27
CA LEU A 44 1.15 -1.71 -3.39
C LEU A 44 2.53 -1.10 -3.19
N LEU A 45 3.52 -1.94 -2.92
CA LEU A 45 4.89 -1.48 -2.71
C LEU A 45 5.37 -0.66 -3.91
N ARG A 46 4.94 -1.04 -5.10
CA ARG A 46 5.33 -0.35 -6.32
C ARG A 46 4.13 0.33 -6.96
N ILE A 47 3.24 0.87 -6.12
CA ILE A 47 2.05 1.55 -6.61
C ILE A 47 2.38 2.94 -7.13
N THR A 48 1.87 3.27 -8.31
CA THR A 48 2.11 4.57 -8.91
C THR A 48 0.80 5.34 -9.10
N HIS A 49 0.93 6.63 -9.42
CA HIS A 49 -0.24 7.47 -9.64
C HIS A 49 -1.20 6.84 -10.63
N GLN A 50 -0.65 6.26 -11.69
CA GLN A 50 -1.46 5.61 -12.72
C GLN A 50 -2.32 4.51 -12.12
N GLU A 51 -1.72 3.69 -11.25
CA GLU A 51 -2.43 2.60 -10.60
C GLU A 51 -3.53 3.13 -9.68
N LEU A 52 -3.16 4.05 -8.81
CA LEU A 52 -4.10 4.65 -7.88
C LEU A 52 -5.33 5.19 -8.60
N GLU A 53 -5.09 5.89 -9.70
CA GLU A 53 -6.17 6.46 -10.49
C GLU A 53 -7.18 5.39 -10.90
N ASP A 54 -6.68 4.19 -11.18
CA ASP A 54 -7.52 3.08 -11.57
C ASP A 54 -8.47 2.68 -10.44
N LEU A 55 -7.93 2.58 -9.24
CA LEU A 55 -8.72 2.21 -8.07
C LEU A 55 -9.88 3.17 -7.87
N GLY A 56 -9.68 4.43 -8.27
CA GLY A 56 -10.72 5.43 -8.13
C GLY A 56 -10.19 6.74 -7.60
N VAL A 57 -9.02 6.70 -6.98
CA VAL A 57 -8.39 7.90 -6.43
C VAL A 57 -8.09 8.91 -7.52
N SER A 58 -8.95 9.92 -7.66
CA SER A 58 -8.76 10.94 -8.68
C SER A 58 -8.01 12.14 -8.11
N ARG A 59 -8.26 12.43 -6.83
CA ARG A 59 -7.60 13.55 -6.16
C ARG A 59 -6.09 13.33 -6.10
N ILE A 60 -5.37 14.39 -5.72
CA ILE A 60 -3.92 14.30 -5.61
C ILE A 60 -3.48 14.18 -4.16
N GLY A 61 -4.02 15.04 -3.30
CA GLY A 61 -3.68 14.99 -1.88
C GLY A 61 -3.85 13.61 -1.29
N HIS A 62 -4.78 12.84 -1.83
CA HIS A 62 -5.04 11.49 -1.35
C HIS A 62 -4.00 10.52 -1.87
N GLN A 63 -3.72 10.59 -3.17
CA GLN A 63 -2.75 9.70 -3.80
C GLN A 63 -1.41 9.75 -3.04
N GLU A 64 -1.01 10.95 -2.63
CA GLU A 64 0.24 11.12 -1.91
C GLU A 64 0.08 10.69 -0.45
N LEU A 65 -1.13 10.80 0.07
CA LEU A 65 -1.41 10.42 1.45
C LEU A 65 -1.12 8.94 1.68
N ILE A 66 -1.60 8.11 0.77
CA ILE A 66 -1.38 6.67 0.87
C ILE A 66 0.08 6.32 0.69
N LEU A 67 0.73 6.92 -0.30
CA LEU A 67 2.13 6.68 -0.57
C LEU A 67 3.00 7.11 0.61
N GLU A 68 2.70 8.26 1.18
CA GLU A 68 3.43 8.77 2.32
C GLU A 68 3.53 7.73 3.43
N ALA A 69 2.51 6.88 3.51
CA ALA A 69 2.48 5.83 4.53
C ALA A 69 3.23 4.59 4.05
N VAL A 70 3.13 4.30 2.75
CA VAL A 70 3.79 3.13 2.18
C VAL A 70 5.30 3.22 2.37
N ASP A 71 5.84 4.43 2.26
CA ASP A 71 7.28 4.64 2.44
C ASP A 71 7.76 4.09 3.78
N LEU A 72 6.84 4.04 4.75
CA LEU A 72 7.18 3.54 6.08
C LEU A 72 7.09 2.02 6.12
N LEU A 73 6.25 1.46 5.26
CA LEU A 73 6.06 0.01 5.20
C LEU A 73 7.32 -0.68 4.67
N CYS A 74 7.89 -0.12 3.60
CA CYS A 74 9.09 -0.67 3.00
C CYS A 74 10.33 -0.29 3.79
N ALA A 75 10.35 0.95 4.28
CA ALA A 75 11.47 1.44 5.07
C ALA A 75 11.67 0.61 6.33
N LEU A 76 10.59 0.37 7.06
CA LEU A 76 10.65 -0.41 8.29
C LEU A 76 11.23 -1.79 8.02
N ASN A 77 10.76 -2.43 6.96
CA ASN A 77 11.24 -3.77 6.60
C ASN A 77 12.72 -3.73 6.25
N SER A 78 13.10 -2.83 5.36
CA SER A 78 14.49 -2.69 4.94
C SER A 78 14.67 -1.47 4.05
N GLY A 79 14.87 -0.31 4.67
CA GLY A 79 15.06 0.92 3.91
C GLY A 79 16.52 1.22 3.64
N PRO A 80 16.78 2.31 2.90
CA PRO A 80 18.14 2.72 2.55
C PRO A 80 18.91 3.24 3.76
N SER A 81 19.92 2.48 4.19
CA SER A 81 20.73 2.87 5.34
C SER A 81 19.85 3.13 6.55
N SER A 82 19.12 2.11 6.99
CA SER A 82 18.23 2.23 8.14
C SER A 82 19.04 2.50 9.41
N GLY A 83 18.34 2.89 10.47
CA GLY A 83 19.01 3.19 11.73
C GLY A 83 18.26 2.60 12.92
#